data_2FIE
#
_entry.id   2FIE
#
_cell.length_a   67.369
_cell.length_b   83.327
_cell.length_c   277.556
_cell.angle_alpha   90.00
_cell.angle_beta   90.00
_cell.angle_gamma   90.00
#
_symmetry.space_group_name_H-M   'P 21 21 21'
#
loop_
_entity.id
_entity.type
_entity.pdbx_description
1 polymer 'Fructose-1,6-bisphosphatase 1'
2 non-polymer 2,5-DICHLORO-N-[5-METHOXY-7-(6-METHOXYPYRIDIN-3-YL)-1,3-BENZOXAZOL-2-YL]BENZENESULFONAMIDE
3 water water
#
_entity_poly.entity_id   1
_entity_poly.type   'polypeptide(L)'
_entity_poly.pdbx_seq_one_letter_code
;MADQAPFDTDVNTLTRFVMEEGRKARGTGELTQLLNSLCTAVKAISSAVRKAGIAHLYGIAGSTNVTGDQVKKLDVLSND
LVMNMLKSSFATCVLVSEEDKHAIIVEPEKRGKYVVCFDPLDGSSNIDCLVSVGTIFGIYRKKSTDEPSEKDALQPGRNL
VAAGYALYGSATMLVLAMDCGVNCFMLDPAIGEFILVDKDVKIKKKGKIYSLNEGYAKDFDPAVTEYIQRKKFPPDNSAP
YGARYVGSMVADVHRTLVYGGIFLYPANKKSPNGKLRLLYECNPMAYVMEKAGGMATTGKEAVLDVIPTDIHQRAPVILG
SPDDVLEFLKVYEKHSAQ
;
_entity_poly.pdbx_strand_id   A,D,H,L
#
loop_
_chem_comp.id
_chem_comp.type
_chem_comp.name
_chem_comp.formula
A74 non-polymer 2,5-DICHLORO-N-[5-METHOXY-7-(6-METHOXYPYRIDIN-3-YL)-1,3-BENZOXAZOL-2-YL]BENZENESULFONAMIDE 'C20 H15 Cl2 N3 O5 S'
#
# COMPACT_ATOMS: atom_id res chain seq x y z
N ASP A 10 -18.78 -13.61 -12.74
CA ASP A 10 -18.38 -12.17 -12.70
C ASP A 10 -17.59 -11.82 -11.44
N VAL A 11 -17.33 -10.53 -11.27
CA VAL A 11 -16.60 -10.03 -10.11
C VAL A 11 -17.44 -8.97 -9.44
N ASN A 12 -17.43 -8.98 -8.11
CA ASN A 12 -18.22 -8.03 -7.37
C ASN A 12 -17.55 -7.41 -6.15
N THR A 13 -17.89 -6.17 -5.87
CA THR A 13 -17.34 -5.47 -4.73
C THR A 13 -18.41 -5.26 -3.68
N LEU A 14 -17.98 -4.94 -2.47
CA LEU A 14 -18.88 -4.68 -1.38
C LEU A 14 -19.79 -3.52 -1.75
N THR A 15 -19.21 -2.47 -2.32
CA THR A 15 -20.00 -1.31 -2.69
C THR A 15 -21.00 -1.65 -3.80
N ARG A 16 -20.57 -2.48 -4.76
CA ARG A 16 -21.47 -2.89 -5.85
C ARG A 16 -22.60 -3.74 -5.30
N PHE A 17 -22.24 -4.71 -4.44
CA PHE A 17 -23.22 -5.60 -3.81
C PHE A 17 -24.30 -4.74 -3.16
N VAL A 18 -23.90 -3.97 -2.16
CA VAL A 18 -24.82 -3.09 -1.44
C VAL A 18 -25.67 -2.21 -2.35
N MET A 19 -25.05 -1.59 -3.36
CA MET A 19 -25.82 -0.74 -4.26
C MET A 19 -26.87 -1.55 -5.00
N GLU A 20 -26.56 -2.81 -5.32
CA GLU A 20 -27.52 -3.66 -6.02
C GLU A 20 -28.63 -4.09 -5.07
N GLU A 21 -28.31 -4.25 -3.79
CA GLU A 21 -29.34 -4.64 -2.84
C GLU A 21 -30.26 -3.45 -2.64
N GLY A 22 -29.66 -2.27 -2.50
CA GLY A 22 -30.45 -1.07 -2.30
C GLY A 22 -31.33 -0.71 -3.48
N ARG A 23 -30.84 -0.93 -4.70
CA ARG A 23 -31.66 -0.62 -5.86
C ARG A 23 -32.83 -1.59 -5.93
N LYS A 24 -32.56 -2.87 -5.73
CA LYS A 24 -33.61 -3.88 -5.78
C LYS A 24 -34.76 -3.42 -4.90
N ALA A 25 -34.51 -3.41 -3.59
CA ALA A 25 -35.49 -3.05 -2.57
C ALA A 25 -36.15 -1.68 -2.74
N ARG A 26 -35.43 -0.73 -3.33
CA ARG A 26 -35.96 0.62 -3.54
C ARG A 26 -36.23 1.40 -2.25
N GLY A 27 -35.28 1.40 -1.32
CA GLY A 27 -35.46 2.12 -0.06
C GLY A 27 -35.13 3.61 -0.18
N THR A 28 -34.86 4.27 0.94
CA THR A 28 -34.56 5.70 0.90
C THR A 28 -33.10 5.98 0.56
N GLY A 29 -32.27 4.93 0.54
CA GLY A 29 -30.87 5.10 0.23
C GLY A 29 -29.99 5.23 1.45
N GLU A 30 -30.56 5.65 2.57
CA GLU A 30 -29.80 5.81 3.81
C GLU A 30 -28.94 4.61 4.17
N LEU A 31 -29.57 3.43 4.20
CA LEU A 31 -28.85 2.20 4.56
C LEU A 31 -27.64 1.95 3.68
N THR A 32 -27.76 2.36 2.43
CA THR A 32 -26.69 2.19 1.47
C THR A 32 -25.49 3.07 1.83
N GLN A 33 -25.76 4.29 2.29
CA GLN A 33 -24.69 5.22 2.68
C GLN A 33 -24.17 4.80 4.04
N LEU A 34 -25.07 4.27 4.85
CA LEU A 34 -24.70 3.82 6.16
C LEU A 34 -23.62 2.78 5.95
N LEU A 35 -23.93 1.79 5.12
CA LEU A 35 -22.99 0.70 4.85
C LEU A 35 -21.64 1.13 4.26
N ASN A 36 -21.67 1.99 3.25
CA ASN A 36 -20.44 2.46 2.63
C ASN A 36 -19.62 3.34 3.56
N SER A 37 -20.30 4.07 4.45
CA SER A 37 -19.61 4.93 5.41
C SER A 37 -18.85 4.04 6.38
N LEU A 38 -19.50 2.96 6.79
CA LEU A 38 -18.93 1.98 7.71
C LEU A 38 -17.77 1.30 7.01
N CYS A 39 -17.98 0.95 5.75
CA CYS A 39 -16.95 0.30 4.95
C CYS A 39 -15.70 1.14 4.97
N THR A 40 -15.85 2.43 4.68
CA THR A 40 -14.72 3.34 4.65
C THR A 40 -14.00 3.37 5.99
N ALA A 41 -14.77 3.36 7.08
CA ALA A 41 -14.13 3.38 8.39
C ALA A 41 -13.26 2.14 8.57
N VAL A 42 -13.81 0.96 8.25
CA VAL A 42 -13.08 -0.29 8.39
C VAL A 42 -11.77 -0.27 7.60
N LYS A 43 -11.79 0.29 6.39
CA LYS A 43 -10.58 0.35 5.59
C LYS A 43 -9.52 1.22 6.27
N ALA A 44 -9.97 2.31 6.90
CA ALA A 44 -9.09 3.22 7.60
C ALA A 44 -8.52 2.54 8.83
N ILE A 45 -9.40 1.93 9.60
CA ILE A 45 -8.97 1.22 10.80
C ILE A 45 -7.93 0.19 10.40
N SER A 46 -8.29 -0.64 9.43
CA SER A 46 -7.40 -1.68 8.94
C SER A 46 -6.01 -1.11 8.64
N SER A 47 -5.99 0.10 8.08
CA SER A 47 -4.73 0.74 7.73
C SER A 47 -3.92 1.04 8.97
N ALA A 48 -4.58 1.61 9.98
CA ALA A 48 -3.90 1.93 11.21
C ALA A 48 -3.48 0.67 11.97
N VAL A 49 -4.33 -0.36 11.94
CA VAL A 49 -3.99 -1.61 12.62
C VAL A 49 -2.77 -2.30 12.02
N ARG A 50 -2.62 -2.25 10.70
CA ARG A 50 -1.45 -2.87 10.11
C ARG A 50 -0.26 -1.93 10.23
N LYS A 51 -0.39 -0.96 11.14
CA LYS A 51 0.66 0.02 11.42
C LYS A 51 1.07 0.88 10.22
N ALA A 52 0.07 1.54 9.64
CA ALA A 52 0.26 2.41 8.49
C ALA A 52 1.55 3.22 8.50
N GLY A 53 1.58 4.31 9.26
CA GLY A 53 2.78 5.13 9.30
C GLY A 53 3.52 5.19 10.63
N ILE A 54 3.66 4.03 11.28
CA ILE A 54 4.35 3.94 12.56
C ILE A 54 5.75 4.54 12.53
N ALA A 55 6.38 4.46 11.37
CA ALA A 55 7.73 4.97 11.18
C ALA A 55 7.84 6.41 11.66
N HIS A 56 6.82 7.20 11.33
CA HIS A 56 6.80 8.61 11.71
C HIS A 56 6.81 8.84 13.21
N LEU A 57 6.00 8.10 13.95
CA LEU A 57 5.97 8.26 15.41
C LEU A 57 7.21 7.72 16.09
N TYR A 58 8.16 7.22 15.32
CA TYR A 58 9.40 6.75 15.91
C TYR A 58 10.52 7.68 15.48
N GLY A 59 10.13 8.87 15.02
CA GLY A 59 11.09 9.88 14.60
C GLY A 59 11.77 9.81 13.25
N ILE A 60 11.18 9.14 12.26
CA ILE A 60 11.80 9.06 10.95
C ILE A 60 11.75 10.46 10.35
N ALA A 61 10.93 11.31 10.95
CA ALA A 61 10.76 12.67 10.49
C ALA A 61 11.48 13.63 11.42
N GLY A 62 11.75 13.20 12.64
CA GLY A 62 12.46 14.04 13.58
C GLY A 62 11.80 14.32 14.92
N SER A 63 10.57 13.88 15.11
CA SER A 63 9.90 14.12 16.40
C SER A 63 8.84 13.08 16.73
N LYS A 73 -4.22 3.99 22.09
CA LYS A 73 -4.75 5.05 21.25
C LYS A 73 -5.43 4.49 20.01
N LEU A 74 -5.08 3.27 19.65
CA LEU A 74 -5.65 2.63 18.47
C LEU A 74 -7.13 2.34 18.70
N ASP A 75 -7.49 2.16 19.98
CA ASP A 75 -8.87 1.90 20.36
C ASP A 75 -9.65 3.16 20.01
N VAL A 76 -9.24 4.26 20.65
CA VAL A 76 -9.84 5.58 20.49
C VAL A 76 -10.03 6.00 19.03
N LEU A 77 -8.97 5.89 18.24
CA LEU A 77 -9.02 6.25 16.83
C LEU A 77 -10.12 5.49 16.10
N SER A 78 -10.10 4.16 16.24
CA SER A 78 -11.08 3.29 15.61
C SER A 78 -12.46 3.79 15.96
N ASN A 79 -12.60 4.31 17.17
CA ASN A 79 -13.89 4.80 17.61
C ASN A 79 -14.21 6.12 16.95
N ASP A 80 -13.18 6.92 16.71
CA ASP A 80 -13.39 8.21 16.09
C ASP A 80 -13.71 8.08 14.61
N LEU A 81 -13.17 7.06 13.96
CA LEU A 81 -13.42 6.85 12.54
C LEU A 81 -14.86 6.41 12.33
N VAL A 82 -15.28 5.38 13.06
CA VAL A 82 -16.65 4.86 12.94
C VAL A 82 -17.65 5.95 13.28
N MET A 83 -17.43 6.53 14.45
CA MET A 83 -18.24 7.59 15.01
C MET A 83 -18.46 8.74 14.05
N ASN A 84 -17.37 9.22 13.45
CA ASN A 84 -17.45 10.33 12.51
C ASN A 84 -18.05 9.92 11.16
N MET A 85 -17.63 8.77 10.64
CA MET A 85 -18.15 8.32 9.38
C MET A 85 -19.63 8.04 9.46
N LEU A 86 -20.09 7.50 10.59
CA LEU A 86 -21.51 7.23 10.76
C LEU A 86 -22.26 8.55 10.82
N LYS A 87 -21.76 9.49 11.64
CA LYS A 87 -22.39 10.80 11.78
C LYS A 87 -22.43 11.50 10.41
N SER A 88 -21.29 11.49 9.72
CA SER A 88 -21.16 12.14 8.42
C SER A 88 -22.01 11.51 7.32
N SER A 89 -22.62 10.36 7.63
CA SER A 89 -23.44 9.64 6.66
C SER A 89 -24.83 10.24 6.44
N PHE A 90 -25.41 10.81 7.48
CA PHE A 90 -26.76 11.38 7.43
C PHE A 90 -27.79 10.25 7.43
N ALA A 91 -27.48 9.16 8.12
CA ALA A 91 -28.37 7.99 8.21
C ALA A 91 -28.57 7.46 9.64
N THR A 92 -27.90 8.06 10.61
CA THR A 92 -28.03 7.60 12.00
C THR A 92 -28.71 8.62 12.91
N CYS A 93 -29.17 8.16 14.06
CA CYS A 93 -29.81 9.02 15.04
C CYS A 93 -29.35 8.67 16.46
N VAL A 94 -28.98 7.42 16.64
CA VAL A 94 -28.48 6.96 17.93
C VAL A 94 -27.31 6.01 17.67
N LEU A 95 -26.20 6.26 18.35
CA LEU A 95 -25.01 5.45 18.20
C LEU A 95 -24.50 4.91 19.54
N VAL A 96 -24.40 3.59 19.67
CA VAL A 96 -23.91 2.99 20.92
C VAL A 96 -22.53 2.40 20.70
N SER A 97 -21.59 2.71 21.59
CA SER A 97 -20.25 2.19 21.45
C SER A 97 -19.68 1.65 22.75
N GLU A 98 -18.82 0.65 22.65
CA GLU A 98 -18.20 0.11 23.84
C GLU A 98 -17.33 1.21 24.44
N GLU A 99 -16.80 2.08 23.58
CA GLU A 99 -15.91 3.15 24.02
C GLU A 99 -16.58 4.33 24.69
N ASP A 100 -17.90 4.41 24.58
CA ASP A 100 -18.63 5.53 25.18
C ASP A 100 -19.57 5.05 26.28
N LYS A 101 -19.63 5.78 27.38
CA LYS A 101 -20.49 5.37 28.48
C LYS A 101 -21.96 5.54 28.14
N HIS A 102 -22.30 6.66 27.53
CA HIS A 102 -23.67 6.95 27.15
C HIS A 102 -23.77 6.81 25.67
N ALA A 103 -24.98 6.79 25.16
CA ALA A 103 -25.13 6.67 23.73
C ALA A 103 -25.02 8.06 23.15
N ILE A 104 -24.41 8.17 21.96
CA ILE A 104 -24.27 9.46 21.29
C ILE A 104 -25.53 9.74 20.46
N ILE A 105 -26.13 10.91 20.68
CA ILE A 105 -27.34 11.30 19.97
C ILE A 105 -26.97 12.27 18.85
N VAL A 106 -27.00 11.79 17.62
CA VAL A 106 -26.64 12.61 16.46
C VAL A 106 -27.35 13.95 16.37
N GLU A 107 -26.59 14.96 15.94
CA GLU A 107 -27.11 16.31 15.78
C GLU A 107 -28.39 16.23 14.99
N PRO A 108 -29.19 17.30 15.02
CA PRO A 108 -30.43 17.24 14.25
C PRO A 108 -30.21 17.47 12.76
N GLU A 109 -29.03 17.98 12.38
CA GLU A 109 -28.74 18.25 10.98
C GLU A 109 -28.25 17.00 10.26
N LYS A 110 -27.60 16.10 10.98
CA LYS A 110 -27.08 14.90 10.37
C LYS A 110 -27.84 13.64 10.78
N ARG A 111 -29.07 13.83 11.24
CA ARG A 111 -29.88 12.70 11.68
C ARG A 111 -30.45 11.81 10.58
N GLY A 112 -30.32 10.50 10.77
CA GLY A 112 -30.84 9.52 9.84
C GLY A 112 -31.79 8.66 10.65
N LYS A 113 -32.40 7.66 10.02
CA LYS A 113 -33.36 6.82 10.75
C LYS A 113 -32.79 5.51 11.27
N TYR A 114 -31.47 5.43 11.43
CA TYR A 114 -30.87 4.18 11.88
C TYR A 114 -30.03 4.24 13.14
N VAL A 115 -30.07 3.16 13.92
CA VAL A 115 -29.31 3.08 15.14
C VAL A 115 -28.20 2.05 14.96
N VAL A 116 -26.96 2.45 15.24
CA VAL A 116 -25.83 1.54 15.09
C VAL A 116 -25.01 1.33 16.35
N CYS A 117 -24.91 0.07 16.77
CA CYS A 117 -24.13 -0.27 17.92
C CYS A 117 -22.88 -0.88 17.32
N PHE A 118 -21.77 -0.81 18.03
CA PHE A 118 -20.53 -1.34 17.48
C PHE A 118 -19.39 -1.31 18.48
N ASP A 119 -18.40 -2.16 18.25
CA ASP A 119 -17.20 -2.22 19.07
C ASP A 119 -16.13 -1.80 18.09
N PRO A 120 -15.66 -0.55 18.16
CA PRO A 120 -14.63 -0.04 17.26
C PRO A 120 -13.43 -0.93 17.00
N LEU A 121 -12.99 -1.67 18.02
CA LEU A 121 -11.83 -2.53 17.85
C LEU A 121 -11.76 -3.59 18.94
N ASP A 122 -12.64 -4.57 18.88
CA ASP A 122 -12.66 -5.62 19.90
C ASP A 122 -11.35 -6.39 20.00
N GLY A 123 -10.87 -6.55 21.24
CA GLY A 123 -9.63 -7.28 21.48
C GLY A 123 -8.41 -6.40 21.53
N SER A 124 -8.64 -5.09 21.59
CA SER A 124 -7.56 -4.12 21.64
C SER A 124 -6.68 -4.27 22.86
N SER A 125 -7.28 -4.63 23.99
CA SER A 125 -6.50 -4.80 25.22
C SER A 125 -5.31 -5.72 24.99
N ASN A 126 -5.44 -6.65 24.05
CA ASN A 126 -4.38 -7.61 23.74
C ASN A 126 -3.63 -7.33 22.43
N ILE A 127 -3.85 -6.18 21.81
CA ILE A 127 -3.18 -5.88 20.55
C ILE A 127 -1.67 -5.78 20.69
N ASP A 128 -1.17 -6.01 21.91
CA ASP A 128 0.27 -5.96 22.18
C ASP A 128 1.00 -7.16 21.58
N CYS A 129 0.38 -8.32 21.68
CA CYS A 129 0.97 -9.54 21.15
C CYS A 129 0.66 -9.68 19.66
N LEU A 130 0.03 -8.65 19.11
CA LEU A 130 -0.33 -8.63 17.70
C LEU A 130 -1.47 -9.59 17.41
N VAL A 131 -2.27 -9.89 18.41
CA VAL A 131 -3.39 -10.80 18.23
C VAL A 131 -4.41 -10.21 17.25
N SER A 132 -5.20 -11.08 16.65
CA SER A 132 -6.23 -10.66 15.71
C SER A 132 -7.19 -9.78 16.47
N VAL A 133 -7.74 -8.78 15.79
CA VAL A 133 -8.70 -7.85 16.38
C VAL A 133 -9.77 -7.61 15.32
N GLY A 134 -10.86 -6.96 15.70
CA GLY A 134 -11.90 -6.72 14.73
C GLY A 134 -12.98 -5.76 15.14
N THR A 135 -13.77 -5.34 14.17
CA THR A 135 -14.87 -4.42 14.41
C THR A 135 -16.15 -5.18 14.28
N ILE A 136 -17.05 -4.98 15.22
CA ILE A 136 -18.33 -5.66 15.14
C ILE A 136 -19.35 -4.54 15.04
N PHE A 137 -20.44 -4.76 14.33
CA PHE A 137 -21.45 -3.73 14.19
C PHE A 137 -22.83 -4.32 13.97
N GLY A 138 -23.85 -3.62 14.46
CA GLY A 138 -25.22 -4.05 14.33
C GLY A 138 -26.07 -2.82 14.03
N ILE A 139 -27.00 -2.96 13.09
CA ILE A 139 -27.83 -1.85 12.69
C ILE A 139 -29.31 -2.08 12.93
N TYR A 140 -29.90 -1.33 13.86
CA TYR A 140 -31.34 -1.45 14.16
C TYR A 140 -32.04 -0.24 13.56
N ARG A 141 -33.26 -0.42 13.08
CA ARG A 141 -33.99 0.72 12.56
C ARG A 141 -34.71 1.33 13.75
N LYS A 142 -34.83 2.65 13.79
CA LYS A 142 -35.52 3.31 14.90
C LYS A 142 -37.03 3.17 14.71
N LYS A 143 -37.68 2.56 15.71
CA LYS A 143 -39.12 2.30 15.70
C LYS A 143 -40.02 3.49 15.99
N SER A 144 -39.79 4.13 17.13
CA SER A 144 -40.60 5.25 17.58
C SER A 144 -40.43 6.57 16.84
N THR A 145 -41.27 7.53 17.21
CA THR A 145 -41.28 8.88 16.66
C THR A 145 -40.80 9.85 17.73
N ASP A 146 -40.23 9.30 18.80
CA ASP A 146 -39.72 10.10 19.91
C ASP A 146 -38.35 10.64 19.60
N GLU A 147 -37.98 11.69 20.32
CA GLU A 147 -36.66 12.28 20.18
C GLU A 147 -35.70 11.10 20.35
N PRO A 148 -34.70 10.97 19.48
CA PRO A 148 -33.76 9.85 19.64
C PRO A 148 -33.06 9.91 20.99
N SER A 149 -32.94 8.75 21.64
CA SER A 149 -32.30 8.66 22.97
C SER A 149 -31.66 7.30 23.14
N GLU A 150 -31.02 7.07 24.28
CA GLU A 150 -30.40 5.77 24.53
C GLU A 150 -31.44 4.68 24.38
N LYS A 151 -32.68 4.99 24.77
CA LYS A 151 -33.80 4.06 24.70
C LYS A 151 -33.94 3.31 23.37
N ASP A 152 -33.75 4.03 22.27
CA ASP A 152 -33.92 3.43 20.95
C ASP A 152 -32.93 2.32 20.59
N ALA A 153 -31.87 2.17 21.38
CA ALA A 153 -30.90 1.13 21.12
C ALA A 153 -31.24 -0.12 21.94
N LEU A 154 -32.24 -0.02 22.80
CA LEU A 154 -32.64 -1.16 23.59
C LEU A 154 -33.62 -1.99 22.78
N GLN A 155 -33.10 -2.76 21.85
CA GLN A 155 -33.94 -3.63 21.03
C GLN A 155 -33.40 -5.04 21.05
N PRO A 156 -34.28 -6.02 20.79
CA PRO A 156 -33.95 -7.44 20.76
C PRO A 156 -33.20 -7.78 19.46
N GLY A 157 -32.19 -8.64 19.56
CA GLY A 157 -31.43 -9.03 18.38
C GLY A 157 -32.34 -9.30 17.21
N ARG A 158 -33.51 -9.85 17.51
CA ARG A 158 -34.50 -10.18 16.50
C ARG A 158 -34.86 -9.01 15.58
N ASN A 159 -34.61 -7.77 16.01
CA ASN A 159 -34.94 -6.61 15.18
C ASN A 159 -33.81 -6.02 14.33
N LEU A 160 -32.67 -6.69 14.25
CA LEU A 160 -31.57 -6.17 13.46
C LEU A 160 -31.99 -6.03 11.99
N VAL A 161 -31.34 -5.11 11.31
CA VAL A 161 -31.60 -4.84 9.90
C VAL A 161 -30.39 -5.29 9.10
N ALA A 162 -29.22 -5.15 9.71
CA ALA A 162 -27.97 -5.52 9.08
C ALA A 162 -26.96 -5.63 10.18
N ALA A 163 -26.04 -6.57 10.05
CA ALA A 163 -25.02 -6.72 11.08
C ALA A 163 -23.83 -7.38 10.43
N GLY A 164 -22.67 -7.24 11.04
CA GLY A 164 -21.50 -7.87 10.47
C GLY A 164 -20.28 -7.62 11.30
N TYR A 165 -19.11 -7.77 10.68
CA TYR A 165 -17.88 -7.57 11.39
C TYR A 165 -16.67 -7.60 10.48
N ALA A 166 -15.68 -6.79 10.83
CA ALA A 166 -14.44 -6.72 10.07
C ALA A 166 -13.41 -7.45 10.91
N LEU A 167 -12.58 -8.25 10.25
CA LEU A 167 -11.56 -9.02 10.91
C LEU A 167 -10.18 -8.60 10.42
N TYR A 168 -9.36 -8.06 11.31
CA TYR A 168 -8.00 -7.64 10.94
C TYR A 168 -7.00 -8.71 11.34
N GLY A 169 -7.15 -9.89 10.75
CA GLY A 169 -6.26 -11.00 11.02
C GLY A 169 -5.01 -10.97 10.17
N SER A 170 -4.76 -12.08 9.49
CA SER A 170 -3.61 -12.21 8.60
C SER A 170 -3.97 -11.47 7.31
N ALA A 171 -5.26 -11.24 7.15
CA ALA A 171 -5.80 -10.54 6.01
C ALA A 171 -7.02 -9.84 6.54
N THR A 172 -7.45 -8.76 5.91
CA THR A 172 -8.61 -8.08 6.42
C THR A 172 -9.88 -8.42 5.66
N MET A 173 -10.83 -9.06 6.33
CA MET A 173 -12.08 -9.41 5.70
C MET A 173 -13.28 -8.85 6.44
N LEU A 174 -14.31 -8.47 5.70
CA LEU A 174 -15.53 -7.94 6.29
C LEU A 174 -16.68 -8.87 5.97
N VAL A 175 -17.39 -9.28 7.01
CA VAL A 175 -18.53 -10.17 6.83
C VAL A 175 -19.82 -9.40 7.06
N LEU A 176 -20.70 -9.42 6.06
CA LEU A 176 -21.97 -8.71 6.15
C LEU A 176 -23.16 -9.66 6.11
N ALA A 177 -24.03 -9.54 7.10
CA ALA A 177 -25.20 -10.40 7.18
C ALA A 177 -26.47 -9.56 7.16
N MET A 178 -27.37 -9.90 6.24
CA MET A 178 -28.61 -9.16 6.11
C MET A 178 -29.77 -10.12 5.98
N ASP A 179 -30.90 -9.58 5.58
CA ASP A 179 -32.10 -10.37 5.42
C ASP A 179 -31.82 -11.50 4.42
N CYS A 180 -31.25 -11.16 3.27
CA CYS A 180 -30.96 -12.14 2.23
C CYS A 180 -29.93 -13.21 2.59
N GLY A 181 -29.03 -12.92 3.51
CA GLY A 181 -28.04 -13.93 3.89
C GLY A 181 -26.74 -13.36 4.39
N VAL A 182 -25.69 -14.18 4.40
CA VAL A 182 -24.38 -13.73 4.86
C VAL A 182 -23.37 -13.71 3.71
N ASN A 183 -22.49 -12.72 3.68
CA ASN A 183 -21.50 -12.63 2.61
C ASN A 183 -20.14 -12.14 3.11
N CYS A 184 -19.08 -12.79 2.63
CA CYS A 184 -17.73 -12.42 3.05
C CYS A 184 -16.95 -11.61 2.01
N PHE A 185 -16.37 -10.49 2.44
CA PHE A 185 -15.62 -9.66 1.51
C PHE A 185 -14.16 -9.57 1.94
N MET A 186 -13.28 -9.80 0.98
CA MET A 186 -11.84 -9.78 1.20
C MET A 186 -11.31 -8.41 0.80
N LEU A 187 -10.57 -7.77 1.70
CA LEU A 187 -10.03 -6.46 1.39
C LEU A 187 -8.74 -6.58 0.61
N ASP A 188 -8.77 -6.11 -0.64
CA ASP A 188 -7.59 -6.11 -1.49
C ASP A 188 -6.87 -4.78 -1.22
N PRO A 189 -5.93 -4.79 -0.27
CA PRO A 189 -5.16 -3.60 0.10
C PRO A 189 -4.49 -2.83 -1.04
N ALA A 190 -4.36 -3.46 -2.21
CA ALA A 190 -3.73 -2.80 -3.35
C ALA A 190 -4.63 -1.80 -4.09
N ILE A 191 -5.90 -2.12 -4.28
CA ILE A 191 -6.79 -1.21 -4.98
C ILE A 191 -7.78 -0.56 -4.03
N GLY A 192 -7.67 -0.89 -2.75
CA GLY A 192 -8.55 -0.33 -1.75
C GLY A 192 -10.03 -0.65 -1.93
N GLU A 193 -10.35 -1.89 -2.28
CA GLU A 193 -11.74 -2.28 -2.48
C GLU A 193 -11.96 -3.65 -1.82
N PHE A 194 -13.20 -3.93 -1.43
CA PHE A 194 -13.57 -5.21 -0.83
C PHE A 194 -14.10 -6.10 -1.95
N ILE A 195 -13.43 -7.23 -2.18
CA ILE A 195 -13.87 -8.14 -3.23
C ILE A 195 -14.67 -9.29 -2.65
N LEU A 196 -15.90 -9.45 -3.13
CA LEU A 196 -16.78 -10.52 -2.65
C LEU A 196 -16.13 -11.86 -2.98
N VAL A 197 -15.84 -12.65 -1.94
CA VAL A 197 -15.19 -13.94 -2.13
C VAL A 197 -15.97 -15.14 -1.59
N ASP A 198 -17.18 -14.90 -1.07
CA ASP A 198 -18.03 -15.98 -0.52
C ASP A 198 -19.50 -15.59 -0.47
N LYS A 199 -20.27 -16.04 -1.45
CA LYS A 199 -21.69 -15.76 -1.54
C LYS A 199 -22.55 -16.64 -0.65
N ASP A 200 -23.61 -16.04 -0.12
CA ASP A 200 -24.57 -16.73 0.74
C ASP A 200 -23.94 -17.84 1.57
N VAL A 201 -23.13 -17.44 2.53
CA VAL A 201 -22.44 -18.36 3.41
C VAL A 201 -23.45 -19.12 4.27
N LYS A 202 -23.07 -20.33 4.65
CA LYS A 202 -23.85 -21.23 5.50
C LYS A 202 -22.80 -22.01 6.30
N ILE A 203 -23.04 -22.23 7.58
CA ILE A 203 -22.04 -22.93 8.40
C ILE A 203 -22.29 -24.43 8.48
N LYS A 204 -21.23 -25.19 8.72
CA LYS A 204 -21.30 -26.64 8.82
C LYS A 204 -22.35 -27.09 9.82
N LYS A 205 -23.08 -28.15 9.48
CA LYS A 205 -24.11 -28.65 10.37
C LYS A 205 -23.47 -29.04 11.69
N LYS A 206 -22.20 -29.44 11.62
CA LYS A 206 -21.43 -29.85 12.79
C LYS A 206 -19.95 -29.71 12.50
N GLY A 207 -19.18 -29.27 13.51
CA GLY A 207 -17.74 -29.11 13.35
C GLY A 207 -16.95 -30.02 14.28
N LYS A 208 -15.66 -29.74 14.46
CA LYS A 208 -14.82 -30.55 15.32
C LYS A 208 -13.94 -29.69 16.23
N ILE A 209 -14.33 -28.44 16.43
CA ILE A 209 -13.55 -27.57 17.29
C ILE A 209 -14.45 -26.87 18.30
N TYR A 210 -14.05 -26.92 19.57
CA TYR A 210 -14.81 -26.24 20.62
C TYR A 210 -13.91 -25.12 21.10
N SER A 211 -14.48 -23.95 21.28
CA SER A 211 -13.70 -22.81 21.68
C SER A 211 -14.20 -22.14 22.95
N LEU A 212 -13.35 -22.13 23.99
CA LEU A 212 -13.67 -21.49 25.27
C LEU A 212 -12.43 -21.41 26.15
N ASN A 213 -12.42 -20.42 27.05
CA ASN A 213 -11.31 -20.23 27.97
C ASN A 213 -11.42 -21.21 29.14
N GLU A 214 -10.56 -22.23 29.14
CA GLU A 214 -10.56 -23.24 30.20
C GLU A 214 -9.75 -22.86 31.43
N GLY A 215 -9.34 -21.59 31.50
CA GLY A 215 -8.61 -21.17 32.67
C GLY A 215 -9.66 -21.03 33.75
N TYR A 216 -10.91 -20.90 33.33
CA TYR A 216 -12.06 -20.74 34.24
C TYR A 216 -12.71 -22.07 34.62
N ALA A 217 -12.03 -23.19 34.37
CA ALA A 217 -12.60 -24.49 34.71
C ALA A 217 -13.12 -24.47 36.14
N LYS A 218 -12.30 -23.97 37.05
CA LYS A 218 -12.66 -23.88 38.46
C LYS A 218 -14.03 -23.25 38.69
N ASP A 219 -14.42 -22.28 37.88
CA ASP A 219 -15.71 -21.63 38.07
C ASP A 219 -16.86 -22.03 37.14
N PHE A 220 -16.59 -22.89 36.16
CA PHE A 220 -17.65 -23.32 35.26
C PHE A 220 -18.80 -23.96 36.01
N ASP A 221 -20.01 -23.88 35.46
CA ASP A 221 -21.13 -24.54 36.10
C ASP A 221 -21.00 -25.99 35.63
N PRO A 222 -21.65 -26.93 36.31
CA PRO A 222 -21.55 -28.33 35.90
C PRO A 222 -22.02 -28.66 34.47
N ALA A 223 -23.10 -28.03 34.02
CA ALA A 223 -23.61 -28.28 32.67
C ALA A 223 -22.50 -28.09 31.63
N VAL A 224 -21.72 -27.03 31.79
CA VAL A 224 -20.62 -26.70 30.88
C VAL A 224 -19.39 -27.60 31.06
N THR A 225 -19.16 -28.03 32.29
CA THR A 225 -18.03 -28.90 32.58
C THR A 225 -18.20 -30.26 31.91
N GLU A 226 -19.42 -30.78 31.97
CA GLU A 226 -19.72 -32.07 31.37
C GLU A 226 -19.54 -31.98 29.86
N TYR A 227 -20.06 -30.91 29.27
CA TYR A 227 -19.95 -30.74 27.83
C TYR A 227 -18.49 -30.81 27.38
N ILE A 228 -17.64 -30.00 28.00
CA ILE A 228 -16.21 -29.99 27.68
C ILE A 228 -15.63 -31.38 27.83
N GLN A 229 -16.17 -32.13 28.78
CA GLN A 229 -15.71 -33.49 29.03
C GLN A 229 -16.01 -34.37 27.82
N ARG A 230 -17.21 -34.25 27.28
CA ARG A 230 -17.62 -35.04 26.12
C ARG A 230 -16.85 -34.70 24.83
N LYS A 231 -16.10 -33.61 24.84
CA LYS A 231 -15.34 -33.25 23.66
C LYS A 231 -13.96 -33.91 23.74
N LYS A 232 -13.39 -33.97 24.94
CA LYS A 232 -12.09 -34.60 25.12
C LYS A 232 -12.26 -36.11 25.11
N PHE A 233 -13.40 -36.57 25.64
CA PHE A 233 -13.71 -38.01 25.71
C PHE A 233 -15.12 -38.26 25.18
N PRO A 234 -15.33 -38.10 23.86
CA PRO A 234 -16.63 -38.31 23.21
C PRO A 234 -17.34 -39.61 23.61
N PRO A 235 -18.59 -39.50 24.08
CA PRO A 235 -19.48 -40.58 24.54
C PRO A 235 -19.65 -41.75 23.58
N ASP A 236 -19.60 -41.44 22.30
CA ASP A 236 -19.72 -42.45 21.26
C ASP A 236 -18.29 -42.71 20.73
N ASN A 237 -17.35 -42.74 21.67
CA ASN A 237 -15.93 -42.98 21.38
C ASN A 237 -15.47 -42.45 20.03
N SER A 238 -16.09 -41.37 19.55
CA SER A 238 -15.68 -40.80 18.29
C SER A 238 -14.36 -40.08 18.49
N ALA A 239 -13.92 -39.32 17.49
CA ALA A 239 -12.66 -38.61 17.62
C ALA A 239 -12.81 -37.32 18.43
N PRO A 240 -11.87 -37.08 19.37
CA PRO A 240 -11.91 -35.88 20.20
C PRO A 240 -11.95 -34.65 19.32
N TYR A 241 -12.58 -33.61 19.83
CA TYR A 241 -12.69 -32.33 19.14
C TYR A 241 -11.40 -31.57 19.39
N GLY A 242 -11.08 -30.62 18.51
CA GLY A 242 -9.87 -29.83 18.69
C GLY A 242 -10.20 -28.63 19.55
N ALA A 243 -9.19 -28.09 20.24
CA ALA A 243 -9.40 -26.94 21.10
C ALA A 243 -8.71 -25.71 20.52
N ARG A 244 -9.47 -24.65 20.29
CA ARG A 244 -8.88 -23.43 19.74
C ARG A 244 -9.40 -22.20 20.43
N TYR A 245 -8.52 -21.41 21.02
CA TYR A 245 -8.97 -20.19 21.65
C TYR A 245 -7.93 -19.10 21.41
N VAL A 246 -8.33 -18.12 20.62
CA VAL A 246 -7.45 -17.03 20.28
C VAL A 246 -7.51 -15.97 21.34
N GLY A 247 -8.70 -15.77 21.89
CA GLY A 247 -8.84 -14.76 22.92
C GLY A 247 -9.45 -13.48 22.37
N SER A 248 -9.84 -13.53 21.10
CA SER A 248 -10.46 -12.38 20.43
C SER A 248 -11.74 -12.86 19.75
N MET A 249 -12.88 -12.46 20.31
CA MET A 249 -14.17 -12.87 19.79
C MET A 249 -14.25 -12.97 18.27
N VAL A 250 -14.03 -11.85 17.60
CA VAL A 250 -14.10 -11.80 16.14
C VAL A 250 -13.36 -12.93 15.46
N ALA A 251 -12.26 -13.37 16.06
CA ALA A 251 -11.48 -14.43 15.48
C ALA A 251 -12.02 -15.79 15.85
N ASP A 252 -12.33 -16.00 17.13
CA ASP A 252 -12.86 -17.29 17.52
C ASP A 252 -14.22 -17.53 16.86
N VAL A 253 -14.92 -16.45 16.55
CA VAL A 253 -16.24 -16.54 15.91
C VAL A 253 -16.10 -16.70 14.40
N HIS A 254 -15.16 -16.00 13.79
CA HIS A 254 -15.01 -16.13 12.36
C HIS A 254 -14.54 -17.54 12.04
N ARG A 255 -13.71 -18.09 12.91
CA ARG A 255 -13.21 -19.45 12.70
C ARG A 255 -14.43 -20.38 12.73
N THR A 256 -15.23 -20.24 13.78
CA THR A 256 -16.40 -21.06 13.96
C THR A 256 -17.27 -20.98 12.72
N LEU A 257 -17.37 -19.78 12.18
CA LEU A 257 -18.20 -19.58 11.00
C LEU A 257 -17.61 -20.23 9.76
N VAL A 258 -16.28 -20.25 9.68
CA VAL A 258 -15.59 -20.83 8.54
C VAL A 258 -15.31 -22.32 8.65
N TYR A 259 -14.84 -22.77 9.81
CA TYR A 259 -14.53 -24.18 10.02
C TYR A 259 -15.58 -25.00 10.75
N GLY A 260 -16.64 -24.35 11.22
CA GLY A 260 -17.64 -25.09 11.97
C GLY A 260 -17.16 -25.22 13.40
N GLY A 261 -17.93 -25.87 14.27
CA GLY A 261 -17.54 -26.02 15.66
C GLY A 261 -18.45 -25.21 16.58
N ILE A 262 -17.96 -24.91 17.79
CA ILE A 262 -18.76 -24.17 18.75
C ILE A 262 -17.92 -23.25 19.62
N PHE A 263 -18.49 -22.08 19.93
CA PHE A 263 -17.83 -21.07 20.73
C PHE A 263 -18.56 -20.83 22.04
N LEU A 264 -17.83 -20.91 23.14
CA LEU A 264 -18.42 -20.73 24.46
C LEU A 264 -17.79 -19.67 25.32
N TYR A 265 -18.66 -18.89 25.95
CA TYR A 265 -18.28 -17.87 26.90
C TYR A 265 -19.49 -17.80 27.78
N PRO A 266 -19.68 -18.85 28.61
CA PRO A 266 -20.79 -19.01 29.55
C PRO A 266 -20.57 -18.19 30.81
N ALA A 267 -21.61 -18.10 31.64
CA ALA A 267 -21.54 -17.35 32.87
C ALA A 267 -20.65 -18.09 33.86
N ASN A 268 -19.92 -17.32 34.68
CA ASN A 268 -19.04 -17.90 35.68
C ASN A 268 -19.04 -17.10 36.96
N LYS A 269 -17.87 -16.92 37.54
CA LYS A 269 -17.70 -16.16 38.78
C LYS A 269 -17.92 -14.67 38.55
N LYS A 270 -17.61 -14.21 37.35
CA LYS A 270 -17.77 -12.80 37.02
C LYS A 270 -19.21 -12.39 37.24
N SER A 271 -20.14 -13.22 36.75
CA SER A 271 -21.57 -12.97 36.90
C SER A 271 -22.37 -13.86 35.99
N PRO A 272 -23.55 -14.31 36.46
CA PRO A 272 -24.44 -15.17 35.69
C PRO A 272 -24.85 -14.52 34.37
N ASN A 273 -24.26 -13.36 34.10
CA ASN A 273 -24.57 -12.62 32.88
C ASN A 273 -23.50 -12.81 31.82
N GLY A 274 -22.33 -13.30 32.22
CA GLY A 274 -21.28 -13.52 31.24
C GLY A 274 -20.27 -12.40 31.15
N LYS A 275 -19.43 -12.45 30.13
CA LYS A 275 -18.39 -11.43 29.94
C LYS A 275 -18.71 -10.59 28.71
N LEU A 276 -19.12 -11.25 27.64
CA LEU A 276 -19.43 -10.55 26.41
C LEU A 276 -20.67 -9.67 26.55
N ARG A 277 -20.65 -8.54 25.86
CA ARG A 277 -21.71 -7.55 25.86
C ARG A 277 -22.74 -7.94 24.81
N LEU A 278 -24.02 -7.89 25.17
CA LEU A 278 -25.08 -8.27 24.25
C LEU A 278 -25.34 -7.37 23.05
N LEU A 279 -25.36 -6.06 23.27
CA LEU A 279 -25.66 -5.10 22.22
C LEU A 279 -24.75 -5.01 21.00
N TYR A 280 -23.44 -4.94 21.23
CA TYR A 280 -22.49 -4.82 20.15
C TYR A 280 -21.52 -5.98 19.99
N GLU A 281 -21.77 -7.07 20.70
CA GLU A 281 -20.91 -8.24 20.59
C GLU A 281 -21.76 -9.48 20.32
N CYS A 282 -22.67 -9.80 21.24
CA CYS A 282 -23.52 -10.98 21.07
C CYS A 282 -24.49 -10.90 19.89
N ASN A 283 -25.36 -9.91 19.91
CA ASN A 283 -26.36 -9.78 18.85
C ASN A 283 -25.79 -9.89 17.44
N PRO A 284 -24.82 -9.02 17.09
CA PRO A 284 -24.27 -9.12 15.75
C PRO A 284 -23.87 -10.56 15.45
N MET A 285 -22.95 -11.07 16.24
CA MET A 285 -22.47 -12.44 16.08
C MET A 285 -23.66 -13.38 15.98
N ALA A 286 -24.55 -13.29 16.96
CA ALA A 286 -25.71 -14.14 17.00
C ALA A 286 -26.47 -14.10 15.68
N TYR A 287 -26.65 -12.90 15.15
CA TYR A 287 -27.35 -12.66 13.89
C TYR A 287 -26.67 -13.31 12.68
N VAL A 288 -25.34 -13.24 12.62
CA VAL A 288 -24.62 -13.85 11.51
C VAL A 288 -24.77 -15.37 11.56
N MET A 289 -24.59 -15.95 12.75
CA MET A 289 -24.71 -17.39 12.93
C MET A 289 -26.07 -17.87 12.45
N GLU A 290 -27.14 -17.22 12.89
CA GLU A 290 -28.44 -17.65 12.45
C GLU A 290 -28.70 -17.42 10.96
N LYS A 291 -28.21 -16.31 10.40
CA LYS A 291 -28.41 -16.08 8.97
C LYS A 291 -27.49 -16.97 8.15
N ALA A 292 -26.68 -17.76 8.85
CA ALA A 292 -25.76 -18.68 8.20
C ALA A 292 -26.04 -20.13 8.61
N GLY A 293 -27.26 -20.37 9.12
CA GLY A 293 -27.64 -21.71 9.55
C GLY A 293 -27.26 -22.07 10.98
N GLY A 294 -26.34 -21.32 11.57
CA GLY A 294 -25.90 -21.58 12.93
C GLY A 294 -26.87 -21.22 14.04
N MET A 295 -26.40 -21.31 15.28
CA MET A 295 -27.23 -21.01 16.44
C MET A 295 -26.47 -20.24 17.51
N ALA A 296 -27.18 -19.35 18.21
CA ALA A 296 -26.60 -18.53 19.26
C ALA A 296 -27.59 -18.42 20.42
N THR A 297 -27.20 -18.99 21.56
CA THR A 297 -28.05 -19.02 22.74
C THR A 297 -27.31 -18.54 23.99
N THR A 298 -28.09 -18.26 25.04
CA THR A 298 -27.56 -17.84 26.34
C THR A 298 -27.85 -19.00 27.27
N GLY A 299 -28.08 -20.17 26.67
CA GLY A 299 -28.38 -21.35 27.45
C GLY A 299 -29.85 -21.38 27.78
N LYS A 300 -30.40 -20.23 28.18
CA LYS A 300 -31.81 -20.16 28.54
C LYS A 300 -32.71 -19.76 27.40
N GLU A 301 -32.14 -19.15 26.37
CA GLU A 301 -32.94 -18.68 25.24
C GLU A 301 -32.07 -18.13 24.13
N ALA A 302 -32.63 -18.06 22.93
CA ALA A 302 -31.93 -17.54 21.76
C ALA A 302 -31.36 -16.16 22.06
N VAL A 303 -30.06 -15.96 21.80
CA VAL A 303 -29.46 -14.65 22.08
C VAL A 303 -30.28 -13.53 21.46
N LEU A 304 -30.73 -13.72 20.24
CA LEU A 304 -31.52 -12.72 19.54
C LEU A 304 -32.88 -12.42 20.17
N ASP A 305 -33.28 -13.14 21.19
CA ASP A 305 -34.59 -12.89 21.82
C ASP A 305 -34.55 -12.18 23.17
N VAL A 306 -33.35 -11.84 23.63
CA VAL A 306 -33.19 -11.15 24.90
C VAL A 306 -33.51 -9.68 24.76
N ILE A 307 -34.34 -9.17 25.66
CA ILE A 307 -34.69 -7.76 25.63
C ILE A 307 -33.70 -7.05 26.53
N PRO A 308 -32.97 -6.09 25.98
CA PRO A 308 -31.98 -5.35 26.77
C PRO A 308 -32.51 -4.29 27.74
N THR A 309 -31.88 -4.21 28.90
CA THR A 309 -32.22 -3.26 29.94
C THR A 309 -31.24 -2.11 29.87
N ASP A 310 -29.98 -2.43 29.60
CA ASP A 310 -28.90 -1.44 29.50
C ASP A 310 -28.07 -1.66 28.25
N ILE A 311 -27.64 -0.57 27.62
CA ILE A 311 -26.85 -0.68 26.38
C ILE A 311 -25.49 -1.37 26.54
N HIS A 312 -25.02 -1.51 27.77
CA HIS A 312 -23.73 -2.18 28.04
C HIS A 312 -23.95 -3.51 28.76
N GLN A 313 -25.18 -3.99 28.67
CA GLN A 313 -25.64 -5.24 29.26
C GLN A 313 -24.78 -6.41 28.77
N ARG A 314 -24.46 -7.34 29.67
CA ARG A 314 -23.66 -8.51 29.31
C ARG A 314 -24.58 -9.73 29.11
N ALA A 315 -24.09 -10.77 28.47
CA ALA A 315 -24.89 -11.98 28.24
C ALA A 315 -24.01 -13.20 27.98
N PRO A 316 -24.43 -14.37 28.51
CA PRO A 316 -23.67 -15.60 28.33
C PRO A 316 -23.92 -16.04 26.88
N VAL A 317 -22.89 -16.53 26.20
CA VAL A 317 -23.08 -16.95 24.82
C VAL A 317 -22.42 -18.25 24.44
N ILE A 318 -23.15 -19.05 23.67
CA ILE A 318 -22.66 -20.31 23.15
C ILE A 318 -23.18 -20.35 21.73
N LEU A 319 -22.31 -20.19 20.75
CA LEU A 319 -22.77 -20.20 19.38
C LEU A 319 -21.97 -21.09 18.45
N GLY A 320 -22.53 -21.39 17.30
CA GLY A 320 -21.84 -22.23 16.35
C GLY A 320 -22.74 -23.11 15.50
N SER A 321 -22.20 -24.27 15.11
CA SER A 321 -22.93 -25.23 14.30
C SER A 321 -24.14 -25.72 15.07
N PRO A 322 -25.27 -25.91 14.38
CA PRO A 322 -26.50 -26.38 15.02
C PRO A 322 -26.28 -27.59 15.89
N ASP A 323 -25.86 -28.68 15.26
CA ASP A 323 -25.64 -29.91 15.98
C ASP A 323 -24.79 -29.72 17.23
N ASP A 324 -23.79 -28.85 17.15
CA ASP A 324 -22.93 -28.63 18.30
C ASP A 324 -23.64 -27.88 19.42
N VAL A 325 -24.37 -26.83 19.07
CA VAL A 325 -25.10 -26.05 20.06
C VAL A 325 -26.22 -26.87 20.71
N LEU A 326 -26.93 -27.66 19.91
CA LEU A 326 -28.00 -28.50 20.43
C LEU A 326 -27.46 -29.51 21.44
N GLU A 327 -26.27 -30.04 21.20
CA GLU A 327 -25.68 -31.00 22.12
C GLU A 327 -25.48 -30.30 23.46
N PHE A 328 -24.97 -29.08 23.41
CA PHE A 328 -24.76 -28.29 24.61
C PHE A 328 -26.10 -28.10 25.29
N LEU A 329 -27.12 -27.74 24.51
CA LEU A 329 -28.47 -27.53 25.04
C LEU A 329 -29.08 -28.80 25.64
N LYS A 330 -28.70 -29.95 25.12
CA LYS A 330 -29.21 -31.22 25.65
C LYS A 330 -28.58 -31.42 27.03
N VAL A 331 -27.28 -31.21 27.13
CA VAL A 331 -26.58 -31.36 28.41
C VAL A 331 -27.09 -30.32 29.40
N TYR A 332 -27.20 -29.07 28.96
CA TYR A 332 -27.67 -27.97 29.81
C TYR A 332 -28.97 -28.31 30.54
N GLU A 333 -29.92 -28.91 29.83
CA GLU A 333 -31.18 -29.29 30.42
C GLU A 333 -31.01 -30.43 31.41
N LYS A 334 -30.10 -31.36 31.10
CA LYS A 334 -29.86 -32.47 32.01
C LYS A 334 -29.40 -31.92 33.36
N HIS A 335 -29.02 -30.65 33.39
CA HIS A 335 -28.56 -30.04 34.63
C HIS A 335 -29.47 -28.91 35.10
N SER A 336 -30.66 -28.83 34.52
CA SER A 336 -31.63 -27.81 34.92
C SER A 336 -32.80 -28.45 35.64
N ALA A 337 -33.60 -27.70 36.25
N ASP B 10 16.59 8.09 19.01
CA ASP B 10 16.70 8.10 17.52
C ASP B 10 15.86 6.99 16.91
N VAL B 11 15.70 7.02 15.59
CA VAL B 11 14.91 6.01 14.89
C VAL B 11 15.85 4.98 14.26
N ASN B 12 15.39 3.74 14.15
CA ASN B 12 16.24 2.70 13.60
C ASN B 12 15.46 1.64 12.86
N THR B 13 16.08 1.08 11.83
CA THR B 13 15.43 0.06 11.01
C THR B 13 16.25 -1.22 10.99
N LEU B 14 15.61 -2.32 10.62
CA LEU B 14 16.27 -3.60 10.56
C LEU B 14 17.56 -3.52 9.76
N THR B 15 17.51 -2.88 8.60
CA THR B 15 18.69 -2.77 7.77
C THR B 15 19.81 -1.98 8.44
N ARG B 16 19.47 -0.84 9.05
CA ARG B 16 20.48 -0.03 9.72
C ARG B 16 20.96 -0.73 10.98
N PHE B 17 20.07 -1.44 11.66
CA PHE B 17 20.46 -2.14 12.86
C PHE B 17 21.42 -3.29 12.51
N VAL B 18 21.16 -3.95 11.38
CA VAL B 18 22.00 -5.06 10.95
C VAL B 18 23.35 -4.60 10.41
N MET B 19 23.36 -3.47 9.71
CA MET B 19 24.60 -2.97 9.14
C MET B 19 25.60 -2.50 10.19
N GLU B 20 25.09 -1.96 11.30
CA GLU B 20 25.98 -1.49 12.34
C GLU B 20 26.47 -2.67 13.18
N GLU B 21 25.75 -3.79 13.15
CA GLU B 21 26.18 -4.97 13.89
C GLU B 21 27.33 -5.53 13.07
N GLY B 22 27.18 -5.44 11.76
CA GLY B 22 28.23 -5.93 10.86
C GLY B 22 29.49 -5.12 11.05
N ARG B 23 29.34 -3.80 11.11
CA ARG B 23 30.47 -2.88 11.31
C ARG B 23 31.18 -3.16 12.64
N LYS B 24 30.43 -3.53 13.66
CA LYS B 24 31.03 -3.82 14.96
C LYS B 24 31.92 -5.03 14.75
N ALA B 25 31.29 -6.12 14.35
CA ALA B 25 31.96 -7.38 14.13
C ALA B 25 33.00 -7.44 13.03
N ARG B 26 32.98 -6.48 12.10
CA ARG B 26 33.95 -6.47 11.02
C ARG B 26 34.10 -7.83 10.34
N GLY B 27 33.02 -8.34 9.71
CA GLY B 27 33.11 -9.62 9.05
C GLY B 27 33.11 -9.54 7.53
N THR B 28 32.85 -10.66 6.85
CA THR B 28 32.82 -10.68 5.39
C THR B 28 31.65 -9.87 4.83
N GLY B 29 30.55 -9.81 5.57
CA GLY B 29 29.39 -9.07 5.12
C GLY B 29 28.26 -9.99 4.70
N GLU B 30 28.59 -11.27 4.58
CA GLU B 30 27.63 -12.29 4.18
C GLU B 30 26.36 -12.29 5.00
N LEU B 31 26.48 -12.57 6.29
CA LEU B 31 25.30 -12.62 7.17
C LEU B 31 24.43 -11.38 7.04
N THR B 32 25.04 -10.25 6.69
CA THR B 32 24.27 -9.02 6.55
C THR B 32 23.39 -9.11 5.31
N GLN B 33 23.96 -9.57 4.21
CA GLN B 33 23.19 -9.70 2.99
C GLN B 33 22.13 -10.77 3.16
N LEU B 34 22.44 -11.78 3.96
CA LEU B 34 21.55 -12.89 4.22
C LEU B 34 20.33 -12.40 4.97
N LEU B 35 20.56 -11.67 6.06
CA LEU B 35 19.44 -11.17 6.83
C LEU B 35 18.63 -10.30 5.91
N ASN B 36 19.33 -9.39 5.25
CA ASN B 36 18.69 -8.49 4.32
C ASN B 36 17.86 -9.28 3.28
N SER B 37 18.47 -10.29 2.65
CA SER B 37 17.76 -11.10 1.67
C SER B 37 16.53 -11.64 2.36
N LEU B 38 16.75 -12.12 3.58
CA LEU B 38 15.67 -12.66 4.38
C LEU B 38 14.57 -11.61 4.54
N CYS B 39 14.93 -10.46 5.07
CA CYS B 39 14.00 -9.36 5.29
C CYS B 39 13.09 -9.05 4.10
N THR B 40 13.65 -9.08 2.89
CA THR B 40 12.85 -8.81 1.71
C THR B 40 11.76 -9.84 1.54
N ALA B 41 12.15 -11.11 1.64
CA ALA B 41 11.22 -12.22 1.49
C ALA B 41 10.01 -12.06 2.41
N VAL B 42 10.28 -11.70 3.65
CA VAL B 42 9.22 -11.49 4.63
C VAL B 42 8.25 -10.40 4.22
N LYS B 43 8.77 -9.30 3.67
CA LYS B 43 7.88 -8.23 3.23
C LYS B 43 7.01 -8.72 2.07
N ALA B 44 7.59 -9.53 1.17
CA ALA B 44 6.82 -10.05 0.05
C ALA B 44 5.78 -11.08 0.53
N ILE B 45 6.18 -11.97 1.44
CA ILE B 45 5.23 -12.95 1.97
C ILE B 45 4.07 -12.20 2.62
N SER B 46 4.40 -11.26 3.48
CA SER B 46 3.41 -10.44 4.18
C SER B 46 2.45 -9.82 3.15
N SER B 47 3.03 -9.20 2.13
CA SER B 47 2.31 -8.56 1.05
C SER B 47 1.24 -9.50 0.49
N ALA B 48 1.63 -10.74 0.23
CA ALA B 48 0.73 -11.77 -0.31
C ALA B 48 -0.27 -12.24 0.73
N VAL B 49 0.20 -12.51 1.95
CA VAL B 49 -0.67 -12.97 3.03
C VAL B 49 -1.83 -12.01 3.24
N ARG B 50 -1.56 -10.72 3.15
CA ARG B 50 -2.63 -9.73 3.32
C ARG B 50 -3.46 -9.67 2.07
N LYS B 51 -3.21 -10.60 1.15
CA LYS B 51 -3.95 -10.72 -0.11
C LYS B 51 -3.74 -9.62 -1.17
N ALA B 52 -2.51 -9.11 -1.23
CA ALA B 52 -2.09 -8.07 -2.16
C ALA B 52 -3.10 -7.72 -3.25
N GLY B 53 -3.03 -8.41 -4.38
CA GLY B 53 -3.96 -8.12 -5.46
C GLY B 53 -4.99 -9.21 -5.70
N ILE B 54 -5.60 -9.68 -4.62
CA ILE B 54 -6.61 -10.73 -4.74
C ILE B 54 -7.72 -10.40 -5.75
N ALA B 55 -7.98 -9.11 -5.94
CA ALA B 55 -9.00 -8.67 -6.87
C ALA B 55 -8.80 -9.30 -8.23
N HIS B 56 -7.55 -9.30 -8.69
CA HIS B 56 -7.23 -9.86 -10.00
C HIS B 56 -7.56 -11.33 -10.15
N LEU B 57 -7.31 -12.15 -9.13
CA LEU B 57 -7.64 -13.55 -9.31
C LEU B 57 -9.15 -13.77 -9.27
N TYR B 58 -9.92 -12.77 -8.86
CA TYR B 58 -11.37 -12.93 -8.85
C TYR B 58 -12.01 -12.28 -10.07
N GLY B 59 -11.19 -12.04 -11.08
CA GLY B 59 -11.68 -11.47 -12.33
C GLY B 59 -11.88 -9.98 -12.48
N ILE B 60 -11.25 -9.17 -11.64
CA ILE B 60 -11.41 -7.73 -11.77
C ILE B 60 -10.95 -7.28 -13.15
N ALA B 61 -10.10 -8.08 -13.78
CA ALA B 61 -9.56 -7.76 -15.11
C ALA B 61 -10.09 -8.66 -16.22
N GLY B 62 -10.90 -9.67 -15.89
CA GLY B 62 -11.45 -10.50 -16.93
C GLY B 62 -11.19 -12.01 -17.00
N SER B 63 -10.21 -12.51 -16.25
CA SER B 63 -9.94 -13.95 -16.29
C SER B 63 -9.30 -14.45 -15.00
N LYS B 73 -1.57 -22.29 -2.41
CA LYS B 73 -0.61 -21.54 -3.22
C LYS B 73 0.26 -20.66 -2.35
N LEU B 74 -0.31 -20.14 -1.28
CA LEU B 74 0.44 -19.25 -0.37
C LEU B 74 1.59 -19.95 0.34
N ASP B 75 1.46 -21.24 0.61
CA ASP B 75 2.52 -22.02 1.25
C ASP B 75 3.63 -22.19 0.21
N VAL B 76 3.23 -22.46 -1.02
CA VAL B 76 4.17 -22.64 -2.12
C VAL B 76 4.95 -21.34 -2.34
N LEU B 77 4.23 -20.26 -2.62
CA LEU B 77 4.84 -18.96 -2.87
C LEU B 77 5.80 -18.55 -1.78
N SER B 78 5.35 -18.60 -0.52
CA SER B 78 6.18 -18.23 0.61
C SER B 78 7.55 -18.90 0.55
N ASN B 79 7.51 -20.20 0.27
CA ASN B 79 8.71 -21.01 0.17
C ASN B 79 9.54 -20.63 -1.04
N ASP B 80 8.87 -20.37 -2.15
CA ASP B 80 9.57 -20.00 -3.36
C ASP B 80 10.31 -18.69 -3.16
N LEU B 81 9.66 -17.73 -2.51
CA LEU B 81 10.30 -16.44 -2.26
C LEU B 81 11.57 -16.66 -1.44
N VAL B 82 11.38 -17.13 -0.21
CA VAL B 82 12.47 -17.41 0.70
C VAL B 82 13.60 -18.15 0.00
N MET B 83 13.21 -19.24 -0.67
CA MET B 83 14.13 -20.10 -1.40
C MET B 83 14.95 -19.29 -2.40
N ASN B 84 14.23 -18.58 -3.28
CA ASN B 84 14.88 -17.79 -4.32
C ASN B 84 15.69 -16.59 -3.83
N MET B 85 15.22 -15.93 -2.78
CA MET B 85 15.92 -14.78 -2.24
C MET B 85 17.21 -15.20 -1.53
N LEU B 86 17.15 -16.31 -0.80
CA LEU B 86 18.31 -16.84 -0.09
C LEU B 86 19.40 -17.25 -1.07
N LYS B 87 19.02 -18.03 -2.08
CA LYS B 87 19.99 -18.45 -3.09
C LYS B 87 20.68 -17.23 -3.67
N SER B 88 19.89 -16.19 -3.96
CA SER B 88 20.39 -14.95 -4.52
C SER B 88 21.31 -14.16 -3.61
N SER B 89 21.26 -14.44 -2.31
CA SER B 89 22.09 -13.72 -1.35
C SER B 89 23.58 -13.98 -1.57
N PHE B 90 23.89 -15.19 -2.05
CA PHE B 90 25.28 -15.60 -2.27
C PHE B 90 25.92 -15.89 -0.93
N ALA B 91 25.09 -16.07 0.09
CA ALA B 91 25.56 -16.34 1.44
C ALA B 91 25.14 -17.69 2.03
N THR B 92 24.56 -18.56 1.22
CA THR B 92 24.12 -19.88 1.69
C THR B 92 24.72 -21.01 0.86
N CYS B 93 24.79 -22.21 1.45
CA CYS B 93 25.30 -23.39 0.75
C CYS B 93 24.30 -24.55 0.84
N VAL B 94 23.56 -24.61 1.94
CA VAL B 94 22.57 -25.65 2.13
C VAL B 94 21.32 -25.06 2.79
N LEU B 95 20.16 -25.35 2.22
CA LEU B 95 18.89 -24.85 2.75
C LEU B 95 17.90 -25.97 3.05
N VAL B 96 17.15 -25.82 4.14
CA VAL B 96 16.16 -26.82 4.54
C VAL B 96 14.78 -26.21 4.75
N SER B 97 13.80 -26.75 4.05
CA SER B 97 12.46 -26.25 4.15
C SER B 97 11.49 -27.35 4.52
N GLU B 98 10.49 -26.99 5.32
CA GLU B 98 9.46 -27.93 5.75
C GLU B 98 8.67 -28.36 4.51
N GLU B 99 8.95 -27.72 3.37
CA GLU B 99 8.24 -27.99 2.12
C GLU B 99 9.00 -28.94 1.20
N ASP B 100 10.31 -29.03 1.39
CA ASP B 100 11.16 -29.89 0.56
C ASP B 100 11.71 -31.02 1.40
N LYS B 101 11.70 -32.23 0.86
CA LYS B 101 12.18 -33.38 1.61
C LYS B 101 13.69 -33.53 1.78
N HIS B 102 14.44 -33.21 0.73
CA HIS B 102 15.89 -33.31 0.83
C HIS B 102 16.43 -31.91 0.97
N ALA B 103 17.61 -31.79 1.57
CA ALA B 103 18.21 -30.49 1.73
C ALA B 103 18.55 -29.99 0.33
N ILE B 104 18.50 -28.67 0.14
CA ILE B 104 18.84 -28.13 -1.16
C ILE B 104 20.26 -27.61 -1.11
N ILE B 105 21.05 -27.96 -2.12
CA ILE B 105 22.44 -27.52 -2.21
C ILE B 105 22.54 -26.42 -3.25
N VAL B 106 22.89 -25.21 -2.81
CA VAL B 106 22.96 -24.08 -3.71
C VAL B 106 24.05 -24.27 -4.76
N GLU B 107 23.73 -23.89 -6.00
CA GLU B 107 24.69 -23.98 -7.10
C GLU B 107 25.99 -23.36 -6.66
N PRO B 108 27.12 -23.85 -7.21
CA PRO B 108 28.48 -23.38 -6.91
C PRO B 108 28.67 -21.88 -7.15
N GLU B 109 27.96 -21.35 -8.13
CA GLU B 109 28.10 -19.94 -8.43
C GLU B 109 27.43 -19.01 -7.42
N LYS B 110 26.63 -19.56 -6.51
CA LYS B 110 25.95 -18.73 -5.51
C LYS B 110 26.19 -19.15 -4.06
N ARG B 111 27.18 -20.01 -3.82
CA ARG B 111 27.45 -20.49 -2.47
C ARG B 111 28.02 -19.51 -1.45
N GLY B 112 27.44 -19.57 -0.26
CA GLY B 112 27.84 -18.75 0.88
C GLY B 112 28.20 -19.73 1.98
N LYS B 113 28.68 -19.23 3.12
CA LYS B 113 29.07 -20.15 4.20
C LYS B 113 28.00 -20.49 5.21
N TYR B 114 26.73 -20.15 4.91
CA TYR B 114 25.66 -20.41 5.87
C TYR B 114 24.61 -21.45 5.46
N VAL B 115 24.05 -22.13 6.45
CA VAL B 115 23.02 -23.13 6.26
C VAL B 115 21.75 -22.51 6.82
N VAL B 116 20.65 -22.57 6.07
CA VAL B 116 19.43 -21.98 6.58
C VAL B 116 18.25 -22.93 6.60
N CYS B 117 17.72 -23.20 7.78
CA CYS B 117 16.55 -24.08 7.89
C CYS B 117 15.41 -23.15 8.23
N PHE B 118 14.33 -23.24 7.48
CA PHE B 118 13.23 -22.34 7.74
C PHE B 118 11.91 -22.96 7.47
N ASP B 119 10.88 -22.30 7.99
CA ASP B 119 9.51 -22.72 7.79
C ASP B 119 8.88 -21.48 7.16
N PRO B 120 8.73 -21.50 5.83
CA PRO B 120 8.15 -20.43 5.02
C PRO B 120 6.92 -19.81 5.67
N LEU B 121 5.85 -20.59 5.78
CA LEU B 121 4.64 -20.06 6.38
C LEU B 121 4.03 -21.05 7.36
N ASP B 122 4.43 -21.01 8.62
CA ASP B 122 3.87 -21.94 9.58
C ASP B 122 2.50 -21.51 10.06
N GLY B 123 1.55 -22.44 9.99
CA GLY B 123 0.18 -22.19 10.41
C GLY B 123 -0.75 -22.17 9.21
N SER B 124 -0.15 -22.18 8.02
CA SER B 124 -0.86 -22.15 6.75
C SER B 124 -2.15 -22.95 6.65
N SER B 125 -2.08 -24.24 6.95
CA SER B 125 -3.24 -25.11 6.88
C SER B 125 -4.48 -24.34 7.33
N ASN B 126 -4.34 -23.60 8.42
CA ASN B 126 -5.44 -22.81 8.97
C ASN B 126 -5.44 -21.36 8.52
N ILE B 127 -5.02 -21.09 7.29
CA ILE B 127 -5.01 -19.72 6.81
C ILE B 127 -6.37 -19.39 6.21
N ASP B 128 -7.24 -20.39 6.14
CA ASP B 128 -8.59 -20.23 5.61
C ASP B 128 -9.46 -19.41 6.55
N CYS B 129 -9.13 -19.45 7.83
CA CYS B 129 -9.89 -18.70 8.81
C CYS B 129 -9.22 -17.35 9.13
N LEU B 130 -8.23 -16.97 8.34
CA LEU B 130 -7.54 -15.71 8.55
C LEU B 130 -6.81 -15.62 9.89
N VAL B 131 -6.48 -16.78 10.46
CA VAL B 131 -5.77 -16.82 11.72
C VAL B 131 -4.36 -16.31 11.42
N SER B 132 -3.64 -15.92 12.46
CA SER B 132 -2.28 -15.44 12.26
C SER B 132 -1.44 -16.58 11.71
N VAL B 133 -0.31 -16.24 11.13
CA VAL B 133 0.61 -17.23 10.58
C VAL B 133 1.99 -16.59 10.65
N GLY B 134 3.01 -17.33 10.25
CA GLY B 134 4.32 -16.74 10.34
C GLY B 134 5.38 -17.41 9.51
N THR B 135 6.63 -17.06 9.82
CA THR B 135 7.79 -17.58 9.14
C THR B 135 8.86 -17.75 10.20
N ILE B 136 9.47 -18.93 10.25
CA ILE B 136 10.51 -19.18 11.22
C ILE B 136 11.77 -19.44 10.42
N PHE B 137 12.90 -18.98 10.93
CA PHE B 137 14.16 -19.18 10.25
C PHE B 137 15.30 -19.33 11.23
N GLY B 138 16.19 -20.27 10.93
CA GLY B 138 17.35 -20.52 11.75
C GLY B 138 18.55 -20.45 10.85
N ILE B 139 19.62 -19.83 11.34
CA ILE B 139 20.83 -19.67 10.57
C ILE B 139 22.05 -20.30 11.26
N TYR B 140 22.65 -21.30 10.60
CA TYR B 140 23.84 -22.00 11.10
C TYR B 140 25.01 -21.76 10.17
N ARG B 141 26.23 -21.75 10.71
CA ARG B 141 27.40 -21.59 9.85
C ARG B 141 27.89 -22.98 9.44
N LYS B 142 28.43 -23.11 8.23
CA LYS B 142 28.93 -24.42 7.83
C LYS B 142 30.22 -24.70 8.60
N LYS B 143 30.31 -25.88 9.19
CA LYS B 143 31.47 -26.29 9.99
C LYS B 143 32.53 -27.07 9.19
N SER B 144 32.09 -28.06 8.43
CA SER B 144 32.99 -28.89 7.64
C SER B 144 33.35 -28.28 6.30
N THR B 145 34.33 -28.88 5.64
CA THR B 145 34.80 -28.42 4.34
C THR B 145 34.30 -29.37 3.23
N ASP B 146 33.70 -30.49 3.62
CA ASP B 146 33.17 -31.45 2.67
C ASP B 146 32.17 -30.72 1.81
N GLU B 147 31.94 -31.21 0.59
CA GLU B 147 30.95 -30.59 -0.27
C GLU B 147 29.68 -30.46 0.56
N PRO B 148 28.94 -29.37 0.39
CA PRO B 148 27.71 -29.20 1.17
C PRO B 148 26.68 -30.31 0.91
N SER B 149 26.08 -30.80 1.99
CA SER B 149 25.06 -31.85 1.93
C SER B 149 24.13 -31.61 3.12
N GLU B 150 23.00 -32.32 3.17
CA GLU B 150 22.08 -32.12 4.28
C GLU B 150 22.75 -32.42 5.60
N LYS B 151 23.93 -33.02 5.53
CA LYS B 151 24.70 -33.37 6.72
C LYS B 151 25.12 -32.11 7.48
N ASP B 152 25.26 -31.01 6.76
CA ASP B 152 25.67 -29.74 7.36
C ASP B 152 24.48 -29.04 7.99
N ALA B 153 23.31 -29.67 7.93
CA ALA B 153 22.10 -29.12 8.49
C ALA B 153 21.74 -29.77 9.83
N LEU B 154 22.44 -30.86 10.16
CA LEU B 154 22.22 -31.59 11.40
C LEU B 154 23.13 -31.05 12.50
N GLN B 155 22.85 -29.82 12.92
CA GLN B 155 23.63 -29.17 13.96
C GLN B 155 22.73 -28.90 15.15
N PRO B 156 23.25 -29.09 16.37
CA PRO B 156 22.38 -28.83 17.52
C PRO B 156 22.00 -27.36 17.58
N GLY B 157 20.78 -27.08 18.00
CA GLY B 157 20.31 -25.71 18.09
C GLY B 157 21.31 -24.80 18.76
N ARG B 158 22.18 -25.39 19.56
CA ARG B 158 23.20 -24.64 20.29
C ARG B 158 24.21 -23.96 19.38
N ASN B 159 24.29 -24.36 18.11
CA ASN B 159 25.25 -23.76 17.18
C ASN B 159 24.67 -22.67 16.28
N LEU B 160 23.43 -22.26 16.56
CA LEU B 160 22.81 -21.21 15.77
C LEU B 160 23.61 -19.92 15.83
N VAL B 161 23.74 -19.27 14.68
CA VAL B 161 24.44 -18.00 14.56
C VAL B 161 23.41 -16.89 14.68
N ALA B 162 22.19 -17.17 14.24
CA ALA B 162 21.11 -16.22 14.30
C ALA B 162 19.79 -16.95 14.04
N ALA B 163 18.75 -16.55 14.75
CA ALA B 163 17.44 -17.18 14.59
C ALA B 163 16.38 -16.11 14.58
N GLY B 164 15.19 -16.47 14.11
CA GLY B 164 14.12 -15.48 14.08
C GLY B 164 12.84 -15.93 13.40
N TYR B 165 11.83 -15.08 13.49
CA TYR B 165 10.55 -15.40 12.89
C TYR B 165 9.81 -14.11 12.59
N ALA B 166 8.84 -14.22 11.70
CA ALA B 166 8.04 -13.07 11.31
C ALA B 166 6.64 -13.49 11.66
N LEU B 167 5.89 -12.55 12.19
CA LEU B 167 4.52 -12.84 12.57
C LEU B 167 3.56 -11.96 11.81
N TYR B 168 2.84 -12.55 10.86
CA TYR B 168 1.85 -11.84 10.07
C TYR B 168 0.51 -11.91 10.83
N GLY B 169 0.36 -11.03 11.80
CA GLY B 169 -0.85 -10.97 12.60
C GLY B 169 -1.63 -9.71 12.29
N SER B 170 -2.06 -9.00 13.33
CA SER B 170 -2.82 -7.75 13.18
C SER B 170 -1.93 -6.75 12.46
N ALA B 171 -0.63 -6.89 12.72
CA ALA B 171 0.39 -6.06 12.12
C ALA B 171 1.46 -7.08 11.79
N THR B 172 2.50 -6.69 11.09
CA THR B 172 3.55 -7.65 10.79
C THR B 172 4.81 -7.33 11.57
N MET B 173 5.24 -8.28 12.39
CA MET B 173 6.44 -8.08 13.18
C MET B 173 7.47 -9.14 12.90
N LEU B 174 8.73 -8.75 13.04
CA LEU B 174 9.86 -9.64 12.81
C LEU B 174 10.71 -9.66 14.06
N VAL B 175 10.87 -10.83 14.65
CA VAL B 175 11.66 -10.96 15.87
C VAL B 175 12.98 -11.61 15.54
N LEU B 176 14.07 -10.85 15.70
CA LEU B 176 15.43 -11.33 15.40
C LEU B 176 16.22 -11.56 16.67
N ALA B 177 16.82 -12.75 16.75
CA ALA B 177 17.61 -13.13 17.92
C ALA B 177 19.04 -13.42 17.51
N MET B 178 19.99 -12.82 18.22
CA MET B 178 21.40 -13.03 17.91
C MET B 178 22.20 -13.10 19.20
N ASP B 179 23.51 -13.17 19.07
CA ASP B 179 24.38 -13.26 20.23
C ASP B 179 23.99 -12.17 21.23
N CYS B 180 23.90 -10.94 20.73
CA CYS B 180 23.56 -9.76 21.52
C CYS B 180 22.18 -9.75 22.16
N GLY B 181 21.29 -10.67 21.76
CA GLY B 181 19.97 -10.70 22.34
C GLY B 181 18.80 -10.60 21.39
N VAL B 182 17.61 -10.34 21.94
CA VAL B 182 16.43 -10.24 21.12
C VAL B 182 16.05 -8.81 20.74
N ASN B 183 15.43 -8.68 19.56
CA ASN B 183 14.98 -7.38 19.04
C ASN B 183 13.72 -7.55 18.20
N CYS B 184 12.79 -6.61 18.36
CA CYS B 184 11.54 -6.66 17.62
C CYS B 184 11.46 -5.50 16.64
N PHE B 185 10.98 -5.78 15.45
CA PHE B 185 10.85 -4.77 14.43
C PHE B 185 9.43 -4.84 13.88
N MET B 186 8.84 -3.69 13.60
CA MET B 186 7.51 -3.65 13.02
C MET B 186 7.65 -3.16 11.61
N LEU B 187 6.93 -3.80 10.70
CA LEU B 187 6.96 -3.44 9.30
C LEU B 187 6.05 -2.26 8.99
N ASP B 188 6.61 -1.17 8.48
CA ASP B 188 5.77 -0.03 8.10
C ASP B 188 5.44 -0.30 6.63
N PRO B 189 4.25 -0.84 6.37
CA PRO B 189 3.77 -1.17 5.03
C PRO B 189 3.77 -0.01 4.04
N ALA B 190 3.60 1.21 4.55
CA ALA B 190 3.58 2.39 3.70
C ALA B 190 4.94 2.76 3.11
N ILE B 191 6.02 2.41 3.80
CA ILE B 191 7.36 2.73 3.32
C ILE B 191 8.23 1.48 3.19
N GLY B 192 7.60 0.32 3.30
CA GLY B 192 8.33 -0.94 3.20
C GLY B 192 9.56 -0.97 4.08
N GLU B 193 9.43 -0.53 5.33
CA GLU B 193 10.58 -0.52 6.21
C GLU B 193 10.26 -1.21 7.54
N PHE B 194 11.26 -1.87 8.11
CA PHE B 194 11.11 -2.53 9.40
C PHE B 194 11.65 -1.59 10.47
N ILE B 195 10.81 -1.27 11.44
CA ILE B 195 11.19 -0.34 12.49
C ILE B 195 11.35 -1.01 13.84
N LEU B 196 12.52 -0.81 14.43
CA LEU B 196 12.85 -1.35 15.75
C LEU B 196 11.96 -0.73 16.81
N VAL B 197 11.08 -1.53 17.42
CA VAL B 197 10.16 -1.05 18.45
C VAL B 197 10.38 -1.68 19.84
N ASP B 198 11.30 -2.63 19.95
CA ASP B 198 11.60 -3.27 21.23
C ASP B 198 13.04 -3.72 21.26
N LYS B 199 13.90 -3.00 21.98
CA LYS B 199 15.30 -3.38 22.05
C LYS B 199 15.55 -4.40 23.16
N ASP B 200 16.56 -5.24 22.95
CA ASP B 200 16.98 -6.28 23.88
C ASP B 200 15.85 -6.81 24.77
N VAL B 201 14.86 -7.44 24.14
CA VAL B 201 13.71 -8.01 24.85
C VAL B 201 14.03 -9.18 25.78
N LYS B 202 13.48 -9.11 26.99
CA LYS B 202 13.65 -10.16 27.99
C LYS B 202 12.24 -10.65 28.38
N ILE B 203 12.08 -11.95 28.60
CA ILE B 203 10.77 -12.50 28.96
C ILE B 203 10.51 -12.38 30.46
N LYS B 204 9.23 -12.41 30.85
CA LYS B 204 8.89 -12.34 32.27
C LYS B 204 9.45 -13.57 32.96
N LYS B 205 9.67 -13.48 34.27
CA LYS B 205 10.18 -14.62 34.99
C LYS B 205 9.04 -15.63 35.12
N LYS B 206 7.84 -15.11 35.38
CA LYS B 206 6.69 -15.98 35.54
C LYS B 206 5.45 -15.37 34.89
N GLY B 207 4.73 -16.17 34.11
CA GLY B 207 3.54 -15.69 33.43
C GLY B 207 2.22 -16.16 34.01
N LYS B 208 1.11 -15.84 33.33
CA LYS B 208 -0.22 -16.24 33.79
C LYS B 208 -1.05 -16.90 32.69
N ILE B 209 -0.38 -17.46 31.70
CA ILE B 209 -1.06 -18.13 30.60
C ILE B 209 -0.36 -19.42 30.19
N TYR B 210 -1.12 -20.50 30.05
CA TYR B 210 -0.52 -21.74 29.60
C TYR B 210 -1.13 -21.97 28.23
N SER B 211 -0.35 -22.54 27.32
CA SER B 211 -0.85 -22.76 25.98
C SER B 211 -0.61 -24.18 25.48
N LEU B 212 -1.69 -24.82 25.04
CA LEU B 212 -1.60 -26.17 24.49
C LEU B 212 -2.98 -26.58 24.01
N ASN B 213 -3.02 -27.55 23.11
CA ASN B 213 -4.29 -28.03 22.59
C ASN B 213 -4.87 -29.05 23.58
N GLU B 214 -5.84 -28.63 24.37
CA GLU B 214 -6.43 -29.53 25.35
C GLU B 214 -7.39 -30.54 24.71
N GLY B 215 -7.30 -30.66 23.40
CA GLY B 215 -8.12 -31.62 22.69
C GLY B 215 -7.51 -32.99 22.86
N TYR B 216 -6.18 -33.05 22.80
CA TYR B 216 -5.45 -34.31 22.95
C TYR B 216 -5.32 -34.70 24.43
N ALA B 217 -6.30 -34.30 25.23
CA ALA B 217 -6.29 -34.58 26.67
C ALA B 217 -6.32 -36.07 27.02
N LYS B 218 -7.14 -36.83 26.30
CA LYS B 218 -7.27 -38.25 26.52
C LYS B 218 -5.99 -38.99 26.19
N ASP B 219 -5.00 -38.26 25.66
CA ASP B 219 -3.71 -38.87 25.30
C ASP B 219 -2.49 -38.23 25.96
N PHE B 220 -2.72 -37.35 26.93
CA PHE B 220 -1.63 -36.68 27.62
C PHE B 220 -0.97 -37.65 28.58
N ASP B 221 0.33 -37.50 28.75
CA ASP B 221 1.07 -38.34 29.68
C ASP B 221 0.73 -37.72 31.03
N PRO B 222 0.82 -38.50 32.12
CA PRO B 222 0.51 -37.98 33.46
C PRO B 222 1.17 -36.66 33.86
N ALA B 223 2.47 -36.53 33.62
CA ALA B 223 3.18 -35.30 33.98
C ALA B 223 2.47 -34.06 33.45
N VAL B 224 2.03 -34.14 32.20
CA VAL B 224 1.30 -33.05 31.52
C VAL B 224 -0.12 -32.88 32.02
N THR B 225 -0.77 -33.98 32.40
CA THR B 225 -2.13 -33.87 32.89
C THR B 225 -2.13 -33.27 34.30
N GLU B 226 -1.05 -33.52 35.03
CA GLU B 226 -0.95 -32.98 36.37
C GLU B 226 -0.66 -31.50 36.27
N TYR B 227 0.31 -31.13 35.45
CA TYR B 227 0.68 -29.73 35.29
C TYR B 227 -0.52 -28.86 34.93
N ILE B 228 -1.37 -29.34 34.02
CA ILE B 228 -2.54 -28.57 33.63
C ILE B 228 -3.51 -28.43 34.79
N GLN B 229 -3.58 -29.45 35.63
CA GLN B 229 -4.46 -29.38 36.80
C GLN B 229 -3.96 -28.22 37.65
N ARG B 230 -2.65 -28.19 37.88
CA ARG B 230 -2.00 -27.16 38.68
C ARG B 230 -2.33 -25.74 38.19
N LYS B 231 -2.71 -25.61 36.93
CA LYS B 231 -3.02 -24.29 36.39
C LYS B 231 -4.48 -23.93 36.63
N LYS B 232 -5.38 -24.87 36.33
CA LYS B 232 -6.83 -24.68 36.50
C LYS B 232 -7.26 -24.59 37.95
N PHE B 233 -6.52 -25.26 38.83
CA PHE B 233 -6.80 -25.28 40.26
C PHE B 233 -5.51 -25.17 41.06
N PRO B 234 -4.80 -24.04 40.94
CA PRO B 234 -3.54 -23.86 41.67
C PRO B 234 -3.53 -24.45 43.08
N PRO B 235 -2.48 -25.26 43.39
CA PRO B 235 -2.32 -25.90 44.70
C PRO B 235 -2.31 -24.91 45.86
N ASP B 236 -1.44 -23.89 45.78
CA ASP B 236 -1.34 -22.86 46.82
C ASP B 236 -2.60 -22.00 46.80
N ASN B 237 -3.62 -22.51 46.12
CA ASN B 237 -4.90 -21.83 46.00
C ASN B 237 -4.73 -20.41 45.46
N SER B 238 -3.67 -20.19 44.69
CA SER B 238 -3.45 -18.89 44.08
C SER B 238 -4.49 -18.75 42.97
N ALA B 239 -4.32 -17.78 42.08
CA ALA B 239 -5.30 -17.62 41.01
C ALA B 239 -4.94 -18.45 39.77
N PRO B 240 -5.96 -19.06 39.16
CA PRO B 240 -5.87 -19.90 37.97
C PRO B 240 -5.23 -19.16 36.80
N TYR B 241 -4.41 -19.85 36.03
CA TYR B 241 -3.78 -19.27 34.87
C TYR B 241 -4.82 -19.17 33.77
N GLY B 242 -4.55 -18.34 32.78
CA GLY B 242 -5.48 -18.20 31.68
C GLY B 242 -5.08 -19.21 30.61
N ALA B 243 -5.96 -19.43 29.65
CA ALA B 243 -5.64 -20.36 28.60
C ALA B 243 -5.78 -19.69 27.23
N ARG B 244 -4.84 -19.98 26.33
CA ARG B 244 -4.83 -19.41 24.99
C ARG B 244 -4.14 -20.36 24.02
N TYR B 245 -4.80 -20.67 22.91
CA TYR B 245 -4.19 -21.55 21.91
C TYR B 245 -4.68 -21.16 20.53
N VAL B 246 -3.85 -20.38 19.84
CA VAL B 246 -4.16 -19.90 18.50
C VAL B 246 -4.18 -21.03 17.48
N GLY B 247 -3.19 -21.89 17.55
CA GLY B 247 -3.09 -23.00 16.62
C GLY B 247 -1.93 -22.73 15.71
N SER B 248 -1.43 -21.49 15.78
CA SER B 248 -0.32 -21.05 14.98
C SER B 248 0.85 -20.85 15.91
N MET B 249 1.76 -21.81 15.97
CA MET B 249 2.89 -21.69 16.88
C MET B 249 3.46 -20.28 16.92
N VAL B 250 3.89 -19.75 15.78
CA VAL B 250 4.46 -18.41 15.74
C VAL B 250 3.64 -17.45 16.61
N ALA B 251 2.32 -17.53 16.50
CA ALA B 251 1.45 -16.66 17.28
C ALA B 251 1.51 -17.01 18.78
N ASP B 252 1.38 -18.30 19.10
CA ASP B 252 1.42 -18.70 20.50
C ASP B 252 2.74 -18.27 21.15
N VAL B 253 3.86 -18.77 20.63
CA VAL B 253 5.17 -18.40 21.14
C VAL B 253 5.37 -16.89 21.26
N HIS B 254 4.93 -16.14 20.26
CA HIS B 254 5.12 -14.69 20.35
C HIS B 254 4.29 -14.13 21.50
N ARG B 255 3.07 -14.64 21.68
CA ARG B 255 2.23 -14.15 22.77
C ARG B 255 2.95 -14.46 24.06
N THR B 256 3.50 -15.66 24.16
CA THR B 256 4.23 -16.06 25.36
C THR B 256 5.41 -15.12 25.63
N LEU B 257 6.25 -14.92 24.63
CA LEU B 257 7.41 -14.05 24.76
C LEU B 257 7.06 -12.64 25.23
N VAL B 258 5.92 -12.14 24.76
CA VAL B 258 5.46 -10.79 25.08
C VAL B 258 4.72 -10.64 26.41
N TYR B 259 3.82 -11.56 26.70
CA TYR B 259 3.05 -11.48 27.93
C TYR B 259 3.53 -12.43 29.03
N GLY B 260 4.36 -13.40 28.67
CA GLY B 260 4.85 -14.33 29.66
C GLY B 260 3.87 -15.46 29.95
N GLY B 261 4.42 -16.67 30.08
CA GLY B 261 3.62 -17.85 30.35
C GLY B 261 4.32 -19.11 29.87
N ILE B 262 3.55 -20.15 29.59
CA ILE B 262 4.15 -21.39 29.12
C ILE B 262 3.43 -22.06 27.95
N PHE B 263 4.17 -22.33 26.90
CA PHE B 263 3.65 -22.98 25.71
C PHE B 263 4.06 -24.46 25.75
N LEU B 264 3.12 -25.37 25.53
CA LEU B 264 3.46 -26.78 25.59
C LEU B 264 2.95 -27.61 24.43
N TYR B 265 3.88 -28.33 23.79
CA TYR B 265 3.54 -29.23 22.71
C TYR B 265 4.43 -30.42 23.00
N PRO B 266 4.03 -31.22 23.99
CA PRO B 266 4.69 -32.42 24.49
C PRO B 266 4.32 -33.71 23.76
N ALA B 267 5.11 -34.75 24.03
CA ALA B 267 4.93 -36.08 23.45
C ALA B 267 3.64 -36.76 23.90
N ASN B 268 3.36 -37.96 23.41
CA ASN B 268 2.16 -38.70 23.80
C ASN B 268 1.97 -39.99 23.00
N LYS B 269 0.74 -40.19 22.52
CA LYS B 269 0.41 -41.36 21.72
C LYS B 269 1.12 -41.29 20.38
N LYS B 270 1.03 -40.13 19.73
CA LYS B 270 1.67 -39.91 18.43
C LYS B 270 3.07 -40.50 18.44
N SER B 271 3.80 -40.22 19.52
CA SER B 271 5.17 -40.71 19.70
C SER B 271 5.91 -39.79 20.65
N PRO B 272 6.78 -40.36 21.49
CA PRO B 272 7.60 -39.64 22.47
C PRO B 272 8.51 -38.63 21.78
N ASN B 273 8.08 -38.13 20.64
CA ASN B 273 8.88 -37.17 19.89
C ASN B 273 8.13 -35.86 19.75
N GLY B 274 6.86 -35.86 20.13
CA GLY B 274 6.05 -34.64 20.01
C GLY B 274 5.57 -34.54 18.58
N LYS B 275 5.24 -33.33 18.15
CA LYS B 275 4.75 -33.13 16.78
C LYS B 275 5.63 -32.14 16.01
N LEU B 276 5.96 -31.01 16.64
CA LEU B 276 6.78 -29.95 16.04
C LEU B 276 8.16 -30.41 15.54
N ARG B 277 8.71 -29.71 14.56
CA ARG B 277 10.02 -30.04 13.98
C ARG B 277 11.18 -29.39 14.73
N LEU B 278 12.24 -30.17 14.96
CA LEU B 278 13.40 -29.68 15.68
C LEU B 278 14.24 -28.67 14.92
N LEU B 279 14.59 -28.97 13.67
CA LEU B 279 15.44 -28.08 12.86
C LEU B 279 14.93 -26.68 12.50
N TYR B 280 13.65 -26.58 12.19
CA TYR B 280 13.09 -25.29 11.79
C TYR B 280 11.83 -24.82 12.50
N GLU B 281 11.60 -25.32 13.71
CA GLU B 281 10.44 -24.89 14.47
C GLU B 281 10.81 -24.70 15.93
N CYS B 282 11.32 -25.77 16.53
CA CYS B 282 11.70 -25.74 17.93
C CYS B 282 13.04 -25.09 18.19
N ASN B 283 14.05 -25.46 17.41
CA ASN B 283 15.38 -24.87 17.61
C ASN B 283 15.36 -23.34 17.52
N PRO B 284 14.60 -22.77 16.57
CA PRO B 284 14.58 -21.31 16.48
C PRO B 284 13.89 -20.66 17.68
N MET B 285 12.71 -21.15 18.05
CA MET B 285 11.96 -20.62 19.18
C MET B 285 12.77 -20.77 20.45
N ALA B 286 13.21 -22.00 20.71
CA ALA B 286 14.01 -22.28 21.88
C ALA B 286 15.17 -21.29 21.96
N TYR B 287 15.86 -21.08 20.84
CA TYR B 287 16.98 -20.15 20.81
C TYR B 287 16.52 -18.73 21.13
N VAL B 288 15.44 -18.29 20.49
CA VAL B 288 14.96 -16.94 20.77
C VAL B 288 14.67 -16.85 22.25
N MET B 289 13.97 -17.84 22.78
CA MET B 289 13.61 -17.90 24.20
C MET B 289 14.76 -17.79 25.18
N GLU B 290 15.81 -18.58 24.95
CA GLU B 290 16.96 -18.53 25.85
C GLU B 290 17.69 -17.22 25.72
N LYS B 291 17.44 -16.51 24.62
CA LYS B 291 18.08 -15.23 24.43
C LYS B 291 17.28 -14.14 25.13
N ALA B 292 16.00 -14.42 25.36
CA ALA B 292 15.09 -13.52 26.03
C ALA B 292 15.15 -13.80 27.52
N GLY B 293 15.94 -14.78 27.92
CA GLY B 293 16.05 -15.12 29.32
C GLY B 293 15.02 -16.14 29.74
N GLY B 294 14.40 -16.82 28.77
CA GLY B 294 13.39 -17.82 29.07
C GLY B 294 13.92 -19.23 29.01
N MET B 295 13.04 -20.23 28.95
CA MET B 295 13.48 -21.63 28.89
C MET B 295 12.70 -22.45 27.88
N ALA B 296 13.37 -23.43 27.29
CA ALA B 296 12.74 -24.30 26.31
C ALA B 296 13.31 -25.72 26.38
N THR B 297 12.60 -26.60 27.07
CA THR B 297 13.05 -27.97 27.22
C THR B 297 12.15 -28.97 26.50
N THR B 298 12.61 -30.20 26.36
CA THR B 298 11.85 -31.28 25.74
C THR B 298 11.27 -32.13 26.86
N GLY B 299 11.84 -31.93 28.04
CA GLY B 299 11.43 -32.67 29.21
C GLY B 299 12.56 -33.59 29.64
N LYS B 300 13.37 -34.00 28.66
CA LYS B 300 14.51 -34.86 28.95
C LYS B 300 15.79 -34.05 28.90
N GLU B 301 15.78 -33.00 28.09
CA GLU B 301 16.95 -32.14 27.96
C GLU B 301 16.51 -30.80 27.41
N ALA B 302 17.49 -29.98 27.04
CA ALA B 302 17.20 -28.67 26.50
C ALA B 302 17.15 -28.77 24.97
N VAL B 303 16.08 -28.25 24.38
CA VAL B 303 15.89 -28.28 22.93
C VAL B 303 17.17 -28.00 22.15
N LEU B 304 17.88 -26.94 22.54
CA LEU B 304 19.10 -26.55 21.86
C LEU B 304 20.22 -27.56 21.98
N ASP B 305 20.16 -28.42 23.00
CA ASP B 305 21.20 -29.42 23.22
C ASP B 305 20.97 -30.70 22.39
N VAL B 306 19.72 -30.94 22.00
CA VAL B 306 19.36 -32.11 21.21
C VAL B 306 20.12 -32.15 19.90
N ILE B 307 20.66 -33.32 19.56
CA ILE B 307 21.41 -33.48 18.32
C ILE B 307 20.56 -34.17 17.26
N PRO B 308 20.40 -33.53 16.09
CA PRO B 308 19.61 -34.08 15.01
C PRO B 308 20.22 -35.30 14.34
N THR B 309 19.34 -36.13 13.80
CA THR B 309 19.74 -37.32 13.06
C THR B 309 19.18 -37.14 11.66
N ASP B 310 17.94 -36.64 11.60
CA ASP B 310 17.25 -36.39 10.33
C ASP B 310 16.81 -34.94 10.32
N ILE B 311 16.90 -34.29 9.17
CA ILE B 311 16.51 -32.88 9.07
C ILE B 311 15.04 -32.59 9.34
N HIS B 312 14.20 -33.62 9.25
CA HIS B 312 12.76 -33.46 9.50
C HIS B 312 12.36 -34.12 10.81
N GLN B 313 13.35 -34.34 11.66
CA GLN B 313 13.18 -34.96 12.95
C GLN B 313 12.23 -34.15 13.85
N ARG B 314 11.30 -34.84 14.51
CA ARG B 314 10.36 -34.17 15.41
C ARG B 314 11.04 -34.00 16.77
N ALA B 315 10.38 -33.28 17.68
CA ALA B 315 10.92 -33.05 19.03
C ALA B 315 9.89 -32.38 19.94
N PRO B 316 9.76 -32.86 21.18
CA PRO B 316 8.83 -32.35 22.21
C PRO B 316 9.25 -30.92 22.63
N VAL B 317 8.28 -30.06 22.92
CA VAL B 317 8.63 -28.69 23.30
C VAL B 317 7.80 -28.06 24.38
N ILE B 318 8.49 -27.40 25.30
CA ILE B 318 7.88 -26.68 26.41
C ILE B 318 8.75 -25.45 26.61
N LEU B 319 8.25 -24.28 26.21
CA LEU B 319 9.01 -23.05 26.37
C LEU B 319 8.18 -21.97 27.04
N GLY B 320 8.85 -20.92 27.52
CA GLY B 320 8.14 -19.85 28.20
C GLY B 320 8.91 -19.30 29.40
N SER B 321 8.17 -18.68 30.31
CA SER B 321 8.77 -18.07 31.50
C SER B 321 9.49 -19.10 32.34
N PRO B 322 10.73 -18.81 32.73
CA PRO B 322 11.61 -19.65 33.55
C PRO B 322 10.91 -20.35 34.69
N ASP B 323 10.06 -19.61 35.40
CA ASP B 323 9.31 -20.15 36.53
C ASP B 323 8.30 -21.18 36.08
N ASP B 324 7.48 -20.82 35.10
CA ASP B 324 6.48 -21.72 34.59
C ASP B 324 7.11 -22.95 34.00
N VAL B 325 8.20 -22.78 33.26
CA VAL B 325 8.87 -23.92 32.66
C VAL B 325 9.49 -24.82 33.73
N LEU B 326 10.08 -24.24 34.76
CA LEU B 326 10.67 -25.04 35.81
C LEU B 326 9.59 -25.82 36.57
N GLU B 327 8.38 -25.27 36.64
CA GLU B 327 7.30 -25.96 37.34
C GLU B 327 7.01 -27.24 36.58
N PHE B 328 7.01 -27.15 35.26
CA PHE B 328 6.75 -28.33 34.46
C PHE B 328 7.82 -29.37 34.77
N LEU B 329 9.08 -28.99 34.58
CA LEU B 329 10.20 -29.90 34.83
C LEU B 329 10.19 -30.53 36.21
N LYS B 330 9.58 -29.86 37.19
CA LYS B 330 9.52 -30.41 38.53
C LYS B 330 8.42 -31.47 38.55
N VAL B 331 7.28 -31.16 37.92
CA VAL B 331 6.16 -32.10 37.84
C VAL B 331 6.50 -33.24 36.90
N TYR B 332 7.49 -33.01 36.04
CA TYR B 332 7.91 -34.01 35.08
C TYR B 332 8.80 -35.03 35.77
N GLU B 333 9.61 -34.56 36.71
CA GLU B 333 10.51 -35.45 37.45
C GLU B 333 9.72 -36.31 38.42
N LYS B 334 8.59 -35.78 38.89
CA LYS B 334 7.73 -36.50 39.82
C LYS B 334 7.14 -37.76 39.16
N HIS B 335 7.22 -37.83 37.83
CA HIS B 335 6.67 -38.97 37.10
C HIS B 335 7.71 -39.80 36.36
N SER B 336 8.98 -39.48 36.56
CA SER B 336 10.07 -40.21 35.91
C SER B 336 10.93 -40.94 36.92
N ALA B 337 12.03 -41.40 36.52
N ASP C 10 19.48 -13.10 -12.42
CA ASP C 10 18.86 -13.10 -11.05
C ASP C 10 18.09 -11.80 -10.78
N VAL C 11 17.47 -11.73 -9.60
CA VAL C 11 16.72 -10.55 -9.21
C VAL C 11 17.63 -9.71 -8.33
N ASN C 12 17.54 -8.39 -8.43
CA ASN C 12 18.40 -7.54 -7.62
C ASN C 12 17.66 -6.32 -7.05
N THR C 13 18.09 -5.88 -5.87
CA THR C 13 17.46 -4.73 -5.23
C THR C 13 18.52 -3.71 -4.89
N LEU C 14 18.10 -2.47 -4.71
CA LEU C 14 19.02 -1.40 -4.35
C LEU C 14 19.98 -1.77 -3.21
N THR C 15 19.44 -2.35 -2.14
CA THR C 15 20.27 -2.75 -1.01
C THR C 15 21.26 -3.83 -1.40
N ARG C 16 20.80 -4.86 -2.11
CA ARG C 16 21.72 -5.91 -2.52
C ARG C 16 22.80 -5.38 -3.46
N PHE C 17 22.37 -4.59 -4.45
CA PHE C 17 23.29 -4.01 -5.41
C PHE C 17 24.35 -3.17 -4.71
N VAL C 18 23.91 -2.41 -3.72
CA VAL C 18 24.80 -1.56 -2.98
C VAL C 18 25.72 -2.36 -2.10
N MET C 19 25.13 -3.25 -1.31
CA MET C 19 25.90 -4.08 -0.40
C MET C 19 27.06 -4.74 -1.12
N GLU C 20 26.77 -5.41 -2.22
CA GLU C 20 27.83 -6.07 -2.97
C GLU C 20 28.90 -5.06 -3.36
N GLU C 21 28.53 -4.02 -4.10
CA GLU C 21 29.50 -3.02 -4.48
C GLU C 21 30.38 -2.68 -3.28
N GLY C 22 29.78 -2.72 -2.10
CA GLY C 22 30.51 -2.44 -0.89
C GLY C 22 31.58 -3.48 -0.72
N ARG C 23 31.16 -4.73 -0.49
CA ARG C 23 32.09 -5.83 -0.31
C ARG C 23 33.27 -5.76 -1.27
N LYS C 24 32.98 -5.80 -2.57
CA LYS C 24 34.04 -5.72 -3.56
C LYS C 24 34.97 -4.62 -3.07
N ALA C 25 34.42 -3.41 -3.00
CA ALA C 25 35.17 -2.24 -2.60
C ALA C 25 35.92 -2.35 -1.28
N ARG C 26 35.45 -3.21 -0.38
CA ARG C 26 36.11 -3.37 0.92
C ARG C 26 36.39 -2.06 1.65
N GLY C 27 35.40 -1.17 1.73
CA GLY C 27 35.59 0.11 2.41
C GLY C 27 35.16 0.15 3.87
N THR C 28 34.69 1.31 4.34
CA THR C 28 34.27 1.44 5.75
C THR C 28 32.85 0.98 5.97
N GLY C 29 32.03 1.07 4.94
CA GLY C 29 30.64 0.68 5.08
C GLY C 29 29.74 1.90 5.21
N GLU C 30 30.34 3.06 5.46
CA GLU C 30 29.58 4.30 5.62
C GLU C 30 28.73 4.67 4.41
N LEU C 31 29.32 4.63 3.23
CA LEU C 31 28.58 4.97 2.03
C LEU C 31 27.41 4.01 1.86
N THR C 32 27.61 2.75 2.20
CA THR C 32 26.56 1.75 2.10
C THR C 32 25.44 2.15 3.05
N GLN C 33 25.83 2.65 4.23
CA GLN C 33 24.87 3.08 5.25
C GLN C 33 24.27 4.43 4.89
N LEU C 34 25.06 5.27 4.20
CA LEU C 34 24.60 6.58 3.78
C LEU C 34 23.51 6.37 2.72
N LEU C 35 23.88 5.66 1.65
CA LEU C 35 22.98 5.37 0.56
C LEU C 35 21.71 4.71 0.99
N ASN C 36 21.81 3.84 2.00
CA ASN C 36 20.62 3.15 2.47
C ASN C 36 19.60 4.07 3.12
N SER C 37 20.06 5.03 3.91
CA SER C 37 19.19 5.99 4.57
C SER C 37 18.50 6.87 3.55
N LEU C 38 19.24 7.24 2.51
CA LEU C 38 18.72 8.06 1.44
C LEU C 38 17.53 7.30 0.85
N CYS C 39 17.69 5.98 0.79
CA CYS C 39 16.71 5.07 0.26
C CYS C 39 15.41 5.06 1.07
N THR C 40 15.53 4.92 2.39
CA THR C 40 14.36 4.91 3.25
C THR C 40 13.65 6.25 3.13
N ALA C 41 14.45 7.31 3.11
CA ALA C 41 13.93 8.67 2.99
C ALA C 41 13.11 8.76 1.71
N VAL C 42 13.73 8.39 0.59
CA VAL C 42 13.07 8.47 -0.70
C VAL C 42 11.70 7.79 -0.72
N LYS C 43 11.61 6.61 -0.10
CA LYS C 43 10.34 5.90 -0.06
C LYS C 43 9.35 6.63 0.84
N ALA C 44 9.82 7.04 2.02
CA ALA C 44 8.96 7.78 2.94
C ALA C 44 8.39 8.97 2.18
N ILE C 45 9.26 9.71 1.52
CA ILE C 45 8.89 10.87 0.70
C ILE C 45 7.82 10.45 -0.30
N SER C 46 8.14 9.40 -1.04
CA SER C 46 7.24 8.87 -2.04
C SER C 46 5.88 8.58 -1.41
N SER C 47 5.89 7.94 -0.25
CA SER C 47 4.66 7.63 0.44
C SER C 47 3.81 8.88 0.60
N ALA C 48 4.43 9.96 1.05
CA ALA C 48 3.71 11.22 1.25
C ALA C 48 3.27 11.88 -0.07
N VAL C 49 4.13 11.84 -1.08
CA VAL C 49 3.80 12.46 -2.35
C VAL C 49 2.56 11.83 -2.99
N ARG C 50 2.39 10.52 -2.86
CA ARG C 50 1.21 9.87 -3.42
C ARG C 50 -0.02 10.06 -2.53
N LYS C 51 0.09 10.99 -1.58
CA LYS C 51 -0.98 11.32 -0.66
C LYS C 51 -1.38 10.21 0.31
N ALA C 52 -0.38 9.53 0.87
CA ALA C 52 -0.60 8.45 1.84
C ALA C 52 -1.96 8.51 2.50
N GLY C 53 -2.02 9.10 3.69
CA GLY C 53 -3.29 9.22 4.41
C GLY C 53 -3.85 10.63 4.36
N ILE C 54 -4.16 11.10 3.16
CA ILE C 54 -4.70 12.43 3.00
C ILE C 54 -6.07 12.45 3.68
N ALA C 55 -6.79 11.33 3.61
CA ALA C 55 -8.11 11.22 4.21
C ALA C 55 -8.15 11.72 5.65
N HIS C 56 -7.09 11.46 6.42
CA HIS C 56 -7.02 11.88 7.81
C HIS C 56 -6.96 13.40 7.92
N LEU C 57 -6.17 14.05 7.08
CA LEU C 57 -6.10 15.51 7.11
C LEU C 57 -7.47 16.12 6.79
N TYR C 58 -8.25 15.45 5.94
CA TYR C 58 -9.56 15.95 5.56
C TYR C 58 -10.73 15.52 6.46
N GLY C 59 -10.44 15.27 7.73
CA GLY C 59 -11.47 14.92 8.70
C GLY C 59 -12.11 13.54 8.65
N ILE C 60 -11.48 12.60 7.98
CA ILE C 60 -12.04 11.25 7.92
C ILE C 60 -12.15 10.80 9.38
N ALA C 61 -11.23 11.29 10.20
CA ALA C 61 -11.18 10.96 11.61
C ALA C 61 -11.84 11.98 12.53
N GLY C 62 -12.12 13.17 12.02
CA GLY C 62 -12.79 14.18 12.84
C GLY C 62 -12.27 15.61 12.81
N SER C 63 -10.97 15.79 12.65
CA SER C 63 -10.40 17.13 12.63
C SER C 63 -9.40 17.32 11.49
N LYS C 73 4.35 22.62 2.39
CA LYS C 73 4.51 21.81 3.60
C LYS C 73 5.13 20.46 3.25
N LEU C 74 4.71 19.87 2.14
CA LEU C 74 5.25 18.60 1.71
C LEU C 74 6.73 18.81 1.44
N ASP C 75 7.07 20.05 1.05
CA ASP C 75 8.44 20.45 0.77
C ASP C 75 9.26 20.36 2.04
N VAL C 76 8.68 20.82 3.13
CA VAL C 76 9.35 20.80 4.43
C VAL C 76 9.52 19.41 4.97
N LEU C 77 8.45 18.61 4.88
CA LEU C 77 8.48 17.24 5.35
C LEU C 77 9.55 16.48 4.60
N SER C 78 9.54 16.54 3.28
CA SER C 78 10.54 15.86 2.46
C SER C 78 11.94 16.18 2.97
N ASN C 79 12.18 17.44 3.30
CA ASN C 79 13.48 17.85 3.79
C ASN C 79 13.82 17.27 5.17
N ASP C 80 12.83 17.18 6.05
CA ASP C 80 13.04 16.62 7.38
C ASP C 80 13.39 15.14 7.28
N LEU C 81 12.69 14.42 6.43
CA LEU C 81 12.95 13.01 6.24
C LEU C 81 14.42 12.85 5.87
N VAL C 82 14.80 13.41 4.72
CA VAL C 82 16.15 13.33 4.20
C VAL C 82 17.20 13.80 5.21
N MET C 83 16.97 14.97 5.79
CA MET C 83 17.89 15.55 6.75
C MET C 83 18.06 14.59 7.93
N ASN C 84 16.96 14.16 8.50
CA ASN C 84 17.01 13.28 9.65
C ASN C 84 17.56 11.89 9.40
N MET C 85 17.22 11.29 8.26
CA MET C 85 17.70 9.95 7.95
C MET C 85 19.20 9.93 7.72
N LEU C 86 19.72 11.03 7.17
CA LEU C 86 21.15 11.14 6.91
C LEU C 86 21.93 11.31 8.20
N LYS C 87 21.54 12.27 9.04
CA LYS C 87 22.24 12.47 10.30
C LYS C 87 22.29 11.16 11.08
N SER C 88 21.19 10.43 11.05
CA SER C 88 21.11 9.18 11.77
C SER C 88 22.04 8.13 11.15
N SER C 89 22.39 8.34 9.89
CA SER C 89 23.27 7.41 9.18
C SER C 89 24.63 7.27 9.83
N PHE C 90 25.04 8.31 10.55
CA PHE C 90 26.33 8.37 11.22
C PHE C 90 27.47 8.51 10.23
N ALA C 91 27.14 8.73 8.96
CA ALA C 91 28.16 8.88 7.92
C ALA C 91 28.19 10.25 7.24
N THR C 92 27.57 11.25 7.87
CA THR C 92 27.51 12.60 7.29
C THR C 92 28.12 13.64 8.21
N CYS C 93 28.64 14.73 7.65
CA CYS C 93 29.20 15.81 8.46
C CYS C 93 28.66 17.16 8.03
N VAL C 94 28.35 17.30 6.75
CA VAL C 94 27.81 18.55 6.22
C VAL C 94 26.76 18.27 5.18
N LEU C 95 25.58 18.84 5.37
CA LEU C 95 24.46 18.64 4.45
C LEU C 95 23.95 19.98 3.93
N VAL C 96 23.69 20.03 2.63
CA VAL C 96 23.17 21.24 1.99
C VAL C 96 21.85 20.85 1.34
N SER C 97 20.86 21.71 1.46
CA SER C 97 19.54 21.45 0.90
C SER C 97 18.89 22.68 0.27
N GLU C 98 18.21 22.48 -0.86
CA GLU C 98 17.56 23.62 -1.49
C GLU C 98 16.56 24.25 -0.52
N GLU C 99 16.30 23.61 0.62
CA GLU C 99 15.35 24.18 1.57
C GLU C 99 15.99 24.90 2.76
N ASP C 100 17.31 24.92 2.84
CA ASP C 100 17.95 25.58 3.96
C ASP C 100 18.92 26.68 3.59
N LYS C 101 18.79 27.83 4.24
CA LYS C 101 19.65 28.96 3.94
C LYS C 101 21.12 28.61 4.06
N HIS C 102 21.53 28.10 5.22
CA HIS C 102 22.94 27.75 5.39
C HIS C 102 23.12 26.24 5.39
N ALA C 103 24.36 25.80 5.22
CA ALA C 103 24.64 24.38 5.24
C ALA C 103 24.48 23.84 6.68
N ILE C 104 23.71 22.77 6.82
CA ILE C 104 23.51 22.18 8.13
C ILE C 104 24.75 21.41 8.54
N ILE C 105 25.25 21.66 9.76
CA ILE C 105 26.44 20.97 10.25
C ILE C 105 26.07 19.91 11.28
N VAL C 106 26.22 18.64 10.89
CA VAL C 106 25.91 17.49 11.75
C VAL C 106 26.61 17.39 13.09
N GLU C 107 25.81 17.19 14.14
CA GLU C 107 26.29 17.07 15.51
C GLU C 107 27.48 16.15 15.59
N PRO C 108 28.41 16.43 16.51
CA PRO C 108 29.62 15.63 16.70
C PRO C 108 29.39 14.13 16.92
N GLU C 109 28.34 13.78 17.66
CA GLU C 109 28.05 12.37 17.94
C GLU C 109 27.67 11.54 16.71
N LYS C 110 27.03 12.16 15.73
CA LYS C 110 26.61 11.42 14.54
C LYS C 110 27.40 11.75 13.27
N ARG C 111 28.60 12.29 13.43
CA ARG C 111 29.41 12.65 12.26
C ARG C 111 30.11 11.57 11.47
N GLY C 112 30.07 11.71 10.15
CA GLY C 112 30.72 10.78 9.24
C GLY C 112 31.68 11.54 8.36
N LYS C 113 32.07 10.95 7.22
CA LYS C 113 33.02 11.61 6.31
C LYS C 113 32.44 12.07 4.97
N TYR C 114 31.12 12.08 4.85
CA TYR C 114 30.50 12.50 3.59
C TYR C 114 29.66 13.77 3.70
N VAL C 115 29.67 14.53 2.61
CA VAL C 115 28.90 15.76 2.49
C VAL C 115 27.80 15.44 1.50
N VAL C 116 26.57 15.82 1.82
CA VAL C 116 25.47 15.53 0.91
C VAL C 116 24.79 16.81 0.46
N CYS C 117 24.64 16.96 -0.84
CA CYS C 117 23.98 18.14 -1.41
C CYS C 117 22.72 17.64 -2.06
N PHE C 118 21.58 18.17 -1.67
CA PHE C 118 20.36 17.67 -2.25
C PHE C 118 19.18 18.62 -2.28
N ASP C 119 18.29 18.33 -3.20
CA ASP C 119 17.05 19.05 -3.36
C ASP C 119 16.10 17.96 -2.86
N PRO C 120 15.44 18.18 -1.73
CA PRO C 120 14.53 17.14 -1.21
C PRO C 120 13.29 16.82 -2.07
N LEU C 121 12.69 17.83 -2.69
CA LEU C 121 11.51 17.62 -3.51
C LEU C 121 11.48 18.67 -4.60
N ASP C 122 12.28 18.47 -5.65
CA ASP C 122 12.36 19.44 -6.72
C ASP C 122 11.06 19.53 -7.53
N GLY C 123 10.72 20.75 -7.93
CA GLY C 123 9.51 20.97 -8.71
C GLY C 123 8.27 21.17 -7.87
N SER C 124 8.44 21.13 -6.56
CA SER C 124 7.33 21.29 -5.63
C SER C 124 6.40 22.44 -6.01
N SER C 125 6.99 23.58 -6.35
CA SER C 125 6.24 24.76 -6.73
C SER C 125 5.07 24.43 -7.68
N ASN C 126 5.27 23.43 -8.53
CA ASN C 126 4.22 23.00 -9.46
C ASN C 126 3.60 21.67 -9.06
N ILE C 127 3.67 21.32 -7.79
CA ILE C 127 3.11 20.06 -7.31
C ILE C 127 1.58 20.19 -7.21
N ASP C 128 1.08 21.40 -7.46
CA ASP C 128 -0.34 21.69 -7.41
C ASP C 128 -1.08 21.03 -8.57
N CYS C 129 -0.40 20.89 -9.70
CA CYS C 129 -0.98 20.28 -10.88
C CYS C 129 -0.49 18.84 -11.04
N LEU C 130 -0.19 18.19 -9.92
CA LEU C 130 0.28 16.82 -9.90
C LEU C 130 1.41 16.54 -10.90
N VAL C 131 2.16 17.56 -11.25
CA VAL C 131 3.26 17.38 -12.19
C VAL C 131 4.26 16.47 -11.49
N SER C 132 5.04 15.73 -12.27
CA SER C 132 6.03 14.84 -11.67
C SER C 132 6.96 15.71 -10.84
N VAL C 133 7.32 15.24 -9.65
CA VAL C 133 8.25 15.95 -8.79
C VAL C 133 9.31 14.92 -8.44
N GLY C 134 10.51 15.37 -8.08
CA GLY C 134 11.54 14.42 -7.76
C GLY C 134 12.43 14.86 -6.61
N THR C 135 13.47 14.07 -6.34
CA THR C 135 14.42 14.38 -5.28
C THR C 135 15.77 14.25 -5.95
N ILE C 136 16.70 15.13 -5.64
CA ILE C 136 18.02 15.06 -6.25
C ILE C 136 19.11 15.03 -5.17
N PHE C 137 20.10 14.16 -5.32
CA PHE C 137 21.16 14.08 -4.32
C PHE C 137 22.53 13.85 -4.92
N GLY C 138 23.53 14.49 -4.32
CA GLY C 138 24.90 14.36 -4.77
C GLY C 138 25.71 14.08 -3.52
N ILE C 139 26.63 13.12 -3.62
CA ILE C 139 27.44 12.76 -2.47
C ILE C 139 28.94 12.97 -2.69
N TYR C 140 29.54 13.76 -1.80
CA TYR C 140 30.98 14.06 -1.88
C TYR C 140 31.65 13.50 -0.66
N ARG C 141 32.98 13.48 -0.68
CA ARG C 141 33.77 12.99 0.43
C ARG C 141 34.43 14.27 0.93
N LYS C 142 34.25 14.61 2.19
CA LYS C 142 34.85 15.81 2.77
C LYS C 142 36.36 15.83 2.48
N LYS C 143 36.84 16.90 1.86
CA LYS C 143 38.25 16.99 1.49
C LYS C 143 39.20 17.53 2.54
N SER C 144 38.83 18.62 3.21
CA SER C 144 39.70 19.21 4.22
C SER C 144 39.58 18.54 5.60
N THR C 145 40.53 18.86 6.47
CA THR C 145 40.55 18.32 7.81
C THR C 145 40.09 19.33 8.85
N ASP C 146 39.56 20.45 8.40
CA ASP C 146 39.08 21.50 9.29
C ASP C 146 37.75 21.12 9.92
N GLU C 147 37.35 21.86 10.95
CA GLU C 147 36.06 21.61 11.59
C GLU C 147 35.07 21.79 10.46
N PRO C 148 34.09 20.88 10.32
CA PRO C 148 33.11 21.03 9.23
C PRO C 148 32.49 22.43 9.11
N SER C 149 32.24 22.83 7.87
CA SER C 149 31.65 24.12 7.53
C SER C 149 31.07 24.00 6.12
N GLU C 150 30.49 25.09 5.60
CA GLU C 150 29.92 25.03 4.24
C GLU C 150 31.01 24.94 3.19
N LYS C 151 32.23 25.24 3.60
CA LYS C 151 33.40 25.19 2.72
C LYS C 151 33.51 23.77 2.13
N ASP C 152 33.23 22.76 2.95
CA ASP C 152 33.30 21.37 2.53
C ASP C 152 32.30 21.00 1.46
N ALA C 153 31.41 21.93 1.14
CA ALA C 153 30.40 21.67 0.13
C ALA C 153 30.72 22.33 -1.20
N LEU C 154 31.75 23.17 -1.20
CA LEU C 154 32.13 23.88 -2.41
C LEU C 154 33.14 23.15 -3.31
N GLN C 155 32.89 21.88 -3.55
CA GLN C 155 33.73 21.03 -4.39
C GLN C 155 33.08 20.85 -5.75
N PRO C 156 33.90 20.77 -6.80
CA PRO C 156 33.53 20.58 -8.21
C PRO C 156 32.81 19.26 -8.47
N GLY C 157 31.78 19.29 -9.31
CA GLY C 157 31.05 18.08 -9.61
C GLY C 157 31.95 16.90 -9.92
N ARG C 158 33.16 17.20 -10.40
CA ARG C 158 34.15 16.19 -10.77
C ARG C 158 34.67 15.38 -9.58
N ASN C 159 34.32 15.81 -8.36
CA ASN C 159 34.73 15.15 -7.13
C ASN C 159 33.62 14.27 -6.52
N LEU C 160 32.48 14.23 -7.19
CA LEU C 160 31.34 13.43 -6.73
C LEU C 160 31.67 11.93 -6.58
N VAL C 161 31.22 11.35 -5.48
CA VAL C 161 31.43 9.94 -5.23
C VAL C 161 30.23 9.14 -5.74
N ALA C 162 29.05 9.72 -5.59
CA ALA C 162 27.85 9.09 -6.07
C ALA C 162 26.83 10.20 -6.27
N ALA C 163 25.91 9.98 -7.21
CA ALA C 163 24.89 10.97 -7.50
C ALA C 163 23.65 10.26 -8.01
N GLY C 164 22.50 10.90 -7.83
CA GLY C 164 21.28 10.27 -8.28
C GLY C 164 20.03 11.04 -7.96
N TYR C 165 18.91 10.52 -8.45
CA TYR C 165 17.64 11.18 -8.24
C TYR C 165 16.53 10.16 -8.20
N ALA C 166 15.44 10.53 -7.55
CA ALA C 166 14.28 9.67 -7.46
C ALA C 166 13.18 10.45 -8.14
N LEU C 167 12.50 9.82 -9.08
CA LEU C 167 11.41 10.47 -9.80
C LEU C 167 10.09 9.89 -9.35
N TYR C 168 9.24 10.75 -8.81
CA TYR C 168 7.93 10.33 -8.33
C TYR C 168 6.92 10.57 -9.46
N GLY C 169 7.02 9.76 -10.51
CA GLY C 169 6.13 9.89 -11.65
C GLY C 169 4.94 8.95 -11.57
N SER C 170 4.63 8.27 -12.66
CA SER C 170 3.53 7.31 -12.67
C SER C 170 3.95 6.19 -11.72
N ALA C 171 5.26 5.99 -11.66
CA ALA C 171 5.89 5.01 -10.79
C ALA C 171 7.04 5.75 -10.13
N THR C 172 7.58 5.20 -9.06
CA THR C 172 8.68 5.87 -8.40
C THR C 172 9.98 5.22 -8.81
N MET C 173 10.82 5.95 -9.53
CA MET C 173 12.08 5.39 -9.95
C MET C 173 13.28 6.10 -9.36
N LEU C 174 14.28 5.34 -8.95
CA LEU C 174 15.49 5.90 -8.38
C LEU C 174 16.67 5.61 -9.29
N VAL C 175 17.39 6.65 -9.70
CA VAL C 175 18.54 6.44 -10.57
C VAL C 175 19.83 6.80 -9.84
N LEU C 176 20.67 5.80 -9.65
CA LEU C 176 21.93 5.97 -8.93
C LEU C 176 23.15 5.85 -9.82
N ALA C 177 24.02 6.85 -9.74
CA ALA C 177 25.24 6.87 -10.54
C ALA C 177 26.47 6.81 -9.66
N MET C 178 27.31 5.81 -9.90
CA MET C 178 28.52 5.66 -9.13
C MET C 178 29.71 5.49 -10.06
N ASP C 179 30.85 5.15 -9.50
CA ASP C 179 32.03 4.97 -10.31
C ASP C 179 31.72 3.97 -11.43
N CYS C 180 31.13 2.85 -11.08
CA CYS C 180 30.79 1.82 -12.07
C CYS C 180 29.96 2.37 -13.24
N GLY C 181 28.81 2.94 -12.93
CA GLY C 181 27.96 3.49 -13.98
C GLY C 181 26.60 3.88 -13.45
N VAL C 182 25.60 3.97 -14.33
CA VAL C 182 24.26 4.33 -13.90
C VAL C 182 23.35 3.11 -13.85
N ASN C 183 22.50 3.03 -12.82
CA ASN C 183 21.59 1.90 -12.67
C ASN C 183 20.20 2.41 -12.30
N CYS C 184 19.17 1.88 -12.97
CA CYS C 184 17.80 2.30 -12.69
C CYS C 184 16.97 1.24 -11.94
N PHE C 185 16.41 1.66 -10.82
CA PHE C 185 15.62 0.79 -10.00
C PHE C 185 14.21 1.34 -9.96
N MET C 186 13.21 0.46 -9.94
CA MET C 186 11.82 0.88 -9.88
C MET C 186 11.34 0.47 -8.51
N LEU C 187 10.44 1.24 -7.93
CA LEU C 187 9.92 0.89 -6.62
C LEU C 187 8.67 0.01 -6.66
N ASP C 188 8.73 -1.11 -5.95
CA ASP C 188 7.59 -2.02 -5.85
C ASP C 188 7.03 -1.56 -4.52
N PRO C 189 6.01 -0.71 -4.58
CA PRO C 189 5.31 -0.14 -3.42
C PRO C 189 4.66 -1.22 -2.56
N ALA C 190 4.40 -2.36 -3.18
CA ALA C 190 3.78 -3.46 -2.46
C ALA C 190 4.71 -4.00 -1.38
N ILE C 191 6.01 -4.00 -1.63
CA ILE C 191 6.97 -4.53 -0.66
C ILE C 191 8.05 -3.53 -0.26
N GLY C 192 7.88 -2.28 -0.68
CA GLY C 192 8.85 -1.26 -0.33
C GLY C 192 10.24 -1.72 -0.68
N GLU C 193 10.47 -1.99 -1.95
CA GLU C 193 11.78 -2.47 -2.37
C GLU C 193 12.10 -1.91 -3.76
N PHE C 194 13.34 -1.46 -3.92
CA PHE C 194 13.80 -0.92 -5.20
C PHE C 194 14.38 -2.05 -6.06
N ILE C 195 13.66 -2.41 -7.13
CA ILE C 195 14.08 -3.49 -8.03
C ILE C 195 14.85 -2.99 -9.25
N LEU C 196 16.02 -3.56 -9.48
CA LEU C 196 16.85 -3.20 -10.61
C LEU C 196 16.13 -3.60 -11.90
N VAL C 197 15.85 -2.60 -12.74
CA VAL C 197 15.15 -2.84 -13.99
C VAL C 197 15.91 -2.30 -15.20
N ASP C 198 17.08 -1.74 -14.96
CA ASP C 198 17.91 -1.18 -16.02
C ASP C 198 19.35 -1.14 -15.51
N LYS C 199 20.16 -2.06 -16.00
CA LYS C 199 21.55 -2.16 -15.55
C LYS C 199 22.49 -1.42 -16.47
N ASP C 200 23.45 -0.70 -15.88
CA ASP C 200 24.45 0.08 -16.62
C ASP C 200 23.89 0.78 -17.85
N VAL C 201 23.20 1.90 -17.63
CA VAL C 201 22.60 2.65 -18.73
C VAL C 201 23.59 3.45 -19.58
N LYS C 202 23.19 3.70 -20.82
CA LYS C 202 23.99 4.47 -21.78
C LYS C 202 23.05 5.26 -22.70
N ILE C 203 23.16 6.58 -22.65
CA ILE C 203 22.29 7.44 -23.44
C ILE C 203 22.54 7.38 -24.94
N LYS C 204 21.46 7.42 -25.73
CA LYS C 204 21.59 7.37 -27.19
C LYS C 204 22.62 8.40 -27.64
N LYS C 205 23.38 8.07 -28.68
CA LYS C 205 24.41 8.98 -29.18
C LYS C 205 23.78 10.29 -29.63
N LYS C 206 22.63 10.17 -30.30
CA LYS C 206 21.90 11.32 -30.85
C LYS C 206 20.39 11.07 -30.73
N GLY C 207 19.65 12.03 -30.18
CA GLY C 207 18.21 11.87 -30.04
C GLY C 207 17.42 12.75 -30.98
N LYS C 208 16.09 12.80 -30.79
CA LYS C 208 15.23 13.65 -31.64
C LYS C 208 14.15 14.37 -30.84
N ILE C 209 14.55 14.87 -29.68
CA ILE C 209 13.65 15.59 -28.80
C ILE C 209 14.45 16.62 -28.05
N TYR C 210 13.99 17.87 -28.06
CA TYR C 210 14.67 18.90 -27.31
C TYR C 210 13.70 19.41 -26.25
N SER C 211 14.23 19.71 -25.07
CA SER C 211 13.43 20.22 -23.97
C SER C 211 13.96 21.56 -23.43
N LEU C 212 13.13 22.60 -23.49
CA LEU C 212 13.50 23.93 -22.96
C LEU C 212 12.33 24.89 -22.97
N ASN C 213 12.24 25.77 -21.97
CA ASN C 213 11.16 26.75 -21.88
C ASN C 213 11.37 27.82 -22.96
N GLU C 214 10.65 27.71 -24.08
CA GLU C 214 10.80 28.68 -25.17
C GLU C 214 10.09 30.00 -24.92
N GLY C 215 9.45 30.10 -23.77
CA GLY C 215 8.79 31.36 -23.43
C GLY C 215 9.84 32.45 -23.22
N TYR C 216 11.00 32.04 -22.70
CA TYR C 216 12.12 32.95 -22.46
C TYR C 216 12.86 33.28 -23.75
N ALA C 217 12.22 33.02 -24.90
CA ALA C 217 12.83 33.27 -26.20
C ALA C 217 13.33 34.69 -26.40
N LYS C 218 12.47 35.68 -26.15
CA LYS C 218 12.87 37.07 -26.30
C LYS C 218 14.19 37.37 -25.59
N ASP C 219 14.53 36.56 -24.58
CA ASP C 219 15.76 36.75 -23.79
C ASP C 219 16.90 35.78 -24.06
N PHE C 220 16.74 34.88 -25.02
CA PHE C 220 17.81 33.92 -25.31
C PHE C 220 18.98 34.62 -25.98
N ASP C 221 20.15 33.99 -25.94
CA ASP C 221 21.30 34.57 -26.59
C ASP C 221 21.07 34.12 -28.03
N PRO C 222 21.78 34.71 -29.00
CA PRO C 222 21.56 34.29 -30.38
C PRO C 222 21.92 32.83 -30.70
N ALA C 223 22.90 32.27 -30.02
CA ALA C 223 23.27 30.88 -30.29
C ALA C 223 22.16 29.91 -29.93
N VAL C 224 21.48 30.17 -28.82
CA VAL C 224 20.41 29.29 -28.39
C VAL C 224 19.24 29.46 -29.35
N THR C 225 19.06 30.67 -29.83
CA THR C 225 18.01 31.02 -30.79
C THR C 225 18.26 30.29 -32.11
N GLU C 226 19.52 30.27 -32.55
CA GLU C 226 19.86 29.59 -33.79
C GLU C 226 19.69 28.09 -33.61
N TYR C 227 20.28 27.56 -32.53
CA TYR C 227 20.22 26.13 -32.24
C TYR C 227 18.79 25.61 -32.28
N ILE C 228 17.85 26.39 -31.72
CA ILE C 228 16.45 26.01 -31.71
C ILE C 228 15.91 25.96 -33.14
N GLN C 229 16.22 27.00 -33.92
CA GLN C 229 15.80 27.08 -35.32
C GLN C 229 16.28 25.84 -36.03
N ARG C 230 17.48 25.40 -35.68
CA ARG C 230 18.09 24.22 -36.27
C ARG C 230 17.30 22.92 -36.06
N LYS C 231 16.51 22.85 -34.98
CA LYS C 231 15.74 21.64 -34.69
C LYS C 231 14.32 21.74 -35.27
N LYS C 232 13.79 22.96 -35.33
CA LYS C 232 12.45 23.19 -35.87
C LYS C 232 12.48 23.10 -37.39
N PHE C 233 13.59 23.59 -37.95
CA PHE C 233 13.80 23.62 -39.39
C PHE C 233 15.20 23.09 -39.62
N PRO C 234 15.36 21.75 -39.62
CA PRO C 234 16.67 21.14 -39.83
C PRO C 234 17.31 21.66 -41.10
N PRO C 235 18.52 22.20 -40.99
CA PRO C 235 19.24 22.74 -42.14
C PRO C 235 19.47 21.66 -43.20
N ASP C 236 19.56 20.41 -42.78
CA ASP C 236 19.77 19.28 -43.70
C ASP C 236 18.42 18.63 -44.01
N ASN C 237 17.38 19.45 -44.03
CA ASN C 237 16.02 18.99 -44.30
C ASN C 237 15.72 17.59 -43.78
N SER C 238 16.29 17.27 -42.62
CA SER C 238 16.04 15.97 -42.01
C SER C 238 14.69 16.21 -41.35
N ALA C 239 14.25 15.27 -40.51
CA ALA C 239 12.98 15.46 -39.83
C ALA C 239 13.24 16.38 -38.64
N PRO C 240 12.28 17.23 -38.30
CA PRO C 240 12.47 18.14 -37.15
C PRO C 240 12.36 17.38 -35.84
N TYR C 241 13.11 17.83 -34.84
CA TYR C 241 13.09 17.22 -33.53
C TYR C 241 11.72 17.40 -32.88
N GLY C 242 11.43 16.60 -31.87
CA GLY C 242 10.16 16.76 -31.17
C GLY C 242 10.48 17.58 -29.94
N ALA C 243 9.48 18.26 -29.37
CA ALA C 243 9.73 19.07 -28.18
C ALA C 243 8.85 18.65 -27.00
N ARG C 244 9.45 18.62 -25.81
CA ARG C 244 8.75 18.26 -24.58
C ARG C 244 9.34 19.09 -23.44
N TYR C 245 8.48 19.60 -22.56
CA TYR C 245 8.96 20.36 -21.42
C TYR C 245 8.01 20.26 -20.22
N VAL C 246 8.31 19.34 -19.32
CA VAL C 246 7.51 19.12 -18.13
C VAL C 246 7.59 20.32 -17.20
N GLY C 247 8.76 20.94 -17.16
CA GLY C 247 8.93 22.06 -16.28
C GLY C 247 9.67 21.59 -15.05
N SER C 248 9.67 20.28 -14.83
CA SER C 248 10.37 19.72 -13.68
C SER C 248 11.68 19.14 -14.17
N MET C 249 12.79 19.61 -13.60
CA MET C 249 14.10 19.12 -14.00
C MET C 249 14.22 17.59 -14.03
N VAL C 250 13.99 16.93 -12.90
CA VAL C 250 14.09 15.49 -12.88
C VAL C 250 13.26 14.85 -13.99
N ALA C 251 12.02 15.29 -14.13
CA ALA C 251 11.15 14.77 -15.18
C ALA C 251 11.82 14.89 -16.54
N ASP C 252 12.20 16.11 -16.90
CA ASP C 252 12.84 16.37 -18.20
C ASP C 252 14.17 15.66 -18.38
N VAL C 253 15.06 15.76 -17.39
CA VAL C 253 16.37 15.14 -17.47
C VAL C 253 16.31 13.62 -17.62
N HIS C 254 15.35 13.01 -16.95
CA HIS C 254 15.20 11.56 -17.02
C HIS C 254 14.67 11.12 -18.36
N ARG C 255 13.83 11.95 -18.98
CA ARG C 255 13.30 11.60 -20.28
C ARG C 255 14.48 11.64 -21.24
N THR C 256 15.33 12.64 -21.07
CA THR C 256 16.50 12.81 -21.91
C THR C 256 17.48 11.65 -21.77
N LEU C 257 17.47 11.00 -20.62
CA LEU C 257 18.36 9.87 -20.41
C LEU C 257 17.81 8.63 -21.14
N VAL C 258 16.51 8.41 -20.99
CA VAL C 258 15.81 7.28 -21.60
C VAL C 258 15.64 7.32 -23.11
N TYR C 259 15.02 8.38 -23.63
CA TYR C 259 14.81 8.49 -25.07
C TYR C 259 15.93 9.21 -25.80
N GLY C 260 16.82 9.83 -25.05
CA GLY C 260 17.91 10.56 -25.67
C GLY C 260 17.40 11.94 -26.06
N GLY C 261 18.31 12.86 -26.34
CA GLY C 261 17.86 14.18 -26.72
C GLY C 261 18.69 15.25 -26.08
N ILE C 262 18.11 16.44 -25.96
CA ILE C 262 18.85 17.52 -25.36
C ILE C 262 18.03 18.39 -24.42
N PHE C 263 18.59 18.66 -23.24
CA PHE C 263 17.91 19.49 -22.24
C PHE C 263 18.64 20.81 -22.05
N LEU C 264 17.92 21.91 -22.26
CA LEU C 264 18.50 23.22 -22.11
C LEU C 264 17.80 24.13 -21.12
N TYR C 265 18.63 24.83 -20.35
CA TYR C 265 18.21 25.83 -19.40
C TYR C 265 19.40 26.76 -19.27
N PRO C 266 19.67 27.48 -20.36
CA PRO C 266 20.77 28.44 -20.51
C PRO C 266 20.47 29.77 -19.84
N ALA C 267 21.48 30.62 -19.79
CA ALA C 267 21.31 31.92 -19.19
C ALA C 267 20.40 32.77 -20.06
N ASN C 268 19.87 33.85 -19.49
CA ASN C 268 19.00 34.77 -20.23
C ASN C 268 18.91 36.11 -19.50
N LYS C 269 17.68 36.55 -19.21
CA LYS C 269 17.47 37.81 -18.52
C LYS C 269 17.62 37.66 -17.02
N LYS C 270 17.26 36.49 -16.49
CA LYS C 270 17.38 36.28 -15.06
C LYS C 270 18.79 36.58 -14.61
N SER C 271 19.75 36.21 -15.45
CA SER C 271 21.16 36.46 -15.20
C SER C 271 21.95 35.39 -15.90
N PRO C 272 23.00 35.79 -16.60
CA PRO C 272 23.84 34.82 -17.31
C PRO C 272 24.33 33.75 -16.36
N ASN C 273 23.86 33.83 -15.11
CA ASN C 273 24.23 32.89 -14.08
C ASN C 273 23.33 31.68 -14.12
N GLY C 274 22.34 31.71 -15.01
CA GLY C 274 21.43 30.58 -15.14
C GLY C 274 20.33 30.47 -14.10
N LYS C 275 19.42 29.52 -14.30
CA LYS C 275 18.33 29.34 -13.37
C LYS C 275 18.49 28.13 -12.44
N LEU C 276 19.02 27.02 -12.94
CA LEU C 276 19.20 25.84 -12.10
C LEU C 276 20.39 25.94 -11.14
N ARG C 277 20.30 25.27 -9.99
CA ARG C 277 21.39 25.32 -8.99
C ARG C 277 22.53 24.34 -9.31
N LEU C 278 23.75 24.78 -9.08
CA LEU C 278 24.89 23.93 -9.39
C LEU C 278 25.10 22.74 -8.44
N LEU C 279 25.16 22.99 -7.14
CA LEU C 279 25.40 21.93 -6.16
C LEU C 279 24.38 20.80 -5.98
N TYR C 280 23.09 21.07 -6.17
CA TYR C 280 22.10 20.03 -6.01
C TYR C 280 21.09 19.87 -7.14
N GLU C 281 21.51 20.13 -8.36
CA GLU C 281 20.64 19.97 -9.53
C GLU C 281 21.51 19.71 -10.75
N CYS C 282 22.38 20.67 -11.04
CA CYS C 282 23.28 20.57 -12.19
C CYS C 282 24.34 19.48 -12.02
N ASN C 283 25.27 19.67 -11.09
CA ASN C 283 26.31 18.67 -10.86
C ASN C 283 25.74 17.25 -10.81
N PRO C 284 24.78 17.01 -9.91
CA PRO C 284 24.21 15.66 -9.80
C PRO C 284 23.80 15.05 -11.15
N MET C 285 23.01 15.77 -11.94
CA MET C 285 22.55 15.29 -13.25
C MET C 285 23.70 15.15 -14.24
N ALA C 286 24.63 16.10 -14.18
CA ALA C 286 25.80 16.09 -15.06
C ALA C 286 26.59 14.82 -14.78
N TYR C 287 26.71 14.50 -13.51
CA TYR C 287 27.43 13.33 -13.09
C TYR C 287 26.77 12.11 -13.66
N VAL C 288 25.46 12.04 -13.50
CA VAL C 288 24.68 10.91 -14.01
C VAL C 288 24.78 10.89 -15.54
N MET C 289 24.60 12.05 -16.16
CA MET C 289 24.69 12.12 -17.61
C MET C 289 26.05 11.63 -18.07
N GLU C 290 27.12 12.25 -17.56
CA GLU C 290 28.45 11.83 -17.97
C GLU C 290 28.69 10.32 -17.76
N LYS C 291 28.21 9.76 -16.64
CA LYS C 291 28.40 8.34 -16.39
C LYS C 291 27.57 7.47 -17.32
N ALA C 292 26.48 8.02 -17.84
CA ALA C 292 25.64 7.27 -18.75
C ALA C 292 26.23 7.38 -20.16
N GLY C 293 27.14 8.32 -20.36
CA GLY C 293 27.76 8.46 -21.67
C GLY C 293 27.38 9.71 -22.45
N GLY C 294 26.72 10.64 -21.78
CA GLY C 294 26.31 11.86 -22.44
C GLY C 294 27.22 13.01 -22.08
N MET C 295 26.72 14.22 -22.30
CA MET C 295 27.47 15.42 -21.99
C MET C 295 26.61 16.44 -21.24
N ALA C 296 27.26 17.25 -20.43
CA ALA C 296 26.58 18.29 -19.66
C ALA C 296 27.50 19.52 -19.55
N THR C 297 27.19 20.55 -20.34
CA THR C 297 28.00 21.76 -20.36
C THR C 297 27.20 23.02 -20.02
N THR C 298 27.93 24.11 -19.85
CA THR C 298 27.34 25.42 -19.53
C THR C 298 27.54 26.33 -20.74
N GLY C 299 28.23 25.82 -21.74
CA GLY C 299 28.51 26.59 -22.93
C GLY C 299 29.96 27.05 -22.87
N LYS C 300 30.42 27.38 -21.67
CA LYS C 300 31.78 27.84 -21.47
C LYS C 300 32.70 26.72 -21.00
N GLU C 301 32.15 25.79 -20.23
CA GLU C 301 32.94 24.67 -19.75
C GLU C 301 32.05 23.55 -19.30
N ALA C 302 32.66 22.49 -18.78
CA ALA C 302 31.93 21.34 -18.29
C ALA C 302 31.36 21.64 -16.91
N VAL C 303 30.07 21.39 -16.72
CA VAL C 303 29.43 21.65 -15.43
C VAL C 303 30.26 21.12 -14.28
N LEU C 304 30.64 19.86 -14.37
CA LEU C 304 31.41 19.25 -13.30
C LEU C 304 32.76 19.93 -13.08
N ASP C 305 33.26 20.63 -14.09
CA ASP C 305 34.55 21.30 -13.94
C ASP C 305 34.39 22.63 -13.23
N VAL C 306 33.18 23.16 -13.21
CA VAL C 306 32.94 24.43 -12.56
C VAL C 306 33.14 24.28 -11.07
N ILE C 307 33.93 25.19 -10.50
CA ILE C 307 34.23 25.19 -9.06
C ILE C 307 33.30 26.08 -8.24
N PRO C 308 32.39 25.48 -7.46
CA PRO C 308 31.44 26.22 -6.63
C PRO C 308 32.08 27.36 -5.82
N THR C 309 31.29 28.38 -5.53
CA THR C 309 31.71 29.56 -4.79
C THR C 309 30.78 29.76 -3.60
N ASP C 310 29.48 29.67 -3.88
CA ASP C 310 28.42 29.79 -2.87
C ASP C 310 27.52 28.56 -3.07
N ILE C 311 26.93 28.04 -1.99
CA ILE C 311 26.13 26.82 -2.10
C ILE C 311 24.81 26.85 -2.86
N HIS C 312 24.27 28.02 -3.14
CA HIS C 312 23.02 28.07 -3.88
C HIS C 312 23.22 28.71 -5.23
N GLN C 313 24.49 28.84 -5.57
CA GLN C 313 24.98 29.39 -6.81
C GLN C 313 24.33 28.70 -8.02
N ARG C 314 23.91 29.50 -9.00
CA ARG C 314 23.24 28.95 -10.17
C ARG C 314 24.22 28.64 -11.30
N ALA C 315 23.72 28.04 -12.38
CA ALA C 315 24.55 27.68 -13.54
C ALA C 315 23.72 27.39 -14.77
N PRO C 316 24.26 27.66 -15.95
CA PRO C 316 23.49 27.39 -17.17
C PRO C 316 23.74 25.92 -17.51
N VAL C 317 22.75 25.23 -18.06
CA VAL C 317 22.96 23.82 -18.37
C VAL C 317 22.43 23.35 -19.71
N ILE C 318 23.25 22.57 -20.39
CA ILE C 318 22.89 21.96 -21.65
C ILE C 318 23.43 20.54 -21.52
N LEU C 319 22.54 19.56 -21.55
CA LEU C 319 22.95 18.17 -21.43
C LEU C 319 22.05 17.23 -22.21
N GLY C 320 22.58 16.04 -22.53
CA GLY C 320 21.84 15.06 -23.28
C GLY C 320 22.75 14.19 -24.14
N SER C 321 22.24 13.70 -25.26
CA SER C 321 23.06 12.87 -26.14
C SER C 321 24.31 13.64 -26.55
N PRO C 322 25.46 12.96 -26.69
CA PRO C 322 26.73 13.57 -27.08
C PRO C 322 26.64 14.43 -28.34
N ASP C 323 26.12 13.85 -29.40
CA ASP C 323 25.98 14.54 -30.67
C ASP C 323 25.23 15.88 -30.55
N ASP C 324 24.14 15.89 -29.80
CA ASP C 324 23.33 17.09 -29.64
C ASP C 324 24.06 18.20 -28.89
N VAL C 325 24.66 17.87 -27.73
CA VAL C 325 25.39 18.85 -26.94
C VAL C 325 26.52 19.44 -27.78
N LEU C 326 27.22 18.58 -28.52
CA LEU C 326 28.32 19.02 -29.36
C LEU C 326 27.84 20.01 -30.43
N GLU C 327 26.66 19.74 -31.01
CA GLU C 327 26.10 20.64 -32.02
C GLU C 327 25.88 22.00 -31.39
N PHE C 328 25.21 22.00 -30.23
CA PHE C 328 24.95 23.25 -29.53
C PHE C 328 26.24 24.02 -29.32
N LEU C 329 27.29 23.31 -28.93
CA LEU C 329 28.59 23.93 -28.68
C LEU C 329 29.22 24.42 -29.98
N LYS C 330 29.00 23.68 -31.06
CA LYS C 330 29.51 24.07 -32.36
C LYS C 330 28.94 25.46 -32.63
N VAL C 331 27.63 25.56 -32.53
CA VAL C 331 26.92 26.83 -32.73
C VAL C 331 27.29 27.85 -31.68
N TYR C 332 27.52 27.39 -30.46
CA TYR C 332 27.88 28.34 -29.43
C TYR C 332 29.21 28.97 -29.78
N GLU C 333 30.09 28.20 -30.40
CA GLU C 333 31.38 28.79 -30.77
C GLU C 333 31.17 29.84 -31.85
N LYS C 334 30.34 29.51 -32.84
CA LYS C 334 30.02 30.40 -33.94
C LYS C 334 29.81 31.82 -33.44
N HIS C 335 28.93 32.00 -32.46
CA HIS C 335 28.66 33.33 -31.94
C HIS C 335 29.59 33.79 -30.82
N SER C 336 30.76 33.15 -30.69
CA SER C 336 31.72 33.52 -29.64
C SER C 336 33.01 34.10 -30.20
N ALA C 337 33.78 34.65 -29.40
N ASP D 10 -17.12 19.47 6.58
CA ASP D 10 -17.12 18.00 6.84
C ASP D 10 -16.18 17.30 5.87
N VAL D 11 -16.28 15.97 5.82
CA VAL D 11 -15.43 15.18 4.92
C VAL D 11 -16.24 14.31 3.98
N ASN D 12 -15.95 14.41 2.68
CA ASN D 12 -16.68 13.62 1.70
C ASN D 12 -15.79 12.80 0.77
N THR D 13 -16.37 11.77 0.18
CA THR D 13 -15.62 10.90 -0.74
C THR D 13 -16.29 10.86 -2.09
N LEU D 14 -15.65 10.25 -3.07
CA LEU D 14 -16.26 10.19 -4.39
C LEU D 14 -17.60 9.49 -4.29
N THR D 15 -17.59 8.28 -3.72
CA THR D 15 -18.81 7.49 -3.57
C THR D 15 -19.92 8.27 -2.90
N ARG D 16 -19.66 8.76 -1.69
CA ARG D 16 -20.66 9.54 -0.94
C ARG D 16 -21.15 10.75 -1.77
N PHE D 17 -20.22 11.39 -2.47
CA PHE D 17 -20.57 12.51 -3.30
C PHE D 17 -21.64 12.11 -4.29
N VAL D 18 -21.30 11.14 -5.12
CA VAL D 18 -22.22 10.62 -6.15
C VAL D 18 -23.53 10.12 -5.55
N MET D 19 -23.45 9.48 -4.39
CA MET D 19 -24.65 8.95 -3.76
C MET D 19 -25.62 10.02 -3.34
N GLU D 20 -25.12 11.15 -2.87
CA GLU D 20 -26.01 12.22 -2.47
C GLU D 20 -26.61 12.87 -3.71
N GLU D 21 -25.80 13.06 -4.75
CA GLU D 21 -26.34 13.62 -5.98
C GLU D 21 -27.45 12.70 -6.49
N GLY D 22 -27.22 11.40 -6.34
CA GLY D 22 -28.18 10.40 -6.78
C GLY D 22 -29.51 10.49 -6.04
N ARG D 23 -29.46 10.69 -4.73
CA ARG D 23 -30.68 10.81 -3.95
C ARG D 23 -31.38 12.10 -4.32
N LYS D 24 -30.61 13.16 -4.53
CA LYS D 24 -31.19 14.44 -4.88
C LYS D 24 -32.11 14.30 -6.08
N ALA D 25 -31.54 13.80 -7.18
CA ALA D 25 -32.29 13.66 -8.40
C ALA D 25 -33.26 12.47 -8.41
N ARG D 26 -33.24 11.68 -7.34
CA ARG D 26 -34.13 10.51 -7.26
C ARG D 26 -34.17 9.66 -8.52
N GLY D 27 -33.00 9.31 -9.06
CA GLY D 27 -32.97 8.51 -10.27
C GLY D 27 -33.06 7.01 -10.06
N THR D 28 -32.58 6.25 -11.05
CA THR D 28 -32.60 4.79 -10.99
C THR D 28 -31.45 4.25 -10.18
N GLY D 29 -30.31 4.93 -10.27
CA GLY D 29 -29.11 4.50 -9.56
C GLY D 29 -28.08 3.95 -10.53
N GLU D 30 -28.49 3.75 -11.79
CA GLU D 30 -27.60 3.23 -12.81
C GLU D 30 -26.31 4.04 -12.95
N LEU D 31 -26.46 5.36 -13.07
CA LEU D 31 -25.31 6.24 -13.22
C LEU D 31 -24.43 6.12 -11.98
N THR D 32 -25.06 6.07 -10.81
CA THR D 32 -24.32 5.94 -9.57
C THR D 32 -23.45 4.69 -9.62
N GLN D 33 -24.06 3.54 -9.97
CA GLN D 33 -23.31 2.29 -10.08
C GLN D 33 -22.26 2.40 -11.15
N LEU D 34 -22.65 2.98 -12.27
CA LEU D 34 -21.76 3.16 -13.41
C LEU D 34 -20.51 3.90 -12.92
N LEU D 35 -20.71 5.02 -12.24
CA LEU D 35 -19.59 5.80 -11.75
C LEU D 35 -18.75 5.05 -10.74
N ASN D 36 -19.38 4.24 -9.88
CA ASN D 36 -18.62 3.47 -8.88
C ASN D 36 -17.70 2.45 -9.55
N SER D 37 -18.22 1.72 -10.53
CA SER D 37 -17.43 0.72 -11.26
C SER D 37 -16.20 1.37 -11.87
N LEU D 38 -16.43 2.49 -12.54
CA LEU D 38 -15.37 3.26 -13.18
C LEU D 38 -14.35 3.66 -12.12
N CYS D 39 -14.86 3.98 -10.94
CA CYS D 39 -14.05 4.39 -9.80
C CYS D 39 -13.09 3.29 -9.37
N THR D 40 -13.62 2.10 -9.10
CA THR D 40 -12.79 0.97 -8.69
C THR D 40 -11.85 0.64 -9.83
N ALA D 41 -12.31 0.88 -11.05
CA ALA D 41 -11.50 0.63 -12.23
C ALA D 41 -10.27 1.53 -12.19
N VAL D 42 -10.47 2.80 -11.85
CA VAL D 42 -9.34 3.72 -11.79
C VAL D 42 -8.39 3.34 -10.67
N LYS D 43 -8.93 2.86 -9.56
CA LYS D 43 -8.05 2.47 -8.46
C LYS D 43 -7.22 1.26 -8.87
N ALA D 44 -7.81 0.39 -9.68
CA ALA D 44 -7.09 -0.79 -10.14
C ALA D 44 -5.93 -0.31 -11.00
N ILE D 45 -6.26 0.49 -12.01
CA ILE D 45 -5.26 1.04 -12.94
C ILE D 45 -4.10 1.71 -12.23
N SER D 46 -4.43 2.51 -11.22
CA SER D 46 -3.42 3.24 -10.47
C SER D 46 -2.46 2.28 -9.76
N SER D 47 -2.99 1.19 -9.24
CA SER D 47 -2.10 0.25 -8.58
C SER D 47 -1.13 -0.28 -9.61
N ALA D 48 -1.65 -0.64 -10.77
CA ALA D 48 -0.83 -1.18 -11.86
C ALA D 48 0.27 -0.20 -12.26
N VAL D 49 -0.14 1.01 -12.60
CA VAL D 49 0.76 2.07 -13.02
C VAL D 49 1.91 2.33 -12.06
N ARG D 50 1.63 2.37 -10.78
CA ARG D 50 2.72 2.61 -9.83
C ARG D 50 3.58 1.38 -9.65
N LYS D 51 3.38 0.37 -10.50
CA LYS D 51 4.15 -0.86 -10.44
C LYS D 51 3.92 -1.69 -9.18
N ALA D 52 2.65 -1.87 -8.78
CA ALA D 52 2.33 -2.64 -7.58
C ALA D 52 3.28 -3.80 -7.28
N GLY D 53 3.07 -4.94 -7.92
CA GLY D 53 3.92 -6.09 -7.66
C GLY D 53 4.97 -6.37 -8.74
N ILE D 54 5.71 -5.34 -9.11
CA ILE D 54 6.71 -5.47 -10.14
C ILE D 54 7.85 -6.45 -9.80
N ALA D 55 8.05 -6.73 -8.52
CA ALA D 55 9.12 -7.64 -8.10
C ALA D 55 8.83 -9.08 -8.52
N HIS D 56 7.55 -9.43 -8.62
CA HIS D 56 7.15 -10.78 -9.03
C HIS D 56 7.33 -10.92 -10.53
N LEU D 57 7.64 -9.82 -11.20
CA LEU D 57 7.87 -9.85 -12.64
C LEU D 57 9.36 -9.90 -12.89
N TYR D 58 10.15 -9.65 -11.85
CA TYR D 58 11.60 -9.67 -11.96
C TYR D 58 12.26 -10.74 -11.11
N GLY D 59 11.61 -11.91 -11.03
CA GLY D 59 12.16 -13.05 -10.31
C GLY D 59 12.30 -13.10 -8.80
N ILE D 60 11.44 -12.40 -8.06
CA ILE D 60 11.51 -12.42 -6.61
C ILE D 60 10.98 -13.78 -6.13
N ALA D 61 10.08 -14.37 -6.92
CA ALA D 61 9.47 -15.66 -6.60
C ALA D 61 10.09 -16.77 -7.45
N GLY D 62 10.89 -16.37 -8.43
CA GLY D 62 11.54 -17.36 -9.28
C GLY D 62 11.30 -17.37 -10.79
N SER D 63 10.38 -16.55 -11.30
CA SER D 63 10.13 -16.55 -12.75
C SER D 63 9.80 -15.17 -13.31
N LYS D 73 1.01 -3.33 -22.88
CA LYS D 73 0.51 -4.28 -21.89
C LYS D 73 -0.23 -3.55 -20.77
N LEU D 74 0.38 -2.46 -20.29
CA LEU D 74 -0.24 -1.68 -19.24
C LEU D 74 -1.42 -0.98 -19.91
N ASP D 75 -1.38 -0.96 -21.24
CA ASP D 75 -2.43 -0.38 -22.07
C ASP D 75 -3.61 -1.36 -22.11
N VAL D 76 -3.30 -2.62 -22.41
CA VAL D 76 -4.31 -3.65 -22.48
C VAL D 76 -4.85 -3.98 -21.10
N LEU D 77 -3.96 -3.98 -20.10
CA LEU D 77 -4.40 -4.26 -18.75
C LEU D 77 -5.44 -3.22 -18.30
N SER D 78 -5.16 -1.96 -18.58
CA SER D 78 -6.09 -0.91 -18.22
C SER D 78 -7.40 -1.05 -18.97
N ASN D 79 -7.31 -1.34 -20.27
CA ASN D 79 -8.51 -1.48 -21.09
C ASN D 79 -9.42 -2.57 -20.55
N ASP D 80 -8.82 -3.73 -20.24
CA ASP D 80 -9.56 -4.86 -19.71
C ASP D 80 -10.25 -4.45 -18.43
N LEU D 81 -9.53 -3.69 -17.61
CA LEU D 81 -10.07 -3.20 -16.35
C LEU D 81 -11.32 -2.36 -16.56
N VAL D 82 -11.25 -1.37 -17.44
CA VAL D 82 -12.41 -0.54 -17.64
C VAL D 82 -13.51 -1.38 -18.27
N MET D 83 -13.16 -2.03 -19.37
CA MET D 83 -14.08 -2.87 -20.12
C MET D 83 -14.84 -3.84 -19.21
N ASN D 84 -14.11 -4.57 -18.38
CA ASN D 84 -14.77 -5.52 -17.49
C ASN D 84 -15.67 -4.81 -16.48
N MET D 85 -15.07 -3.93 -15.68
CA MET D 85 -15.77 -3.14 -14.66
C MET D 85 -17.10 -2.57 -15.10
N LEU D 86 -17.12 -1.94 -16.27
CA LEU D 86 -18.33 -1.34 -16.79
C LEU D 86 -19.42 -2.37 -17.13
N LYS D 87 -19.03 -3.45 -17.80
CA LYS D 87 -20.00 -4.48 -18.17
C LYS D 87 -20.57 -5.12 -16.91
N SER D 88 -19.78 -5.08 -15.84
CA SER D 88 -20.18 -5.66 -14.57
C SER D 88 -21.21 -4.81 -13.83
N SER D 89 -21.24 -3.52 -14.13
CA SER D 89 -22.14 -2.59 -13.47
C SER D 89 -23.59 -2.72 -13.91
N PHE D 90 -23.83 -3.27 -15.08
CA PHE D 90 -25.18 -3.40 -15.59
C PHE D 90 -25.74 -2.02 -15.91
N ALA D 91 -24.87 -1.05 -16.18
CA ALA D 91 -25.36 0.29 -16.50
C ALA D 91 -25.05 0.70 -17.97
N THR D 92 -24.18 -0.08 -18.64
CA THR D 92 -23.80 0.21 -20.02
C THR D 92 -24.37 -0.75 -21.05
N CYS D 93 -24.24 -0.37 -22.31
CA CYS D 93 -24.71 -1.18 -23.42
C CYS D 93 -23.74 -1.05 -24.60
N VAL D 94 -23.06 0.08 -24.66
CA VAL D 94 -22.11 0.35 -25.73
C VAL D 94 -20.86 1.05 -25.22
N LEU D 95 -19.73 0.35 -25.30
CA LEU D 95 -18.45 0.89 -24.86
C LEU D 95 -17.55 1.17 -26.05
N VAL D 96 -16.95 2.35 -26.07
CA VAL D 96 -16.07 2.75 -27.15
C VAL D 96 -14.73 3.08 -26.51
N SER D 97 -13.68 2.35 -26.89
CA SER D 97 -12.35 2.56 -26.33
C SER D 97 -11.33 2.93 -27.40
N GLU D 98 -10.25 3.59 -27.00
CA GLU D 98 -9.21 3.97 -27.96
C GLU D 98 -8.44 2.73 -28.41
N GLU D 99 -8.38 1.71 -27.56
CA GLU D 99 -7.65 0.48 -27.85
C GLU D 99 -8.41 -0.46 -28.76
N ASP D 100 -9.71 -0.25 -28.91
CA ASP D 100 -10.52 -1.12 -29.74
C ASP D 100 -11.02 -0.50 -31.03
N LYS D 101 -10.92 -1.28 -32.10
CA LYS D 101 -11.33 -0.86 -33.43
C LYS D 101 -12.82 -0.61 -33.51
N HIS D 102 -13.61 -1.63 -33.19
CA HIS D 102 -15.06 -1.50 -33.22
C HIS D 102 -15.56 -1.21 -31.83
N ALA D 103 -16.82 -0.79 -31.75
CA ALA D 103 -17.44 -0.49 -30.47
C ALA D 103 -17.88 -1.81 -29.87
N ILE D 104 -17.63 -2.01 -28.59
CA ILE D 104 -18.04 -3.24 -27.94
C ILE D 104 -19.53 -3.14 -27.58
N ILE D 105 -20.34 -4.09 -28.00
CA ILE D 105 -21.77 -4.06 -27.66
C ILE D 105 -21.95 -5.04 -26.52
N VAL D 106 -22.30 -4.53 -25.36
CA VAL D 106 -22.47 -5.34 -24.16
C VAL D 106 -23.48 -6.47 -24.30
N GLU D 107 -23.21 -7.59 -23.63
CA GLU D 107 -24.08 -8.76 -23.65
C GLU D 107 -25.45 -8.26 -23.21
N PRO D 108 -26.53 -8.93 -23.66
CA PRO D 108 -27.89 -8.51 -23.28
C PRO D 108 -28.30 -8.72 -21.81
N GLU D 109 -27.53 -9.50 -21.07
CA GLU D 109 -27.88 -9.75 -19.67
C GLU D 109 -27.28 -8.71 -18.76
N LYS D 110 -26.37 -7.91 -19.28
CA LYS D 110 -25.72 -6.88 -18.47
C LYS D 110 -25.91 -5.47 -19.04
N ARG D 111 -26.92 -5.27 -19.88
CA ARG D 111 -27.14 -3.97 -20.48
C ARG D 111 -27.83 -2.96 -19.60
N GLY D 112 -27.34 -1.72 -19.69
CA GLY D 112 -27.92 -0.61 -18.96
C GLY D 112 -28.27 0.43 -20.02
N LYS D 113 -28.65 1.63 -19.61
CA LYS D 113 -29.01 2.66 -20.57
C LYS D 113 -27.90 3.67 -20.82
N TYR D 114 -26.65 3.29 -20.57
CA TYR D 114 -25.54 4.24 -20.77
C TYR D 114 -24.48 3.85 -21.80
N VAL D 115 -24.03 4.86 -22.56
CA VAL D 115 -22.99 4.69 -23.57
C VAL D 115 -21.74 5.35 -23.01
N VAL D 116 -20.66 4.59 -22.90
CA VAL D 116 -19.43 5.14 -22.35
C VAL D 116 -18.28 5.12 -23.34
N CYS D 117 -17.63 6.27 -23.51
CA CYS D 117 -16.49 6.38 -24.41
C CYS D 117 -15.30 6.67 -23.53
N PHE D 118 -14.16 6.05 -23.79
CA PHE D 118 -13.00 6.30 -22.94
C PHE D 118 -11.65 5.96 -23.50
N ASP D 119 -10.62 6.47 -22.84
CA ASP D 119 -9.24 6.18 -23.17
C ASP D 119 -8.67 5.69 -21.83
N PRO D 120 -8.55 4.37 -21.69
CA PRO D 120 -8.05 3.74 -20.47
C PRO D 120 -6.70 4.23 -20.02
N LEU D 121 -5.78 4.44 -20.95
CA LEU D 121 -4.46 4.92 -20.55
C LEU D 121 -3.85 5.81 -21.60
N ASP D 122 -4.03 7.11 -21.43
CA ASP D 122 -3.50 8.09 -22.36
C ASP D 122 -2.06 8.46 -22.00
N GLY D 123 -1.25 8.68 -23.03
CA GLY D 123 0.14 9.01 -22.83
C GLY D 123 0.90 7.71 -22.74
N SER D 124 0.13 6.62 -22.75
CA SER D 124 0.66 5.27 -22.66
C SER D 124 1.87 5.01 -23.53
N SER D 125 1.96 5.71 -24.66
CA SER D 125 3.08 5.54 -25.58
C SER D 125 4.42 6.05 -25.04
N ASN D 126 4.38 6.84 -23.96
CA ASN D 126 5.62 7.36 -23.37
C ASN D 126 5.81 7.01 -21.91
N ILE D 127 5.06 6.03 -21.41
CA ILE D 127 5.17 5.63 -20.02
C ILE D 127 6.55 5.08 -19.69
N ASP D 128 7.40 4.94 -20.71
CA ASP D 128 8.76 4.41 -20.52
C ASP D 128 9.61 5.33 -19.65
N CYS D 129 9.41 6.64 -19.83
CA CYS D 129 10.15 7.63 -19.06
C CYS D 129 9.44 8.03 -17.78
N LEU D 130 8.47 7.21 -17.36
CA LEU D 130 7.70 7.44 -16.14
C LEU D 130 6.90 8.72 -16.21
N VAL D 131 6.58 9.13 -17.42
CA VAL D 131 5.79 10.33 -17.63
C VAL D 131 4.41 10.08 -17.05
N SER D 132 3.72 11.14 -16.67
CA SER D 132 2.38 10.99 -16.14
C SER D 132 1.45 10.46 -17.23
N VAL D 133 0.41 9.76 -16.81
CA VAL D 133 -0.57 9.18 -17.71
C VAL D 133 -1.93 9.38 -17.09
N GLY D 134 -2.98 9.14 -17.86
CA GLY D 134 -4.31 9.34 -17.31
C GLY D 134 -5.35 8.56 -18.06
N THR D 135 -6.55 8.52 -17.48
CA THR D 135 -7.69 7.83 -18.06
C THR D 135 -8.69 8.91 -18.41
N ILE D 136 -9.30 8.83 -19.58
CA ILE D 136 -10.30 9.82 -19.97
C ILE D 136 -11.60 9.09 -20.26
N PHE D 137 -12.73 9.66 -19.87
CA PHE D 137 -14.00 9.00 -20.12
C PHE D 137 -15.15 9.97 -20.28
N GLY D 138 -16.04 9.63 -21.21
CA GLY D 138 -17.22 10.43 -21.47
C GLY D 138 -18.38 9.48 -21.33
N ILE D 139 -19.45 9.92 -20.70
CA ILE D 139 -20.60 9.05 -20.51
C ILE D 139 -21.85 9.62 -21.08
N TYR D 140 -22.44 8.90 -22.03
CA TYR D 140 -23.68 9.33 -22.67
C TYR D 140 -24.88 8.50 -22.24
N ARG D 141 -26.04 8.98 -22.63
CA ARG D 141 -27.29 8.33 -22.33
C ARG D 141 -27.71 7.76 -23.68
N LYS D 142 -27.87 6.45 -23.78
CA LYS D 142 -28.28 5.90 -25.06
C LYS D 142 -29.56 6.65 -25.45
N LYS D 143 -29.58 7.21 -26.65
CA LYS D 143 -30.74 7.97 -27.09
C LYS D 143 -31.86 7.15 -27.73
N SER D 144 -31.53 6.37 -28.75
CA SER D 144 -32.55 5.59 -29.43
C SER D 144 -32.94 4.34 -28.67
N THR D 145 -33.87 3.62 -29.26
CA THR D 145 -34.39 2.41 -28.67
C THR D 145 -33.98 1.20 -29.47
N ASP D 146 -33.20 1.44 -30.53
CA ASP D 146 -32.72 0.40 -31.43
C ASP D 146 -31.67 -0.52 -30.80
N GLU D 147 -31.57 -1.74 -31.31
CA GLU D 147 -30.57 -2.67 -30.78
C GLU D 147 -29.24 -1.93 -30.79
N PRO D 148 -28.54 -1.92 -29.64
CA PRO D 148 -27.25 -1.25 -29.46
C PRO D 148 -26.18 -1.49 -30.54
N SER D 149 -25.73 -0.40 -31.15
CA SER D 149 -24.71 -0.42 -32.18
C SER D 149 -23.79 0.78 -31.97
N GLU D 150 -22.69 0.86 -32.71
CA GLU D 150 -21.77 1.98 -32.54
C GLU D 150 -22.43 3.31 -32.90
N LYS D 151 -23.55 3.23 -33.59
CA LYS D 151 -24.28 4.42 -33.97
C LYS D 151 -24.66 5.19 -32.70
N ASP D 152 -24.83 4.44 -31.61
CA ASP D 152 -25.21 5.05 -30.34
C ASP D 152 -24.12 5.89 -29.66
N ALA D 153 -22.88 5.77 -30.11
CA ALA D 153 -21.78 6.56 -29.55
C ALA D 153 -21.55 7.80 -30.42
N LEU D 154 -22.28 7.88 -31.53
CA LEU D 154 -22.11 9.01 -32.42
C LEU D 154 -22.98 10.17 -31.98
N GLN D 155 -22.63 10.76 -30.85
CA GLN D 155 -23.36 11.88 -30.29
C GLN D 155 -22.39 13.02 -30.05
N PRO D 156 -22.90 14.25 -29.95
CA PRO D 156 -22.03 15.42 -29.71
C PRO D 156 -21.76 15.56 -28.20
N GLY D 157 -20.57 16.01 -27.84
CA GLY D 157 -20.22 16.17 -26.44
C GLY D 157 -21.26 16.90 -25.61
N ARG D 158 -21.99 17.79 -26.27
CA ARG D 158 -23.03 18.56 -25.61
C ARG D 158 -24.07 17.61 -25.01
N ASN D 159 -24.07 16.36 -25.46
CA ASN D 159 -25.02 15.37 -24.96
C ASN D 159 -24.49 14.69 -23.71
N LEU D 160 -23.20 14.85 -23.45
CA LEU D 160 -22.57 14.24 -22.28
C LEU D 160 -23.41 14.37 -21.01
N VAL D 161 -23.42 13.31 -20.22
CA VAL D 161 -24.16 13.29 -18.97
C VAL D 161 -23.21 13.41 -17.79
N ALA D 162 -21.98 12.98 -18.02
CA ALA D 162 -20.94 13.04 -17.00
C ALA D 162 -19.68 12.80 -17.76
N ALA D 163 -18.55 13.23 -17.20
CA ALA D 163 -17.28 13.03 -17.87
C ALA D 163 -16.17 13.45 -16.94
N GLY D 164 -14.96 13.08 -17.30
CA GLY D 164 -13.85 13.44 -16.45
C GLY D 164 -12.65 12.59 -16.78
N TYR D 165 -11.66 12.63 -15.91
CA TYR D 165 -10.47 11.89 -16.16
C TYR D 165 -9.75 11.60 -14.87
N ALA D 166 -8.76 10.73 -14.96
CA ALA D 166 -7.94 10.35 -13.83
C ALA D 166 -6.53 10.72 -14.21
N LEU D 167 -5.79 11.26 -13.27
CA LEU D 167 -4.43 11.62 -13.55
C LEU D 167 -3.53 10.84 -12.62
N TYR D 168 -2.67 10.02 -13.22
CA TYR D 168 -1.72 9.24 -12.45
C TYR D 168 -0.39 9.99 -12.53
N GLY D 169 -0.26 11.01 -11.70
CA GLY D 169 0.95 11.81 -11.66
C GLY D 169 1.68 11.59 -10.35
N SER D 170 2.06 12.67 -9.66
CA SER D 170 2.75 12.51 -8.37
C SER D 170 1.77 11.83 -7.44
N ALA D 171 0.52 12.27 -7.50
CA ALA D 171 -0.55 11.70 -6.70
C ALA D 171 -1.58 11.22 -7.72
N THR D 172 -2.66 10.59 -7.27
CA THR D 172 -3.66 10.14 -8.21
C THR D 172 -4.94 10.91 -7.98
N MET D 173 -5.28 11.76 -8.94
CA MET D 173 -6.49 12.56 -8.84
C MET D 173 -7.52 12.26 -9.90
N LEU D 174 -8.77 12.34 -9.49
CA LEU D 174 -9.87 12.08 -10.39
C LEU D 174 -10.67 13.37 -10.47
N VAL D 175 -10.93 13.83 -11.68
CA VAL D 175 -11.73 15.04 -11.89
C VAL D 175 -13.03 14.61 -12.55
N LEU D 176 -14.14 14.88 -11.89
CA LEU D 176 -15.44 14.51 -12.41
C LEU D 176 -16.27 15.75 -12.71
N ALA D 177 -16.70 15.87 -13.97
CA ALA D 177 -17.52 17.01 -14.39
C ALA D 177 -18.93 16.53 -14.77
N MET D 178 -19.92 17.16 -14.14
CA MET D 178 -21.32 16.84 -14.38
C MET D 178 -22.13 18.12 -14.49
N ASP D 179 -23.44 17.98 -14.55
CA ASP D 179 -24.36 19.11 -14.66
C ASP D 179 -24.05 20.15 -13.59
N CYS D 180 -23.87 19.69 -12.36
CA CYS D 180 -23.59 20.55 -11.21
C CYS D 180 -22.27 21.31 -11.24
N GLY D 181 -21.18 20.67 -11.66
CA GLY D 181 -19.90 21.35 -11.70
C GLY D 181 -18.71 20.44 -11.90
N VAL D 182 -17.52 20.90 -11.51
CA VAL D 182 -16.30 20.12 -11.64
C VAL D 182 -15.75 19.90 -10.26
N ASN D 183 -15.40 18.66 -9.93
CA ASN D 183 -14.87 18.36 -8.61
C ASN D 183 -13.63 17.51 -8.67
N CYS D 184 -12.67 17.84 -7.83
CA CYS D 184 -11.42 17.10 -7.78
C CYS D 184 -11.36 16.22 -6.57
N PHE D 185 -11.00 14.96 -6.77
CA PHE D 185 -10.89 14.04 -5.66
C PHE D 185 -9.50 13.42 -5.66
N MET D 186 -8.87 13.42 -4.49
CA MET D 186 -7.54 12.87 -4.35
C MET D 186 -7.67 11.44 -3.78
N LEU D 187 -6.86 10.55 -4.32
CA LEU D 187 -6.85 9.15 -3.93
C LEU D 187 -5.95 8.91 -2.73
N ASP D 188 -6.54 8.60 -1.58
CA ASP D 188 -5.75 8.30 -0.41
C ASP D 188 -5.43 6.82 -0.65
N PRO D 189 -4.25 6.55 -1.21
CA PRO D 189 -3.89 5.16 -1.48
C PRO D 189 -3.98 4.27 -0.26
N ALA D 190 -3.67 4.82 0.90
CA ALA D 190 -3.68 4.10 2.18
C ALA D 190 -4.99 3.40 2.52
N ILE D 191 -6.09 3.91 1.98
CA ILE D 191 -7.40 3.31 2.25
C ILE D 191 -8.21 3.22 0.97
N GLY D 192 -7.54 3.27 -0.17
CA GLY D 192 -8.22 3.19 -1.45
C GLY D 192 -9.54 3.94 -1.49
N GLU D 193 -9.49 5.25 -1.24
CA GLU D 193 -10.70 6.07 -1.23
C GLU D 193 -10.40 7.44 -1.86
N PHE D 194 -11.37 7.98 -2.60
CA PHE D 194 -11.21 9.28 -3.26
C PHE D 194 -11.81 10.45 -2.44
N ILE D 195 -10.95 11.28 -1.87
CA ILE D 195 -11.40 12.41 -1.04
C ILE D 195 -11.61 13.71 -1.83
N LEU D 196 -12.72 14.40 -1.59
CA LEU D 196 -12.97 15.66 -2.28
C LEU D 196 -11.92 16.64 -1.76
N VAL D 197 -11.22 17.31 -2.66
CA VAL D 197 -10.21 18.28 -2.26
C VAL D 197 -10.42 19.62 -2.95
N ASP D 198 -11.36 19.65 -3.90
CA ASP D 198 -11.68 20.88 -4.62
C ASP D 198 -13.10 20.85 -5.15
N LYS D 199 -14.01 21.46 -4.38
CA LYS D 199 -15.41 21.51 -4.75
C LYS D 199 -15.64 22.57 -5.82
N ASP D 200 -16.57 22.31 -6.73
CA ASP D 200 -16.91 23.22 -7.82
C ASP D 200 -15.74 24.06 -8.34
N VAL D 201 -14.88 23.45 -9.13
CA VAL D 201 -13.72 24.13 -9.69
C VAL D 201 -14.03 25.05 -10.87
N LYS D 202 -13.35 26.19 -10.89
CA LYS D 202 -13.51 27.16 -11.97
C LYS D 202 -12.10 27.53 -12.43
N ILE D 203 -11.97 27.82 -13.72
CA ILE D 203 -10.70 28.16 -14.32
C ILE D 203 -10.44 29.68 -14.36
N LYS D 204 -9.18 30.07 -14.28
CA LYS D 204 -8.82 31.49 -14.34
C LYS D 204 -9.37 32.07 -15.62
N LYS D 205 -9.56 33.39 -15.67
CA LYS D 205 -10.05 34.03 -16.88
C LYS D 205 -8.92 34.10 -17.89
N LYS D 206 -7.69 34.28 -17.38
CA LYS D 206 -6.52 34.38 -18.23
C LYS D 206 -5.30 33.76 -17.57
N GLY D 207 -4.63 32.84 -18.26
CA GLY D 207 -3.46 32.21 -17.69
C GLY D 207 -2.20 32.82 -18.25
N LYS D 208 -1.03 32.28 -17.90
CA LYS D 208 0.24 32.81 -18.41
C LYS D 208 1.12 31.68 -18.93
N ILE D 209 0.49 30.60 -19.36
CA ILE D 209 1.23 29.46 -19.88
C ILE D 209 0.53 28.93 -21.13
N TYR D 210 1.32 28.64 -22.16
CA TYR D 210 0.75 28.09 -23.38
C TYR D 210 1.42 26.75 -23.59
N SER D 211 0.62 25.78 -24.00
CA SER D 211 1.10 24.44 -24.18
C SER D 211 0.72 23.78 -25.50
N LEU D 212 1.73 23.48 -26.30
CA LEU D 212 1.58 22.81 -27.57
C LEU D 212 2.98 22.35 -27.94
N ASN D 213 3.10 21.44 -28.92
CA ASN D 213 4.40 20.94 -29.31
C ASN D 213 5.03 21.82 -30.37
N GLU D 214 6.08 22.54 -30.01
CA GLU D 214 6.72 23.42 -30.96
C GLU D 214 7.70 22.70 -31.87
N GLY D 215 7.52 21.40 -32.05
CA GLY D 215 8.39 20.67 -32.94
C GLY D 215 7.84 20.87 -34.35
N TYR D 216 6.55 20.64 -34.49
CA TYR D 216 5.83 20.80 -35.76
C TYR D 216 5.79 22.25 -36.26
N ALA D 217 6.64 23.11 -35.71
CA ALA D 217 6.67 24.51 -36.12
C ALA D 217 6.67 24.64 -37.64
N LYS D 218 7.46 23.81 -38.32
CA LYS D 218 7.53 23.83 -39.77
C LYS D 218 6.15 23.58 -40.37
N ASP D 219 5.26 22.94 -39.64
CA ASP D 219 3.92 22.65 -40.14
C ASP D 219 2.77 23.40 -39.48
N PHE D 220 3.07 24.40 -38.67
CA PHE D 220 1.99 25.14 -38.05
C PHE D 220 1.36 25.99 -39.11
N ASP D 221 0.06 26.26 -38.97
CA ASP D 221 -0.61 27.13 -39.92
C ASP D 221 -0.31 28.51 -39.34
N PRO D 222 -0.17 29.53 -40.19
CA PRO D 222 0.12 30.91 -39.78
C PRO D 222 -0.57 31.43 -38.52
N ALA D 223 -1.88 31.21 -38.42
CA ALA D 223 -2.64 31.67 -37.26
C ALA D 223 -1.99 31.13 -36.00
N VAL D 224 -1.63 29.85 -36.03
CA VAL D 224 -0.99 29.23 -34.88
C VAL D 224 0.43 29.77 -34.72
N THR D 225 1.07 30.06 -35.84
CA THR D 225 2.43 30.59 -35.86
C THR D 225 2.46 32.00 -35.25
N GLU D 226 1.57 32.87 -35.70
CA GLU D 226 1.52 34.24 -35.20
C GLU D 226 1.07 34.29 -33.75
N TYR D 227 0.10 33.46 -33.40
CA TYR D 227 -0.40 33.42 -32.03
C TYR D 227 0.74 33.10 -31.09
N ILE D 228 1.58 32.13 -31.47
CA ILE D 228 2.72 31.73 -30.65
C ILE D 228 3.77 32.84 -30.58
N GLN D 229 3.87 33.63 -31.65
CA GLN D 229 4.81 34.75 -31.68
C GLN D 229 4.44 35.76 -30.59
N ARG D 230 3.15 36.06 -30.51
CA ARG D 230 2.65 37.00 -29.53
C ARG D 230 2.82 36.58 -28.06
N LYS D 231 2.99 35.28 -27.80
CA LYS D 231 3.15 34.85 -26.41
C LYS D 231 4.62 35.01 -26.04
N LYS D 232 5.50 34.87 -27.04
CA LYS D 232 6.93 34.99 -26.87
C LYS D 232 7.29 36.46 -26.94
N PHE D 233 6.67 37.16 -27.86
CA PHE D 233 6.92 38.57 -28.03
C PHE D 233 5.57 39.28 -28.00
N PRO D 234 4.98 39.41 -26.81
CA PRO D 234 3.69 40.06 -26.64
C PRO D 234 3.66 41.45 -27.27
N PRO D 235 2.64 41.73 -28.09
CA PRO D 235 2.53 43.03 -28.74
C PRO D 235 2.49 44.20 -27.76
N ASP D 236 1.76 44.04 -26.66
CA ASP D 236 1.63 45.08 -25.64
C ASP D 236 2.77 45.07 -24.64
N ASN D 237 3.92 44.59 -25.08
CA ASN D 237 5.12 44.50 -24.25
C ASN D 237 4.91 44.06 -22.81
N SER D 238 3.93 43.17 -22.59
CA SER D 238 3.65 42.64 -21.27
C SER D 238 4.66 41.51 -21.07
N ALA D 239 4.52 40.75 -20.01
CA ALA D 239 5.45 39.64 -19.80
C ALA D 239 5.07 38.53 -20.76
N PRO D 240 6.07 37.78 -21.23
CA PRO D 240 5.77 36.68 -22.16
C PRO D 240 5.22 35.52 -21.36
N TYR D 241 4.42 34.67 -22.00
CA TYR D 241 3.88 33.50 -21.33
C TYR D 241 5.01 32.48 -21.15
N GLY D 242 4.82 31.55 -20.23
CA GLY D 242 5.81 30.50 -20.03
C GLY D 242 5.36 29.35 -20.91
N ALA D 243 6.24 28.42 -21.21
CA ALA D 243 5.85 27.29 -22.06
C ALA D 243 6.00 25.95 -21.36
N ARG D 244 5.04 25.07 -21.58
CA ARG D 244 5.05 23.72 -21.01
C ARG D 244 4.39 22.75 -21.99
N TYR D 245 4.88 21.53 -22.01
CA TYR D 245 4.31 20.51 -22.86
C TYR D 245 4.83 19.16 -22.42
N VAL D 246 3.96 18.44 -21.73
CA VAL D 246 4.27 17.12 -21.21
C VAL D 246 4.22 16.06 -22.31
N GLY D 247 3.24 16.20 -23.21
CA GLY D 247 3.10 15.23 -24.28
C GLY D 247 2.03 14.20 -23.94
N SER D 248 1.31 14.48 -22.86
CA SER D 248 0.22 13.61 -22.40
C SER D 248 -0.98 14.52 -22.20
N MET D 249 -2.06 14.23 -22.89
CA MET D 249 -3.25 15.06 -22.77
C MET D 249 -3.77 15.28 -21.37
N VAL D 250 -3.97 14.22 -20.61
CA VAL D 250 -4.48 14.39 -19.25
C VAL D 250 -3.64 15.39 -18.47
N ALA D 251 -2.32 15.22 -18.53
CA ALA D 251 -1.43 16.10 -17.80
C ALA D 251 -1.64 17.56 -18.21
N ASP D 252 -1.24 17.88 -19.44
CA ASP D 252 -1.33 19.24 -19.97
C ASP D 252 -2.68 19.90 -19.74
N VAL D 253 -3.76 19.17 -20.01
CA VAL D 253 -5.10 19.70 -19.83
C VAL D 253 -5.39 19.96 -18.36
N HIS D 254 -4.89 19.10 -17.49
CA HIS D 254 -5.15 19.32 -16.07
C HIS D 254 -4.42 20.53 -15.54
N ARG D 255 -3.21 20.77 -16.03
CA ARG D 255 -2.44 21.94 -15.59
C ARG D 255 -3.16 23.19 -16.04
N THR D 256 -3.75 23.11 -17.23
CA THR D 256 -4.47 24.23 -17.79
C THR D 256 -5.67 24.56 -16.91
N LEU D 257 -6.30 23.52 -16.37
CA LEU D 257 -7.45 23.72 -15.52
C LEU D 257 -7.03 24.36 -14.21
N VAL D 258 -6.02 23.78 -13.59
CA VAL D 258 -5.49 24.22 -12.31
C VAL D 258 -4.76 25.55 -12.30
N TYR D 259 -3.87 25.72 -13.26
CA TYR D 259 -3.06 26.93 -13.38
C TYR D 259 -3.60 27.96 -14.37
N GLY D 260 -4.61 27.58 -15.15
CA GLY D 260 -5.16 28.49 -16.14
C GLY D 260 -4.17 28.58 -17.28
N GLY D 261 -4.64 28.93 -18.48
CA GLY D 261 -3.74 29.03 -19.61
C GLY D 261 -4.36 28.48 -20.88
N ILE D 262 -3.54 28.08 -21.85
CA ILE D 262 -4.12 27.53 -23.07
C ILE D 262 -3.37 26.31 -23.65
N PHE D 263 -4.15 25.31 -24.06
CA PHE D 263 -3.63 24.06 -24.63
C PHE D 263 -3.94 24.03 -26.12
N LEU D 264 -2.92 23.74 -26.91
CA LEU D 264 -3.09 23.71 -28.35
C LEU D 264 -2.70 22.45 -29.07
N TYR D 265 -3.59 22.03 -29.95
CA TYR D 265 -3.38 20.89 -30.83
C TYR D 265 -4.27 21.10 -32.03
N PRO D 266 -3.93 22.11 -32.84
CA PRO D 266 -4.59 22.58 -34.05
C PRO D 266 -4.37 21.67 -35.25
N ALA D 267 -5.06 21.99 -36.34
CA ALA D 267 -4.95 21.24 -37.58
C ALA D 267 -3.91 21.91 -38.49
N ASN D 268 -3.25 21.12 -39.35
CA ASN D 268 -2.22 21.62 -40.27
C ASN D 268 -2.03 20.77 -41.53
N LYS D 269 -0.98 19.96 -41.52
CA LYS D 269 -0.65 19.05 -42.63
C LYS D 269 -1.20 17.66 -42.37
N LYS D 270 -0.93 17.11 -41.18
CA LYS D 270 -1.43 15.79 -40.82
C LYS D 270 -2.82 15.70 -41.40
N SER D 271 -3.55 16.79 -41.20
CA SER D 271 -4.92 16.89 -41.69
C SER D 271 -5.60 18.08 -41.10
N PRO D 272 -6.60 18.57 -41.81
CA PRO D 272 -7.40 19.73 -41.42
C PRO D 272 -8.27 19.32 -40.25
N ASN D 273 -7.92 18.23 -39.58
CA ASN D 273 -8.71 17.74 -38.46
C ASN D 273 -7.97 17.52 -37.15
N GLY D 274 -6.67 17.83 -37.14
CA GLY D 274 -5.93 17.63 -35.91
C GLY D 274 -5.55 16.18 -35.69
N LYS D 275 -4.95 15.90 -34.53
CA LYS D 275 -4.52 14.55 -34.22
C LYS D 275 -5.32 13.88 -33.09
N LEU D 276 -5.83 14.66 -32.15
CA LEU D 276 -6.59 14.06 -31.04
C LEU D 276 -7.92 13.53 -31.53
N ARG D 277 -8.46 12.50 -30.86
CA ARG D 277 -9.73 11.92 -31.26
C ARG D 277 -10.93 12.50 -30.52
N LEU D 278 -11.95 12.87 -31.28
CA LEU D 278 -13.17 13.47 -30.78
C LEU D 278 -13.91 12.83 -29.60
N LEU D 279 -14.43 11.62 -29.79
CA LEU D 279 -15.20 10.96 -28.74
C LEU D 279 -14.60 10.72 -27.36
N TYR D 280 -13.38 10.22 -27.31
CA TYR D 280 -12.76 9.90 -26.03
C TYR D 280 -11.56 10.72 -25.57
N GLU D 281 -11.35 11.86 -26.22
CA GLU D 281 -10.26 12.75 -25.84
C GLU D 281 -10.76 14.19 -25.73
N CYS D 282 -11.28 14.74 -26.82
CA CYS D 282 -11.76 16.13 -26.84
C CYS D 282 -13.01 16.40 -26.03
N ASN D 283 -14.12 15.78 -26.45
CA ASN D 283 -15.38 15.98 -25.76
C ASN D 283 -15.23 15.91 -24.25
N PRO D 284 -14.61 14.85 -23.72
CA PRO D 284 -14.48 14.83 -22.26
C PRO D 284 -13.72 16.06 -21.75
N MET D 285 -12.57 16.34 -22.35
CA MET D 285 -11.76 17.48 -21.95
C MET D 285 -12.44 18.82 -22.23
N ALA D 286 -13.19 18.88 -23.32
CA ALA D 286 -13.90 20.10 -23.70
C ALA D 286 -15.06 20.31 -22.76
N TYR D 287 -15.65 19.20 -22.33
CA TYR D 287 -16.80 19.28 -21.44
C TYR D 287 -16.41 19.67 -20.02
N VAL D 288 -15.23 19.23 -19.58
CA VAL D 288 -14.77 19.59 -18.25
C VAL D 288 -14.48 21.08 -18.22
N MET D 289 -13.75 21.55 -19.22
CA MET D 289 -13.42 22.97 -19.36
C MET D 289 -14.70 23.82 -19.30
N GLU D 290 -15.62 23.58 -20.22
CA GLU D 290 -16.84 24.37 -20.27
C GLU D 290 -17.61 24.37 -18.98
N LYS D 291 -17.56 23.26 -18.25
CA LYS D 291 -18.23 23.19 -16.96
C LYS D 291 -17.45 23.98 -15.92
N ALA D 292 -16.15 24.10 -16.12
CA ALA D 292 -15.29 24.86 -15.23
C ALA D 292 -15.28 26.32 -15.71
N GLY D 293 -16.20 26.63 -16.62
CA GLY D 293 -16.28 27.98 -17.15
C GLY D 293 -15.15 28.36 -18.08
N GLY D 294 -14.65 27.39 -18.85
CA GLY D 294 -13.56 27.66 -19.78
C GLY D 294 -14.03 27.52 -21.21
N MET D 295 -13.09 27.49 -22.15
CA MET D 295 -13.43 27.36 -23.56
C MET D 295 -12.68 26.22 -24.23
N ALA D 296 -13.33 25.62 -25.21
CA ALA D 296 -12.76 24.52 -25.98
C ALA D 296 -13.27 24.68 -27.40
N THR D 297 -12.36 24.92 -28.33
CA THR D 297 -12.74 25.11 -29.72
C THR D 297 -11.87 24.31 -30.67
N THR D 298 -12.35 24.20 -31.91
CA THR D 298 -11.66 23.50 -32.97
C THR D 298 -11.18 24.56 -33.96
N GLY D 299 -11.58 25.80 -33.69
CA GLY D 299 -11.21 26.91 -34.53
C GLY D 299 -12.41 27.38 -35.32
N LYS D 300 -13.26 26.45 -35.76
CA LYS D 300 -14.44 26.78 -36.55
C LYS D 300 -15.72 26.62 -35.73
N GLU D 301 -15.62 25.95 -34.60
CA GLU D 301 -16.79 25.71 -33.76
C GLU D 301 -16.43 25.08 -32.42
N ALA D 302 -17.41 25.02 -31.53
CA ALA D 302 -17.22 24.44 -30.23
C ALA D 302 -17.07 22.93 -30.33
N VAL D 303 -16.09 22.39 -29.64
CA VAL D 303 -15.83 20.96 -29.63
C VAL D 303 -17.08 20.17 -29.32
N LEU D 304 -17.83 20.61 -28.32
CA LEU D 304 -19.06 19.92 -27.91
C LEU D 304 -20.20 19.99 -28.93
N ASP D 305 -20.01 20.77 -29.99
CA ASP D 305 -21.06 20.92 -31.00
C ASP D 305 -20.83 20.09 -32.26
N VAL D 306 -19.59 19.67 -32.48
CA VAL D 306 -19.25 18.86 -33.65
C VAL D 306 -19.98 17.51 -33.61
N ILE D 307 -20.62 17.13 -34.70
CA ILE D 307 -21.32 15.84 -34.72
C ILE D 307 -20.50 14.75 -35.38
N PRO D 308 -20.17 13.70 -34.61
CA PRO D 308 -19.39 12.53 -35.01
C PRO D 308 -19.92 11.73 -36.20
N THR D 309 -18.99 11.30 -37.04
CA THR D 309 -19.28 10.52 -38.22
C THR D 309 -18.85 9.09 -37.93
N ASP D 310 -17.76 8.97 -37.18
CA ASP D 310 -17.21 7.67 -36.80
C ASP D 310 -16.66 7.77 -35.39
N ILE D 311 -16.75 6.68 -34.64
CA ILE D 311 -16.29 6.64 -33.24
C ILE D 311 -14.81 6.99 -32.99
N HIS D 312 -13.99 6.98 -34.03
CA HIS D 312 -12.56 7.29 -33.88
C HIS D 312 -12.16 8.60 -34.56
N GLN D 313 -13.19 9.34 -34.97
CA GLN D 313 -13.03 10.62 -35.63
C GLN D 313 -12.07 11.58 -34.92
N ARG D 314 -11.17 12.18 -35.68
CA ARG D 314 -10.23 13.13 -35.11
C ARG D 314 -10.86 14.53 -35.11
N ALA D 315 -10.32 15.40 -34.27
CA ALA D 315 -10.80 16.77 -34.16
C ALA D 315 -9.72 17.71 -33.62
N PRO D 316 -9.67 18.94 -34.14
CA PRO D 316 -8.69 19.93 -33.71
C PRO D 316 -9.11 20.46 -32.34
N VAL D 317 -8.15 20.73 -31.47
CA VAL D 317 -8.52 21.26 -30.17
C VAL D 317 -7.63 22.41 -29.71
N ILE D 318 -8.28 23.38 -29.08
CA ILE D 318 -7.64 24.55 -28.49
C ILE D 318 -8.57 24.78 -27.30
N LEU D 319 -8.02 24.75 -26.11
CA LEU D 319 -8.86 24.96 -24.94
C LEU D 319 -8.10 25.63 -23.83
N GLY D 320 -8.83 26.10 -22.83
CA GLY D 320 -8.19 26.76 -21.71
C GLY D 320 -8.97 27.97 -21.24
N SER D 321 -8.24 28.93 -20.66
CA SER D 321 -8.86 30.16 -20.16
C SER D 321 -9.45 30.92 -21.33
N PRO D 322 -10.71 31.36 -21.19
CA PRO D 322 -11.51 32.10 -22.15
C PRO D 322 -10.74 33.21 -22.85
N ASP D 323 -10.25 34.16 -22.06
CA ASP D 323 -9.49 35.28 -22.60
C ASP D 323 -8.43 34.79 -23.58
N ASP D 324 -7.76 33.70 -23.24
CA ASP D 324 -6.71 33.13 -24.09
C ASP D 324 -7.27 32.40 -25.30
N VAL D 325 -8.40 31.72 -25.11
CA VAL D 325 -9.02 31.01 -26.22
C VAL D 325 -9.59 32.03 -27.17
N LEU D 326 -10.26 33.04 -26.63
CA LEU D 326 -10.83 34.10 -27.47
C LEU D 326 -9.72 34.81 -28.25
N GLU D 327 -8.61 35.07 -27.59
CA GLU D 327 -7.46 35.73 -28.21
C GLU D 327 -6.96 34.91 -29.40
N PHE D 328 -6.84 33.61 -29.21
CA PHE D 328 -6.40 32.75 -30.30
C PHE D 328 -7.42 32.78 -31.44
N LEU D 329 -8.71 32.75 -31.08
CA LEU D 329 -9.79 32.78 -32.05
C LEU D 329 -9.83 34.07 -32.84
N LYS D 330 -9.31 35.13 -32.23
CA LYS D 330 -9.26 36.44 -32.84
C LYS D 330 -8.18 36.37 -33.92
N VAL D 331 -7.05 35.74 -33.59
CA VAL D 331 -5.92 35.56 -34.51
C VAL D 331 -6.29 34.56 -35.63
N TYR D 332 -7.05 33.54 -35.27
CA TYR D 332 -7.47 32.54 -36.23
C TYR D 332 -8.32 33.21 -37.30
N GLU D 333 -9.23 34.07 -36.85
CA GLU D 333 -10.14 34.81 -37.72
C GLU D 333 -9.38 35.71 -38.70
N LYS D 334 -8.21 36.19 -38.28
CA LYS D 334 -7.38 37.08 -39.08
C LYS D 334 -6.79 36.43 -40.33
N HIS D 335 -6.75 35.09 -40.35
CA HIS D 335 -6.18 34.38 -41.49
C HIS D 335 -7.21 33.54 -42.26
N SER D 336 -8.49 33.72 -41.94
CA SER D 336 -9.56 32.99 -42.60
C SER D 336 -10.31 33.90 -43.57
N ALA D 337 -11.27 33.41 -44.21
C A74 E . -32.21 -2.70 1.38
C1 A74 E . -30.84 -3.07 1.35
C2 A74 E . -29.83 -2.07 1.34
C3 A74 E . -30.17 -0.69 1.33
C4 A74 E . -31.55 -0.31 1.37
C5 A74 E . -32.57 -1.32 1.38
S A74 E . -31.88 1.46 1.37
O1 A74 E . -30.65 2.20 1.39
O2 A74 E . -32.80 1.70 2.47
N A74 E . -32.64 1.90 0.02
C6 A74 E . -31.98 2.20 -1.27
N1 A74 E . -30.62 2.16 -1.59
C7 A74 E . -30.55 2.54 -2.92
C8 A74 E . -29.45 2.67 -3.74
C9 A74 E . -29.62 3.08 -5.10
C10 A74 E . -30.95 3.34 -5.58
C11 A74 E . -32.09 3.22 -4.76
C12 A74 E . -31.87 2.78 -3.35
O3 A74 E . -32.75 2.58 -2.34
CL2 A74 E . -28.16 -2.54 1.30
CL1 A74 E . -34.28 -0.94 1.42
O4 A74 E . -28.46 3.22 -5.92
C13 A74 E . -27.18 2.89 -5.39
C14 A74 E . -35.94 3.72 -5.01
C15 A74 E . -36.05 4.09 -6.35
N2 A74 E . -34.95 4.18 -7.15
C16 A74 E . -33.71 3.92 -6.65
C17 A74 E . -33.48 3.51 -5.30
C18 A74 E . -34.65 3.43 -4.50
O5 A74 E . -37.32 4.37 -6.82
C19 A74 E . -37.62 3.75 -8.07
C A74 F . 27.96 -9.82 12.76
C1 A74 F . 26.61 -9.41 12.72
C2 A74 F . 25.99 -9.19 11.47
C3 A74 F . 26.70 -9.39 10.24
C4 A74 F . 28.08 -9.81 10.27
C5 A74 F . 28.70 -10.03 11.54
S A74 F . 28.96 -10.05 8.72
O1 A74 F . 28.06 -9.79 7.65
O2 A74 F . 29.52 -11.38 8.78
N A74 F . 30.19 -9.00 8.61
C6 A74 F . 30.06 -7.57 8.19
N1 A74 F . 28.90 -6.94 7.82
C7 A74 F . 29.26 -5.64 7.55
C8 A74 F . 28.46 -4.60 7.17
C9 A74 F . 29.03 -3.32 6.93
C10 A74 F . 30.43 -3.13 7.12
C11 A74 F . 31.31 -4.19 7.53
C12 A74 F . 30.67 -5.53 7.76
O3 A74 F . 31.18 -6.72 8.15
CL2 A74 F . 24.33 -8.69 11.45
CL1 A74 F . 30.36 -10.54 11.67
O4 A74 F . 28.18 -2.28 6.55
C13 A74 F . 27.23 -2.50 5.53
C14 A74 F . 35.17 -4.44 8.31
C15 A74 F . 35.54 -3.09 8.08
N2 A74 F . 34.61 -2.15 7.69
C16 A74 F . 33.30 -2.54 7.52
C17 A74 F . 32.82 -3.87 7.72
C18 A74 F . 33.80 -4.82 8.13
O5 A74 F . 36.89 -2.75 8.28
C19 A74 F . 37.08 -1.54 9.03
C A74 G . 32.03 1.56 -2.69
C1 A74 G . 30.65 1.46 -3.06
C2 A74 G . 29.67 1.38 -2.05
C3 A74 G . 30.04 1.39 -0.67
C4 A74 G . 31.41 1.48 -0.29
C5 A74 G . 32.41 1.57 -1.32
S A74 G . 31.76 1.50 1.47
O1 A74 G . 30.51 1.44 2.18
O2 A74 G . 32.61 2.65 1.73
N A74 G . 32.59 0.19 1.99
C6 A74 G . 31.99 -1.10 2.40
N1 A74 G . 30.64 -1.43 2.41
C7 A74 G . 30.60 -2.74 2.85
C8 A74 G . 29.49 -3.56 3.03
C9 A74 G . 29.69 -4.89 3.52
C10 A74 G . 31.04 -5.35 3.81
C11 A74 G . 32.19 -4.52 3.62
C12 A74 G . 31.94 -3.13 3.11
O3 A74 G . 32.79 -2.13 2.83
CL2 A74 G . 28.00 1.27 -2.52
CL1 A74 G . 34.14 1.68 -0.98
O4 A74 G . 28.52 -5.67 3.69
C13 A74 G . 28.13 -6.55 2.62
C14 A74 G . 36.08 -4.72 4.13
C15 A74 G . 36.23 -6.03 4.62
N2 A74 G . 35.11 -6.86 4.78
C16 A74 G . 33.84 -6.39 4.46
C17 A74 G . 33.61 -5.05 3.97
C18 A74 G . 34.79 -4.24 3.80
O5 A74 G . 37.53 -6.43 4.96
C19 A74 G . 38.28 -6.99 3.90
C A74 H . -27.98 12.20 -10.61
C1 A74 H . -26.60 12.19 -10.28
C2 A74 H . -25.93 10.94 -10.09
C3 A74 H . -26.63 9.72 -10.22
C4 A74 H . -28.01 9.74 -10.55
C5 A74 H . -28.69 10.97 -10.75
S A74 H . -28.82 8.17 -10.71
O1 A74 H . -27.85 7.14 -10.45
O2 A74 H . -29.45 8.14 -12.00
N A74 H . -30.02 8.03 -9.61
C6 A74 H . -29.84 7.67 -8.19
N1 A74 H . -28.64 7.40 -7.56
C7 A74 H . -28.97 7.13 -6.24
C8 A74 H . -28.13 6.79 -5.19
C9 A74 H . -28.68 6.55 -3.88
C10 A74 H . -30.11 6.66 -3.71
C11 A74 H . -30.97 7.01 -4.79
C12 A74 H . -30.36 7.24 -6.13
O3 A74 H . -30.91 7.58 -7.33
CL2 A74 H . -24.25 10.93 -9.68
CL1 A74 H . -30.38 11.06 -11.16
O4 A74 H . -27.73 6.20 -2.88
C13 A74 H . -28.12 6.28 -1.52
C14 A74 H . -34.73 7.53 -5.53
C15 A74 H . -35.27 7.32 -4.25
N2 A74 H . -34.47 7.01 -3.16
C16 A74 H . -33.11 6.90 -3.33
C17 A74 H . -32.49 7.11 -4.60
C18 A74 H . -33.35 7.42 -5.68
O5 A74 H . -36.66 7.44 -4.13
C19 A74 H . -37.07 8.10 -2.93
#